data_1T1V
# 
_entry.id   1T1V 
# 
_audit_conform.dict_name       mmcif_pdbx.dic 
_audit_conform.dict_version    5.376 
_audit_conform.dict_location   http://mmcif.pdb.org/dictionaries/ascii/mmcif_pdbx.dic 
# 
loop_
_database_2.database_id 
_database_2.database_code 
_database_2.pdbx_database_accession 
_database_2.pdbx_DOI 
PDB   1T1V         pdb_00001t1v 10.2210/pdb1t1v/pdb 
RCSB  RCSB022206   ?            ?                   
WWPDB D_1000022206 ?            ?                   
# 
_pdbx_database_status.entry_id                        1T1V 
_pdbx_database_status.status_code                     REL 
_pdbx_database_status.recvd_initial_deposition_date   2004-04-19 
_pdbx_database_status.deposit_site                    RCSB 
_pdbx_database_status.process_site                    RCSB 
_pdbx_database_status.status_code_sf                  REL 
_pdbx_database_status.SG_entry                        . 
_pdbx_database_status.pdb_format_compatible           Y 
_pdbx_database_status.status_code_mr                  ? 
_pdbx_database_status.status_code_cs                  ? 
_pdbx_database_status.status_code_nmr_data            ? 
_pdbx_database_status.methods_development_category    ? 
# 
loop_
_audit_author.name 
_audit_author.pdbx_ordinal 
'Nardini, M.'     1 
'Mazzocco, M.'    2 
'Massaro, M.'     3 
'Maffei, M.'      4 
'Vergano, A.'     5 
'Donadini, A.'    6 
'Scartezzini, M.' 7 
'Bolognesi, M.'   8 
# 
_citation.id                        primary 
_citation.title                     'Crystal structure of the glutaredoxin-like protein SH3BGRL3 at 1.6 A resolution' 
_citation.journal_abbrev            Biochem.Biophys.Res.Commun. 
_citation.journal_volume            318 
_citation.page_first                470 
_citation.page_last                 476 
_citation.year                      2004 
_citation.journal_id_ASTM           BBRCA9 
_citation.country                   US 
_citation.journal_id_ISSN           0006-291X 
_citation.journal_id_CSD            0146 
_citation.book_publisher            ? 
_citation.pdbx_database_id_PubMed   15120624 
_citation.pdbx_database_id_DOI      10.1016/j.bbrc.2004.04.050 
# 
loop_
_citation_author.citation_id 
_citation_author.name 
_citation_author.ordinal 
_citation_author.identifier_ORCID 
primary 'Nardini, M.'     1 ? 
primary 'Mazzocco, M.'    2 ? 
primary 'Massaro, M.'     3 ? 
primary 'Maffei, M.'      4 ? 
primary 'Vergano, A.'     5 ? 
primary 'Donadini, A.'    6 ? 
primary 'Scartezzini, M.' 7 ? 
primary 'Bolognesi, M.'   8 ? 
# 
_cell.entry_id           1T1V 
_cell.length_a           29.624 
_cell.length_b           80.380 
_cell.length_c           34.660 
_cell.angle_alpha        90.00 
_cell.angle_beta         93.96 
_cell.angle_gamma        90.00 
_cell.Z_PDB              4 
_cell.pdbx_unique_axis   ? 
# 
_symmetry.entry_id                         1T1V 
_symmetry.space_group_name_H-M             'P 1 21 1' 
_symmetry.cell_setting                     monoclinic 
_symmetry.pdbx_full_space_group_name_H-M   ? 
_symmetry.Int_Tables_number                4 
# 
loop_
_entity.id 
_entity.type 
_entity.src_method 
_entity.pdbx_description 
_entity.formula_weight 
_entity.pdbx_number_of_molecules 
_entity.pdbx_ec 
_entity.pdbx_mutation 
_entity.pdbx_fragment 
_entity.details 
1 polymer     man 'SH3 domain-binding glutamic acid-rich protein-like 3' 10487.724 2   ? ? ? ? 
2 non-polymer syn GLYCEROL                                               92.094    1   ? ? ? ? 
3 non-polymer syn 'SULFATE ION'                                          96.063    2   ? ? ? ? 
4 non-polymer syn 'ACETIC ACID'                                          60.052    1   ? ? ? ? 
5 water       nat water                                                  18.015    140 ? ? ? ? 
# 
_entity_name_com.entity_id   1 
_entity_name_com.name        SH3BGRL3 
# 
_entity_poly.entity_id                      1 
_entity_poly.type                           'polypeptide(L)' 
_entity_poly.nstd_linkage                   no 
_entity_poly.nstd_monomer                   no 
_entity_poly.pdbx_seq_one_letter_code       
;MSGLRVYSTSVTGSREIKSQQSEVTRILDGKRIQYQLVDISQDNALRDEMRTLAGNPKATPPQIVNGNHYCGDYELFVEA
VEQDTLQEFLKLA
;
_entity_poly.pdbx_seq_one_letter_code_can   
;MSGLRVYSTSVTGSREIKSQQSEVTRILDGKRIQYQLVDISQDNALRDEMRTLAGNPKATPPQIVNGNHYCGDYELFVEA
VEQDTLQEFLKLA
;
_entity_poly.pdbx_strand_id                 A,B 
_entity_poly.pdbx_target_identifier         ? 
# 
loop_
_entity_poly_seq.entity_id 
_entity_poly_seq.num 
_entity_poly_seq.mon_id 
_entity_poly_seq.hetero 
1 1  MET n 
1 2  SER n 
1 3  GLY n 
1 4  LEU n 
1 5  ARG n 
1 6  VAL n 
1 7  TYR n 
1 8  SER n 
1 9  THR n 
1 10 SER n 
1 11 VAL n 
1 12 THR n 
1 13 GLY n 
1 14 SER n 
1 15 ARG n 
1 16 GLU n 
1 17 ILE n 
1 18 LYS n 
1 19 SER n 
1 20 GLN n 
1 21 GLN n 
1 22 SER n 
1 23 GLU n 
1 24 VAL n 
1 25 THR n 
1 26 ARG n 
1 27 ILE n 
1 28 LEU n 
1 29 ASP n 
1 30 GLY n 
1 31 LYS n 
1 32 ARG n 
1 33 ILE n 
1 34 GLN n 
1 35 TYR n 
1 36 GLN n 
1 37 LEU n 
1 38 VAL n 
1 39 ASP n 
1 40 ILE n 
1 41 SER n 
1 42 GLN n 
1 43 ASP n 
1 44 ASN n 
1 45 ALA n 
1 46 LEU n 
1 47 ARG n 
1 48 ASP n 
1 49 GLU n 
1 50 MET n 
1 51 ARG n 
1 52 THR n 
1 53 LEU n 
1 54 ALA n 
1 55 GLY n 
1 56 ASN n 
1 57 PRO n 
1 58 LYS n 
1 59 ALA n 
1 60 THR n 
1 61 PRO n 
1 62 PRO n 
1 63 GLN n 
1 64 ILE n 
1 65 VAL n 
1 66 ASN n 
1 67 GLY n 
1 68 ASN n 
1 69 HIS n 
1 70 TYR n 
1 71 CYS n 
1 72 GLY n 
1 73 ASP n 
1 74 TYR n 
1 75 GLU n 
1 76 LEU n 
1 77 PHE n 
1 78 VAL n 
1 79 GLU n 
1 80 ALA n 
1 81 VAL n 
1 82 GLU n 
1 83 GLN n 
1 84 ASP n 
1 85 THR n 
1 86 LEU n 
1 87 GLN n 
1 88 GLU n 
1 89 PHE n 
1 90 LEU n 
1 91 LYS n 
1 92 LEU n 
1 93 ALA n 
# 
_entity_src_gen.entity_id                          1 
_entity_src_gen.pdbx_src_id                        1 
_entity_src_gen.pdbx_alt_source_flag               sample 
_entity_src_gen.pdbx_seq_type                      ? 
_entity_src_gen.pdbx_beg_seq_num                   ? 
_entity_src_gen.pdbx_end_seq_num                   ? 
_entity_src_gen.gene_src_common_name               'house mouse' 
_entity_src_gen.gene_src_genus                     Mus 
_entity_src_gen.pdbx_gene_src_gene                 ? 
_entity_src_gen.gene_src_species                   ? 
_entity_src_gen.gene_src_strain                    ? 
_entity_src_gen.gene_src_tissue                    ? 
_entity_src_gen.gene_src_tissue_fraction           ? 
_entity_src_gen.gene_src_details                   ? 
_entity_src_gen.pdbx_gene_src_fragment             ? 
_entity_src_gen.pdbx_gene_src_scientific_name      'Mus musculus' 
_entity_src_gen.pdbx_gene_src_ncbi_taxonomy_id     10090 
_entity_src_gen.pdbx_gene_src_variant              ? 
_entity_src_gen.pdbx_gene_src_cell_line            ? 
_entity_src_gen.pdbx_gene_src_atcc                 ? 
_entity_src_gen.pdbx_gene_src_organ                ? 
_entity_src_gen.pdbx_gene_src_organelle            ? 
_entity_src_gen.pdbx_gene_src_cell                 ? 
_entity_src_gen.pdbx_gene_src_cellular_location    ? 
_entity_src_gen.host_org_common_name               ? 
_entity_src_gen.pdbx_host_org_scientific_name      'Escherichia coli BL21' 
_entity_src_gen.pdbx_host_org_ncbi_taxonomy_id     511693 
_entity_src_gen.host_org_genus                     Escherichia 
_entity_src_gen.pdbx_host_org_gene                 ? 
_entity_src_gen.pdbx_host_org_organ                ? 
_entity_src_gen.host_org_species                   'Escherichia coli' 
_entity_src_gen.pdbx_host_org_tissue               ? 
_entity_src_gen.pdbx_host_org_tissue_fraction      ? 
_entity_src_gen.pdbx_host_org_strain               BL21 
_entity_src_gen.pdbx_host_org_variant              ? 
_entity_src_gen.pdbx_host_org_cell_line            ? 
_entity_src_gen.pdbx_host_org_atcc                 ? 
_entity_src_gen.pdbx_host_org_culture_collection   ? 
_entity_src_gen.pdbx_host_org_cell                 ? 
_entity_src_gen.pdbx_host_org_organelle            ? 
_entity_src_gen.pdbx_host_org_cellular_location    ? 
_entity_src_gen.pdbx_host_org_vector_type          PLASMID 
_entity_src_gen.pdbx_host_org_vector               ? 
_entity_src_gen.host_org_details                   ? 
_entity_src_gen.expression_system_id               ? 
_entity_src_gen.plasmid_name                       ? 
_entity_src_gen.plasmid_details                    ? 
_entity_src_gen.pdbx_description                   ? 
# 
_struct_ref.id                         1 
_struct_ref.entity_id                  1 
_struct_ref.db_name                    UNP 
_struct_ref.db_code                    SH3L3_MOUSE 
_struct_ref.pdbx_db_accession          Q91VW3 
_struct_ref.pdbx_align_begin           1 
_struct_ref.pdbx_seq_one_letter_code   
;MSGLRVYSTSVTGSREIKSQQSEVTRILDGKRIQYQLVDISQDNALRDEMRTLAGNPKATPPQIVNGNHYCGDYELFVEA
VEQDTLQEFLKLA
;
_struct_ref.pdbx_db_isoform            ? 
# 
loop_
_struct_ref_seq.align_id 
_struct_ref_seq.ref_id 
_struct_ref_seq.pdbx_PDB_id_code 
_struct_ref_seq.pdbx_strand_id 
_struct_ref_seq.seq_align_beg 
_struct_ref_seq.pdbx_seq_align_beg_ins_code 
_struct_ref_seq.seq_align_end 
_struct_ref_seq.pdbx_seq_align_end_ins_code 
_struct_ref_seq.pdbx_db_accession 
_struct_ref_seq.db_align_beg 
_struct_ref_seq.pdbx_db_align_beg_ins_code 
_struct_ref_seq.db_align_end 
_struct_ref_seq.pdbx_db_align_end_ins_code 
_struct_ref_seq.pdbx_auth_seq_align_beg 
_struct_ref_seq.pdbx_auth_seq_align_end 
1 1 1T1V A 1 ? 93 ? Q91VW3 1 ? 93 ? 1 93 
2 1 1T1V B 1 ? 93 ? Q91VW3 1 ? 93 ? 1 93 
# 
loop_
_chem_comp.id 
_chem_comp.type 
_chem_comp.mon_nstd_flag 
_chem_comp.name 
_chem_comp.pdbx_synonyms 
_chem_comp.formula 
_chem_comp.formula_weight 
ACY non-polymer         . 'ACETIC ACID'   ?                               'C2 H4 O2'       60.052  
ALA 'L-peptide linking' y ALANINE         ?                               'C3 H7 N O2'     89.093  
ARG 'L-peptide linking' y ARGININE        ?                               'C6 H15 N4 O2 1' 175.209 
ASN 'L-peptide linking' y ASPARAGINE      ?                               'C4 H8 N2 O3'    132.118 
ASP 'L-peptide linking' y 'ASPARTIC ACID' ?                               'C4 H7 N O4'     133.103 
CYS 'L-peptide linking' y CYSTEINE        ?                               'C3 H7 N O2 S'   121.158 
GLN 'L-peptide linking' y GLUTAMINE       ?                               'C5 H10 N2 O3'   146.144 
GLU 'L-peptide linking' y 'GLUTAMIC ACID' ?                               'C5 H9 N O4'     147.129 
GLY 'peptide linking'   y GLYCINE         ?                               'C2 H5 N O2'     75.067  
GOL non-polymer         . GLYCEROL        'GLYCERIN; PROPANE-1,2,3-TRIOL' 'C3 H8 O3'       92.094  
HIS 'L-peptide linking' y HISTIDINE       ?                               'C6 H10 N3 O2 1' 156.162 
HOH non-polymer         . WATER           ?                               'H2 O'           18.015  
ILE 'L-peptide linking' y ISOLEUCINE      ?                               'C6 H13 N O2'    131.173 
LEU 'L-peptide linking' y LEUCINE         ?                               'C6 H13 N O2'    131.173 
LYS 'L-peptide linking' y LYSINE          ?                               'C6 H15 N2 O2 1' 147.195 
MET 'L-peptide linking' y METHIONINE      ?                               'C5 H11 N O2 S'  149.211 
PHE 'L-peptide linking' y PHENYLALANINE   ?                               'C9 H11 N O2'    165.189 
PRO 'L-peptide linking' y PROLINE         ?                               'C5 H9 N O2'     115.130 
SER 'L-peptide linking' y SERINE          ?                               'C3 H7 N O3'     105.093 
SO4 non-polymer         . 'SULFATE ION'   ?                               'O4 S -2'        96.063  
THR 'L-peptide linking' y THREONINE       ?                               'C4 H9 N O3'     119.119 
TYR 'L-peptide linking' y TYROSINE        ?                               'C9 H11 N O3'    181.189 
VAL 'L-peptide linking' y VALINE          ?                               'C5 H11 N O2'    117.146 
# 
_exptl.entry_id          1T1V 
_exptl.method            'X-RAY DIFFRACTION' 
_exptl.crystals_number   1 
# 
_exptl_crystal.id                    1 
_exptl_crystal.density_percent_sol   36.93 
_exptl_crystal.density_Matthews      1.97 
_exptl_crystal.density_meas          ? 
_exptl_crystal.description           ? 
# 
_exptl_crystal_grow.crystal_id      1 
_exptl_crystal_grow.method          'VAPOR DIFFUSION, HANGING DROP' 
_exptl_crystal_grow.temp            277 
_exptl_crystal_grow.pH              4.6 
_exptl_crystal_grow.pdbx_details    'Ammonium sulfate, Na-acetate, pH 4.6, VAPOR DIFFUSION, HANGING DROP, temperature 277K' 
_exptl_crystal_grow.temp_details    ? 
_exptl_crystal_grow.pdbx_pH_range   . 
# 
_diffrn.id                     1 
_diffrn.ambient_temp           100 
_diffrn.ambient_temp_details   ? 
_diffrn.crystal_id             1 
# 
_diffrn_detector.diffrn_id              1 
_diffrn_detector.detector               CCD 
_diffrn_detector.type                   'ADSC QUANTUM 4' 
_diffrn_detector.pdbx_collection_date   2002-06-12 
_diffrn_detector.details                ? 
# 
_diffrn_radiation.diffrn_id                        1 
_diffrn_radiation.wavelength_id                    1 
_diffrn_radiation.pdbx_monochromatic_or_laue_m_l   M 
_diffrn_radiation.monochromator                    ? 
_diffrn_radiation.pdbx_diffrn_protocol             'SINGLE WAVELENGTH' 
_diffrn_radiation.pdbx_scattering_type             x-ray 
# 
_diffrn_radiation_wavelength.id           1 
_diffrn_radiation_wavelength.wavelength   0.934 
_diffrn_radiation_wavelength.wt           1.0 
# 
_diffrn_source.diffrn_id                   1 
_diffrn_source.source                      SYNCHROTRON 
_diffrn_source.type                        'ESRF BEAMLINE ID14-2' 
_diffrn_source.pdbx_synchrotron_site       ESRF 
_diffrn_source.pdbx_synchrotron_beamline   ID14-2 
_diffrn_source.pdbx_wavelength             ? 
_diffrn_source.pdbx_wavelength_list        0.934 
# 
_reflns.entry_id                     1T1V 
_reflns.observed_criterion_sigma_F   ? 
_reflns.observed_criterion_sigma_I   0.5 
_reflns.d_resolution_high            1.60 
_reflns.d_resolution_low             34.5 
_reflns.number_all                   21080 
_reflns.number_obs                   18915 
_reflns.percent_possible_obs         99.4 
_reflns.pdbx_Rmerge_I_obs            0.098 
_reflns.pdbx_Rsym_value              ? 
_reflns.pdbx_netI_over_sigmaI        13.1 
_reflns.B_iso_Wilson_estimate        ? 
_reflns.pdbx_redundancy              ? 
_reflns.R_free_details               ? 
_reflns.limit_h_max                  ? 
_reflns.limit_h_min                  ? 
_reflns.limit_k_max                  ? 
_reflns.limit_k_min                  ? 
_reflns.limit_l_max                  ? 
_reflns.limit_l_min                  ? 
_reflns.observed_criterion_F_max     ? 
_reflns.observed_criterion_F_min     ? 
_reflns.pdbx_ordinal                 1 
_reflns.pdbx_diffrn_id               1 
# 
_reflns_shell.d_res_high             1.60 
_reflns_shell.d_res_low              1.64 
_reflns_shell.percent_possible_all   100 
_reflns_shell.Rmerge_I_obs           0.331 
_reflns_shell.pdbx_Rsym_value        ? 
_reflns_shell.meanI_over_sigI_obs    5.3 
_reflns_shell.pdbx_redundancy        ? 
_reflns_shell.percent_possible_obs   ? 
_reflns_shell.number_unique_all      ? 
_reflns_shell.pdbx_ordinal           1 
_reflns_shell.pdbx_diffrn_id         1 
# 
_refine.entry_id                                 1T1V 
_refine.ls_number_reflns_obs                     18915 
_refine.ls_number_reflns_all                     21080 
_refine.pdbx_ls_sigma_I                          ? 
_refine.pdbx_ls_sigma_F                          1.0 
_refine.pdbx_data_cutoff_high_absF               ? 
_refine.pdbx_data_cutoff_low_absF                ? 
_refine.pdbx_data_cutoff_high_rms_absF           ? 
_refine.ls_d_res_low                             34.50 
_refine.ls_d_res_high                            1.60 
_refine.ls_percent_reflns_obs                    100.00 
_refine.ls_R_factor_obs                          0.20199 
_refine.ls_R_factor_all                          0.202 
_refine.ls_R_factor_R_work                       0.19719 
_refine.ls_R_factor_R_free                       0.24426 
_refine.ls_R_factor_R_free_error                 ? 
_refine.ls_R_factor_R_free_error_details         ? 
_refine.ls_percent_reflns_R_free                 10.2 
_refine.ls_number_reflns_R_free                  2139 
_refine.ls_number_parameters                     ? 
_refine.ls_number_restraints                     ? 
_refine.occupancy_min                            ? 
_refine.occupancy_max                            ? 
_refine.correlation_coeff_Fo_to_Fc               0.955 
_refine.correlation_coeff_Fo_to_Fc_free          0.931 
_refine.B_iso_mean                               19.205 
_refine.aniso_B[1][1]                            -0.56 
_refine.aniso_B[2][2]                            -2.08 
_refine.aniso_B[3][3]                            2.77 
_refine.aniso_B[1][2]                            0.00 
_refine.aniso_B[1][3]                            0.90 
_refine.aniso_B[2][3]                            0.00 
_refine.solvent_model_details                    'BABINET MODEL WITH MASK' 
_refine.solvent_model_param_ksol                 ? 
_refine.solvent_model_param_bsol                 ? 
_refine.pdbx_solvent_vdw_probe_radii             1.40 
_refine.pdbx_solvent_ion_probe_radii             0.80 
_refine.pdbx_solvent_shrinkage_radii             0.80 
_refine.pdbx_ls_cross_valid_method               THROUGHOUT 
_refine.details                                  ? 
_refine.pdbx_starting_model                      'PDB ENTRY 1J0F' 
_refine.pdbx_method_to_determine_struct          'MOLECULAR REPLACEMENT' 
_refine.pdbx_isotropic_thermal_model             ? 
_refine.pdbx_stereochemistry_target_values       'MAXIMUM LIKELIHOOD' 
_refine.pdbx_stereochem_target_val_spec_case     ? 
_refine.pdbx_R_Free_selection_details            RANDOM 
_refine.pdbx_overall_ESU_R                       0.120 
_refine.pdbx_overall_ESU_R_Free                  0.120 
_refine.overall_SU_ML                            ? 
_refine.overall_SU_B                             ? 
_refine.ls_redundancy_reflns_obs                 ? 
_refine.B_iso_min                                ? 
_refine.B_iso_max                                ? 
_refine.overall_SU_R_Cruickshank_DPI             ? 
_refine.overall_SU_R_free                        ? 
_refine.pdbx_refine_id                           'X-RAY DIFFRACTION' 
_refine.pdbx_diffrn_id                           1 
_refine.pdbx_TLS_residual_ADP_flag               ? 
_refine.pdbx_overall_phase_error                 ? 
_refine.pdbx_overall_SU_R_free_Cruickshank_DPI   ? 
_refine.pdbx_overall_SU_R_Blow_DPI               ? 
_refine.pdbx_overall_SU_R_free_Blow_DPI          ? 
# 
_refine_hist.pdbx_refine_id                   'X-RAY DIFFRACTION' 
_refine_hist.cycle_id                         LAST 
_refine_hist.pdbx_number_atoms_protein        1468 
_refine_hist.pdbx_number_atoms_nucleic_acid   0 
_refine_hist.pdbx_number_atoms_ligand         20 
_refine_hist.number_atoms_solvent             140 
_refine_hist.number_atoms_total               1628 
_refine_hist.d_res_high                       1.60 
_refine_hist.d_res_low                        34.50 
# 
loop_
_refine_ls_restr.type 
_refine_ls_restr.dev_ideal 
_refine_ls_restr.dev_ideal_target 
_refine_ls_restr.weight 
_refine_ls_restr.number 
_refine_ls_restr.pdbx_refine_id 
_refine_ls_restr.pdbx_restraint_function 
r_bond_refined_d         0.022 0.021 ? 1510 'X-RAY DIFFRACTION' ? 
r_bond_other_d           0.000 0.020 ? 1355 'X-RAY DIFFRACTION' ? 
r_angle_refined_deg      2.012 1.976 ? 2035 'X-RAY DIFFRACTION' ? 
r_angle_other_deg        3.823 3.000 ? 3169 'X-RAY DIFFRACTION' ? 
r_dihedral_angle_1_deg   5.313 5.000 ? 184  'X-RAY DIFFRACTION' ? 
r_chiral_restr           0.140 0.200 ? 228  'X-RAY DIFFRACTION' ? 
r_gen_planes_refined     0.008 0.020 ? 1666 'X-RAY DIFFRACTION' ? 
r_gen_planes_other       0.013 0.020 ? 282  'X-RAY DIFFRACTION' ? 
r_nbd_refined            0.259 0.200 ? 465  'X-RAY DIFFRACTION' ? 
r_nbd_other              0.287 0.200 ? 1494 'X-RAY DIFFRACTION' ? 
r_nbtor_other            0.107 0.200 ? 786  'X-RAY DIFFRACTION' ? 
r_xyhbond_nbd_refined    0.163 0.200 ? 36   'X-RAY DIFFRACTION' ? 
r_symmetry_vdw_refined   0.275 0.200 ? 39   'X-RAY DIFFRACTION' ? 
r_symmetry_vdw_other     0.330 0.200 ? 64   'X-RAY DIFFRACTION' ? 
r_symmetry_hbond_refined 0.092 0.200 ? 7    'X-RAY DIFFRACTION' ? 
r_mcbond_it              1.303 1.500 ? 925  'X-RAY DIFFRACTION' ? 
r_mcangle_it             2.196 2.000 ? 1494 'X-RAY DIFFRACTION' ? 
r_scbond_it              3.490 3.000 ? 585  'X-RAY DIFFRACTION' ? 
r_scangle_it             5.456 4.500 ? 541  'X-RAY DIFFRACTION' ? 
# 
_refine_ls_shell.pdbx_total_number_of_bins_used   20 
_refine_ls_shell.d_res_high                       1.60 
_refine_ls_shell.d_res_low                        1.645 
_refine_ls_shell.number_reflns_R_work             1376 
_refine_ls_shell.R_factor_R_work                  0.252 
_refine_ls_shell.percent_reflns_obs               ? 
_refine_ls_shell.R_factor_R_free                  0.292 
_refine_ls_shell.R_factor_R_free_error            ? 
_refine_ls_shell.percent_reflns_R_free            ? 
_refine_ls_shell.number_reflns_R_free             140 
_refine_ls_shell.number_reflns_obs                ? 
_refine_ls_shell.redundancy_reflns_obs            ? 
_refine_ls_shell.number_reflns_all                ? 
_refine_ls_shell.pdbx_refine_id                   'X-RAY DIFFRACTION' 
_refine_ls_shell.R_factor_all                     ? 
# 
_struct.entry_id                  1T1V 
_struct.title                     'Crystal Structure of the Glutaredoxin-like Protein SH3BGRL3 at 1.6 A resolution' 
_struct.pdbx_model_details        ? 
_struct.pdbx_CASP_flag            ? 
_struct.pdbx_model_type_details   ? 
# 
_struct_keywords.entry_id        1T1V 
_struct_keywords.pdbx_keywords   'SIGNALING PROTEIN' 
_struct_keywords.text            'GLUTAREDOXIN; THIOREDOXIN FOLD; PROTEIN 3D-STRUCTURE; X-RAY CRYSTALLOGRAPHY, SIGNALING PROTEIN' 
# 
loop_
_struct_asym.id 
_struct_asym.pdbx_blank_PDB_chainid_flag 
_struct_asym.pdbx_modified 
_struct_asym.entity_id 
_struct_asym.details 
A N N 1 ? 
B N N 1 ? 
C N N 2 ? 
D N N 3 ? 
E N N 3 ? 
F N N 4 ? 
G N N 5 ? 
H N N 5 ? 
# 
_struct_biol.id                    1 
_struct_biol.pdbx_parent_biol_id   ? 
_struct_biol.details               ? 
# 
loop_
_struct_conf.conf_type_id 
_struct_conf.id 
_struct_conf.pdbx_PDB_helix_id 
_struct_conf.beg_label_comp_id 
_struct_conf.beg_label_asym_id 
_struct_conf.beg_label_seq_id 
_struct_conf.pdbx_beg_PDB_ins_code 
_struct_conf.end_label_comp_id 
_struct_conf.end_label_asym_id 
_struct_conf.end_label_seq_id 
_struct_conf.pdbx_end_PDB_ins_code 
_struct_conf.beg_auth_comp_id 
_struct_conf.beg_auth_asym_id 
_struct_conf.beg_auth_seq_id 
_struct_conf.end_auth_comp_id 
_struct_conf.end_auth_asym_id 
_struct_conf.end_auth_seq_id 
_struct_conf.pdbx_PDB_helix_class 
_struct_conf.details 
_struct_conf.pdbx_PDB_helix_length 
HELX_P HELX_P1 1 SER A 14 ? LYS A 31 ? SER A 14 LYS A 31 1 ? 18 
HELX_P HELX_P2 2 ASP A 43 ? ALA A 54 ? ASP A 43 ALA A 54 1 ? 12 
HELX_P HELX_P3 3 TYR A 74 ? GLN A 83 ? TYR A 74 GLN A 83 1 ? 10 
HELX_P HELX_P4 4 THR A 85 ? LEU A 90 ? THR A 85 LEU A 90 1 ? 6  
HELX_P HELX_P5 5 SER B 14 ? LYS B 31 ? SER B 14 LYS B 31 1 ? 18 
HELX_P HELX_P6 6 ASP B 43 ? ALA B 54 ? ASP B 43 ALA B 54 1 ? 12 
HELX_P HELX_P7 7 TYR B 74 ? GLN B 83 ? TYR B 74 GLN B 83 1 ? 10 
HELX_P HELX_P8 8 THR B 85 ? LEU B 90 ? THR B 85 LEU B 90 1 ? 6  
# 
_struct_conf_type.id          HELX_P 
_struct_conf_type.criteria    ? 
_struct_conf_type.reference   ? 
# 
loop_
_struct_mon_prot_cis.pdbx_id 
_struct_mon_prot_cis.label_comp_id 
_struct_mon_prot_cis.label_seq_id 
_struct_mon_prot_cis.label_asym_id 
_struct_mon_prot_cis.label_alt_id 
_struct_mon_prot_cis.pdbx_PDB_ins_code 
_struct_mon_prot_cis.auth_comp_id 
_struct_mon_prot_cis.auth_seq_id 
_struct_mon_prot_cis.auth_asym_id 
_struct_mon_prot_cis.pdbx_label_comp_id_2 
_struct_mon_prot_cis.pdbx_label_seq_id_2 
_struct_mon_prot_cis.pdbx_label_asym_id_2 
_struct_mon_prot_cis.pdbx_PDB_ins_code_2 
_struct_mon_prot_cis.pdbx_auth_comp_id_2 
_struct_mon_prot_cis.pdbx_auth_seq_id_2 
_struct_mon_prot_cis.pdbx_auth_asym_id_2 
_struct_mon_prot_cis.pdbx_PDB_model_num 
_struct_mon_prot_cis.pdbx_omega_angle 
1 PRO 61 A . ? PRO 61 A PRO 62 A ? PRO 62 A 1 -4.05 
2 PRO 61 B . ? PRO 61 B PRO 62 B ? PRO 62 B 1 -0.84 
# 
loop_
_struct_sheet.id 
_struct_sheet.type 
_struct_sheet.number_strands 
_struct_sheet.details 
A ? 4 ? 
B ? 4 ? 
# 
loop_
_struct_sheet_order.sheet_id 
_struct_sheet_order.range_id_1 
_struct_sheet_order.range_id_2 
_struct_sheet_order.offset 
_struct_sheet_order.sense 
A 1 2 ? parallel      
A 2 3 ? anti-parallel 
A 3 4 ? anti-parallel 
B 1 2 ? parallel      
B 2 3 ? anti-parallel 
B 3 4 ? anti-parallel 
# 
loop_
_struct_sheet_range.sheet_id 
_struct_sheet_range.id 
_struct_sheet_range.beg_label_comp_id 
_struct_sheet_range.beg_label_asym_id 
_struct_sheet_range.beg_label_seq_id 
_struct_sheet_range.pdbx_beg_PDB_ins_code 
_struct_sheet_range.end_label_comp_id 
_struct_sheet_range.end_label_asym_id 
_struct_sheet_range.end_label_seq_id 
_struct_sheet_range.pdbx_end_PDB_ins_code 
_struct_sheet_range.beg_auth_comp_id 
_struct_sheet_range.beg_auth_asym_id 
_struct_sheet_range.beg_auth_seq_id 
_struct_sheet_range.end_auth_comp_id 
_struct_sheet_range.end_auth_asym_id 
_struct_sheet_range.end_auth_seq_id 
A 1 GLN A 36 ? ASP A 39 ? GLN A 36 ASP A 39 
A 2 LEU A 4  ? SER A 8  ? LEU A 4  SER A 8  
A 3 GLN A 63 ? ASN A 66 ? GLN A 63 ASN A 66 
A 4 HIS A 69 ? ASP A 73 ? HIS A 69 ASP A 73 
B 1 GLN B 36 ? ASP B 39 ? GLN B 36 ASP B 39 
B 2 LEU B 4  ? SER B 8  ? LEU B 4  SER B 8  
B 3 GLN B 63 ? ASN B 66 ? GLN B 63 ASN B 66 
B 4 HIS B 69 ? ASP B 73 ? HIS B 69 ASP B 73 
# 
loop_
_pdbx_struct_sheet_hbond.sheet_id 
_pdbx_struct_sheet_hbond.range_id_1 
_pdbx_struct_sheet_hbond.range_id_2 
_pdbx_struct_sheet_hbond.range_1_label_atom_id 
_pdbx_struct_sheet_hbond.range_1_label_comp_id 
_pdbx_struct_sheet_hbond.range_1_label_asym_id 
_pdbx_struct_sheet_hbond.range_1_label_seq_id 
_pdbx_struct_sheet_hbond.range_1_PDB_ins_code 
_pdbx_struct_sheet_hbond.range_1_auth_atom_id 
_pdbx_struct_sheet_hbond.range_1_auth_comp_id 
_pdbx_struct_sheet_hbond.range_1_auth_asym_id 
_pdbx_struct_sheet_hbond.range_1_auth_seq_id 
_pdbx_struct_sheet_hbond.range_2_label_atom_id 
_pdbx_struct_sheet_hbond.range_2_label_comp_id 
_pdbx_struct_sheet_hbond.range_2_label_asym_id 
_pdbx_struct_sheet_hbond.range_2_label_seq_id 
_pdbx_struct_sheet_hbond.range_2_PDB_ins_code 
_pdbx_struct_sheet_hbond.range_2_auth_atom_id 
_pdbx_struct_sheet_hbond.range_2_auth_comp_id 
_pdbx_struct_sheet_hbond.range_2_auth_asym_id 
_pdbx_struct_sheet_hbond.range_2_auth_seq_id 
A 1 2 O VAL A 38 ? O VAL A 38 N SER A 8  ? N SER A 8  
A 2 3 N TYR A 7  ? N TYR A 7  O GLN A 63 ? O GLN A 63 
A 3 4 N ASN A 66 ? N ASN A 66 O HIS A 69 ? O HIS A 69 
B 1 2 O VAL B 38 ? O VAL B 38 N SER B 8  ? N SER B 8  
B 2 3 N ARG B 5  ? N ARG B 5  O VAL B 65 ? O VAL B 65 
B 3 4 N ILE B 64 ? N ILE B 64 O GLY B 72 ? O GLY B 72 
# 
loop_
_struct_site.id 
_struct_site.pdbx_evidence_code 
_struct_site.pdbx_auth_asym_id 
_struct_site.pdbx_auth_comp_id 
_struct_site.pdbx_auth_seq_id 
_struct_site.pdbx_auth_ins_code 
_struct_site.pdbx_num_residues 
_struct_site.details 
AC1 Software B SO4 1001 ? 2 'BINDING SITE FOR RESIDUE SO4 B 1001' 
AC2 Software B SO4 1002 ? 7 'BINDING SITE FOR RESIDUE SO4 B 1002' 
AC3 Software B ACY 2001 ? 3 'BINDING SITE FOR RESIDUE ACY B 2001' 
AC4 Software A GOL 3001 ? 6 'BINDING SITE FOR RESIDUE GOL A 3001' 
# 
loop_
_struct_site_gen.id 
_struct_site_gen.site_id 
_struct_site_gen.pdbx_num_res 
_struct_site_gen.label_comp_id 
_struct_site_gen.label_asym_id 
_struct_site_gen.label_seq_id 
_struct_site_gen.pdbx_auth_ins_code 
_struct_site_gen.auth_comp_id 
_struct_site_gen.auth_asym_id 
_struct_site_gen.auth_seq_id 
_struct_site_gen.label_atom_id 
_struct_site_gen.label_alt_id 
_struct_site_gen.symmetry 
_struct_site_gen.details 
1  AC1 2 THR B 12 ? THR B 12   . ? 1_555 ? 
2  AC1 2 GLY B 13 ? GLY B 13   . ? 1_555 ? 
3  AC2 7 SER B 14 ? SER B 14   . ? 1_556 ? 
4  AC2 7 ARG B 15 ? ARG B 15   . ? 1_556 ? 
5  AC2 7 GLU B 16 ? GLU B 16   . ? 1_556 ? 
6  AC2 7 ARG B 32 ? ARG B 32   . ? 1_555 ? 
7  AC2 7 HOH H .  ? HOH B 2018 . ? 1_555 ? 
8  AC2 7 HOH H .  ? HOH B 2046 . ? 1_555 ? 
9  AC2 7 HOH H .  ? HOH B 2079 . ? 1_555 ? 
10 AC3 3 TYR B 35 ? TYR B 35   . ? 1_555 ? 
11 AC3 3 GLN B 36 ? GLN B 36   . ? 1_555 ? 
12 AC3 3 HOH H .  ? HOH B 2023 . ? 1_655 ? 
13 AC4 6 ARG A 15 ? ARG A 15   . ? 1_556 ? 
14 AC4 6 LYS A 31 ? LYS A 31   . ? 1_555 ? 
15 AC4 6 ASP A 84 ? ASP A 84   . ? 1_555 ? 
16 AC4 6 LEU A 86 ? LEU A 86   . ? 1_555 ? 
17 AC4 6 GLN A 87 ? GLN A 87   . ? 1_555 ? 
18 AC4 6 ARG B 15 ? ARG B 15   . ? 1_556 ? 
# 
_atom_sites.entry_id                    1T1V 
_atom_sites.fract_transf_matrix[1][1]   -0.02057366 
_atom_sites.fract_transf_matrix[1][2]   -0.00879229 
_atom_sites.fract_transf_matrix[1][3]   0.02538403 
_atom_sites.fract_transf_matrix[2][1]   0.00041412 
_atom_sites.fract_transf_matrix[2][2]   0.01164164 
_atom_sites.fract_transf_matrix[2][3]   0.00436797 
_atom_sites.fract_transf_matrix[3][1]   -0.02410042 
_atom_sites.fract_transf_matrix[3][2]   0.00636061 
_atom_sites.fract_transf_matrix[3][3]   -0.01466754 
_atom_sites.fract_transf_vector[1]      0.288794 
_atom_sites.fract_transf_vector[2]      0.002885 
_atom_sites.fract_transf_vector[3]      0.473727 
# 
loop_
_atom_type.symbol 
C 
N 
O 
S 
# 
loop_
_atom_site.group_PDB 
_atom_site.id 
_atom_site.type_symbol 
_atom_site.label_atom_id 
_atom_site.label_alt_id 
_atom_site.label_comp_id 
_atom_site.label_asym_id 
_atom_site.label_entity_id 
_atom_site.label_seq_id 
_atom_site.pdbx_PDB_ins_code 
_atom_site.Cartn_x 
_atom_site.Cartn_y 
_atom_site.Cartn_z 
_atom_site.occupancy 
_atom_site.B_iso_or_equiv 
_atom_site.pdbx_formal_charge 
_atom_site.auth_seq_id 
_atom_site.auth_comp_id 
_atom_site.auth_asym_id 
_atom_site.auth_atom_id 
_atom_site.pdbx_PDB_model_num 
ATOM   1    N N   . MET A 1 1  ? -1.258  10.535  -19.272 1.00 40.27 ? 1    MET A N   1 
ATOM   2    C CA  . MET A 1 1  ? -0.507  11.647  -18.602 1.00 40.69 ? 1    MET A CA  1 
ATOM   3    C C   . MET A 1 1  ? -1.430  12.354  -17.581 1.00 39.45 ? 1    MET A C   1 
ATOM   4    O O   . MET A 1 1  ? -2.542  12.769  -17.931 1.00 40.45 ? 1    MET A O   1 
ATOM   5    C CB  . MET A 1 1  ? 0.019   12.650  -19.637 1.00 41.54 ? 1    MET A CB  1 
ATOM   6    C CG  . MET A 1 1  ? 0.963   13.724  -19.078 1.00 44.78 ? 1    MET A CG  1 
ATOM   7    S SD  . MET A 1 1  ? 0.187   15.302  -18.479 1.00 53.05 ? 1    MET A SD  1 
ATOM   8    C CE  . MET A 1 1  ? -1.249  15.589  -19.675 1.00 51.17 ? 1    MET A CE  1 
ATOM   9    N N   . SER A 1 2  ? -0.950  12.469  -16.337 1.00 36.46 ? 2    SER A N   1 
ATOM   10   C CA  . SER A 1 2  ? -1.719  12.991  -15.208 1.00 34.25 ? 2    SER A CA  1 
ATOM   11   C C   . SER A 1 2  ? -1.299  14.389  -14.789 1.00 31.08 ? 2    SER A C   1 
ATOM   12   O O   . SER A 1 2  ? -2.129  15.164  -14.292 1.00 29.71 ? 2    SER A O   1 
ATOM   13   C CB  . SER A 1 2  ? -1.509  12.094  -13.980 1.00 33.20 ? 2    SER A CB  1 
ATOM   14   O OG  . SER A 1 2  ? -2.706  11.416  -13.689 1.00 38.56 ? 2    SER A OG  1 
ATOM   15   N N   . GLY A 1 3  ? -0.002  14.678  -14.946 1.00 26.84 ? 3    GLY A N   1 
ATOM   16   C CA  . GLY A 1 3  ? 0.670   15.804  -14.320 1.00 24.98 ? 3    GLY A CA  1 
ATOM   17   C C   . GLY A 1 3  ? 1.210   15.417  -12.934 1.00 21.92 ? 3    GLY A C   1 
ATOM   18   O O   . GLY A 1 3  ? 1.942   16.198  -12.323 1.00 21.64 ? 3    GLY A O   1 
ATOM   19   N N   . LEU A 1 4  ? 0.792   14.252  -12.449 1.00 20.67 ? 4    LEU A N   1 
ATOM   20   C CA  . LEU A 1 4  ? 1.183   13.753  -11.115 1.00 18.52 ? 4    LEU A CA  1 
ATOM   21   C C   . LEU A 1 4  ? 2.642   13.326  -11.089 1.00 18.09 ? 4    LEU A C   1 
ATOM   22   O O   . LEU A 1 4  ? 3.106   12.710  -12.000 1.00 17.77 ? 4    LEU A O   1 
ATOM   23   C CB  . LEU A 1 4  ? 0.366   12.556  -10.673 1.00 19.73 ? 4    LEU A CB  1 
ATOM   24   C CG  . LEU A 1 4  ? -1.054  12.694  -10.111 1.00 21.40 ? 4    LEU A CG  1 
ATOM   25   C CD1 . LEU A 1 4  ? -1.591  11.284  -9.805  1.00 23.09 ? 4    LEU A CD1 1 
ATOM   26   C CD2 . LEU A 1 4  ? -1.031  13.583  -8.861  1.00 21.08 ? 4    LEU A CD2 1 
ATOM   27   N N   . ARG A 1 5  ? 3.319   13.741  -10.048 1.00 15.51 ? 5    ARG A N   1 
ATOM   28   C CA  . ARG A 1 5  ? 4.704   13.318  -9.751  1.00 16.22 ? 5    ARG A CA  1 
ATOM   29   C C   . ARG A 1 5  ? 4.769   12.812  -8.324  1.00 15.76 ? 5    ARG A C   1 
ATOM   30   O O   . ARG A 1 5  ? 4.211   13.394  -7.411  1.00 15.67 ? 5    ARG A O   1 
ATOM   31   C CB  . ARG A 1 5  ? 5.662   14.446  -9.944  1.00 15.57 ? 5    ARG A CB  1 
ATOM   32   C CG  . ARG A 1 5  ? 5.510   15.202  -11.218 1.00 17.09 ? 5    ARG A CG  1 
ATOM   33   C CD  . ARG A 1 5  ? 6.748   16.057  -11.517 1.00 19.09 ? 5    ARG A CD  1 
ATOM   34   N NE  . ARG A 1 5  ? 7.055   17.110  -10.552 1.00 19.02 ? 5    ARG A NE  1 
ATOM   35   C CZ  . ARG A 1 5  ? 6.444   18.277  -10.507 1.00 21.40 ? 5    ARG A CZ  1 
ATOM   36   N NH1 . ARG A 1 5  ? 5.412   18.495  -11.304 1.00 25.05 ? 5    ARG A NH1 1 
ATOM   37   N NH2 . ARG A 1 5  ? 6.810   19.207  -9.636  1.00 22.31 ? 5    ARG A NH2 1 
ATOM   38   N N   . VAL A 1 6  ? 5.524   11.750  -8.143  1.00 14.53 ? 6    VAL A N   1 
ATOM   39   C CA  . VAL A 1 6  ? 5.762   11.240  -6.800  1.00 12.48 ? 6    VAL A CA  1 
ATOM   40   C C   . VAL A 1 6  ? 7.254   11.329  -6.551  1.00 13.62 ? 6    VAL A C   1 
ATOM   41   O O   . VAL A 1 6  ? 8.036   10.665  -7.226  1.00 15.36 ? 6    VAL A O   1 
ATOM   42   C CB  . VAL A 1 6  ? 5.268   9.812   -6.624  1.00 13.92 ? 6    VAL A CB  1 
ATOM   43   C CG1 . VAL A 1 6  ? 5.603   9.315   -5.224  1.00 15.89 ? 6    VAL A CG1 1 
ATOM   44   C CG2 . VAL A 1 6  ? 3.768   9.717   -6.847  1.00 13.38 ? 6    VAL A CG2 1 
ATOM   45   N N   . TYR A 1 7  ? 7.650   12.151  -5.570  1.00 12.23 ? 7    TYR A N   1 
ATOM   46   C CA  . TYR A 1 7  ? 9.068   12.230  -5.175  1.00 12.13 ? 7    TYR A CA  1 
ATOM   47   C C   . TYR A 1 7  ? 9.407   11.004  -4.330  1.00 14.70 ? 7    TYR A C   1 
ATOM   48   O O   . TYR A 1 7  ? 8.667   10.625  -3.434  1.00 13.92 ? 7    TYR A O   1 
ATOM   49   C CB  . TYR A 1 7  ? 9.357   13.545  -4.427  1.00 13.09 ? 7    TYR A CB  1 
ATOM   50   C CG  . TYR A 1 7  ? 9.236   14.753  -5.313  1.00 15.11 ? 7    TYR A CG  1 
ATOM   51   C CD1 . TYR A 1 7  ? 7.990   15.354  -5.581  1.00 12.90 ? 7    TYR A CD1 1 
ATOM   52   C CD2 . TYR A 1 7  ? 10.358  15.302  -5.909  1.00 13.51 ? 7    TYR A CD2 1 
ATOM   53   C CE1 . TYR A 1 7  ? 7.865   16.429  -6.424  1.00 18.84 ? 7    TYR A CE1 1 
ATOM   54   C CE2 . TYR A 1 7  ? 10.235  16.392  -6.769  1.00 15.49 ? 7    TYR A CE2 1 
ATOM   55   C CZ  . TYR A 1 7  ? 8.991   16.938  -7.015  1.00 16.89 ? 7    TYR A CZ  1 
ATOM   56   O OH  . TYR A 1 7  ? 8.875   17.998  -7.882  1.00 22.18 ? 7    TYR A OH  1 
ATOM   57   N N   . SER A 1 8  ? 10.535  10.403  -4.654  1.00 13.30 ? 8    SER A N   1 
ATOM   58   C CA  . SER A 1 8  ? 10.985  9.163   -4.103  1.00 15.25 ? 8    SER A CA  1 
ATOM   59   C C   . SER A 1 8  ? 12.480  9.255   -4.010  1.00 16.27 ? 8    SER A C   1 
ATOM   60   O O   . SER A 1 8  ? 13.050  10.186  -4.527  1.00 17.41 ? 8    SER A O   1 
ATOM   61   C CB  . SER A 1 8  ? 10.637  7.967   -5.008  1.00 17.58 ? 8    SER A CB  1 
ATOM   62   O OG  . SER A 1 8  ? 11.411  7.947   -6.191  1.00 18.26 ? 8    SER A OG  1 
ATOM   63   N N   . THR A 1 9  ? 13.059  8.260   -3.367  1.00 16.66 ? 9    THR A N   1 
ATOM   64   C CA  . THR A 1 9  ? 14.509  8.079   -3.396  1.00 16.02 ? 9    THR A CA  1 
ATOM   65   C C   . THR A 1 9  ? 14.855  6.617   -3.634  1.00 17.17 ? 9    THR A C   1 
ATOM   66   O O   . THR A 1 9  ? 14.243  5.683   -3.099  1.00 17.88 ? 9    THR A O   1 
ATOM   67   C CB  . THR A 1 9  ? 15.099  8.633   -2.123  1.00 17.82 ? 9    THR A CB  1 
ATOM   68   O OG1 . THR A 1 9  ? 16.535  8.450   -2.164  1.00 19.17 ? 9    THR A OG1 1 
ATOM   69   C CG2 . THR A 1 9  ? 14.641  7.918   -0.907  1.00 18.42 ? 9    THR A CG2 1 
ATOM   70   N N   . SER A 1 10 ? 15.917  6.437   -4.399  1.00 16.22 ? 10   SER A N   1 
ATOM   71   C CA  . SER A 1 10 ? 16.353  5.121   -4.782  1.00 18.09 ? 10   SER A CA  1 
ATOM   72   C C   . SER A 1 10 ? 17.471  4.625   -3.865  1.00 17.94 ? 10   SER A C   1 
ATOM   73   O O   . SER A 1 10 ? 17.861  3.455   -3.922  1.00 18.93 ? 10   SER A O   1 
ATOM   74   C CB  . SER A 1 10 ? 16.844  5.109   -6.203  1.00 17.75 ? 10   SER A CB  1 
ATOM   75   O OG  . SER A 1 10 ? 18.051  5.837   -6.427  1.00 19.00 ? 10   SER A OG  1 
ATOM   76   N N   . VAL A 1 11 ? 17.912  5.512   -2.991  1.00 19.70 ? 11   VAL A N   1 
ATOM   77   C CA  . VAL A 1 11 ? 19.004  5.222   -2.102  1.00 20.52 ? 11   VAL A CA  1 
ATOM   78   C C   . VAL A 1 11 ? 18.697  5.831   -0.746  1.00 19.75 ? 11   VAL A C   1 
ATOM   79   O O   . VAL A 1 11 ? 18.726  7.045   -0.600  1.00 21.67 ? 11   VAL A O   1 
ATOM   80   C CB  . VAL A 1 11 ? 20.274  5.814   -2.665  1.00 21.79 ? 11   VAL A CB  1 
ATOM   81   C CG1 . VAL A 1 11 ? 21.374  5.621   -1.655  1.00 22.81 ? 11   VAL A CG1 1 
ATOM   82   C CG2 . VAL A 1 11 ? 20.623  5.174   -3.998  1.00 24.44 ? 11   VAL A CG2 1 
ATOM   83   N N   . THR A 1 12 ? 18.392  5.007   0.244   1.00 21.35 ? 12   THR A N   1 
ATOM   84   C CA  . THR A 1 12 ? 18.155  5.473   1.604   1.00 22.25 ? 12   THR A CA  1 
ATOM   85   C C   . THR A 1 12 ? 18.323  4.334   2.573   1.00 23.38 ? 12   THR A C   1 
ATOM   86   O O   . THR A 1 12 ? 18.059  3.166   2.260   1.00 24.11 ? 12   THR A O   1 
ATOM   87   C CB  . THR A 1 12 ? 16.687  6.040   1.759   1.00 22.03 ? 12   THR A CB  1 
ATOM   88   O OG1 . THR A 1 12 ? 16.443  6.460   3.111   1.00 23.46 ? 12   THR A OG1 1 
ATOM   89   C CG2 . THR A 1 12 ? 15.737  4.999   1.519   1.00 22.95 ? 12   THR A CG2 1 
ATOM   90   N N   . GLY A 1 13 ? 18.749  4.682   3.784   1.00 25.21 ? 13   GLY A N   1 
ATOM   91   C CA  . GLY A 1 13 ? 18.811  3.728   4.849   1.00 25.07 ? 13   GLY A CA  1 
ATOM   92   C C   . GLY A 1 13 ? 17.584  3.736   5.721   1.00 25.53 ? 13   GLY A C   1 
ATOM   93   O O   . GLY A 1 13 ? 17.547  3.042   6.720   1.00 26.90 ? 13   GLY A O   1 
ATOM   94   N N   . SER A 1 14 ? 16.555  4.481   5.346   1.00 24.25 ? 14   SER A N   1 
ATOM   95   C CA  . SER A 1 14 ? 15.370  4.591   6.192   1.00 24.46 ? 14   SER A CA  1 
ATOM   96   C C   . SER A 1 14 ? 14.348  3.552   5.721   1.00 25.18 ? 14   SER A C   1 
ATOM   97   O O   . SER A 1 14 ? 13.933  3.561   4.559   1.00 24.99 ? 14   SER A O   1 
ATOM   98   C CB  . SER A 1 14 ? 14.767  5.961   6.122   1.00 23.16 ? 14   SER A CB  1 
ATOM   99   O OG  . SER A 1 14 ? 13.459  5.928   6.686   1.00 24.84 ? 14   SER A OG  1 
ATOM   100  N N   . ARG A 1 15 ? 14.014  2.633   6.608   1.00 25.95 ? 15   ARG A N   1 
ATOM   101  C CA  . ARG A 1 15 ? 12.978  1.620   6.392   1.00 27.19 ? 15   ARG A CA  1 
ATOM   102  C C   . ARG A 1 15 ? 11.606  2.293   6.258   1.00 26.08 ? 15   ARG A C   1 
ATOM   103  O O   . ARG A 1 15 ? 10.716  1.799   5.543   1.00 27.19 ? 15   ARG A O   1 
ATOM   104  C CB  . ARG A 1 15 ? 12.932  0.654   7.604   1.00 28.66 ? 15   ARG A CB  1 
ATOM   105  C CG  . ARG A 1 15 ? 12.021  -0.543  7.467   1.00 33.48 ? 15   ARG A CG  1 
ATOM   106  C CD  . ARG A 1 15 ? 12.737  -1.849  7.098   1.00 39.14 ? 15   ARG A CD  1 
ATOM   107  N NE  . ARG A 1 15 ? 13.465  -2.451  8.233   1.00 40.76 ? 15   ARG A NE  1 
ATOM   108  C CZ  . ARG A 1 15 ? 14.802  -2.642  8.306   1.00 43.78 ? 15   ARG A CZ  1 
ATOM   109  N NH1 . ARG A 1 15 ? 15.614  -2.273  7.317   1.00 42.64 ? 15   ARG A NH1 1 
ATOM   110  N NH2 . ARG A 1 15 ? 15.334  -3.207  9.395   1.00 44.41 ? 15   ARG A NH2 1 
ATOM   111  N N   . GLU A 1 16 ? 11.432  3.393   6.969   1.00 25.39 ? 16   GLU A N   1 
ATOM   112  C CA  . GLU A 1 16 ? 10.157  4.123   6.940   1.00 25.36 ? 16   GLU A CA  1 
ATOM   113  C C   . GLU A 1 16 ? 9.955   4.746   5.560   1.00 23.18 ? 16   GLU A C   1 
ATOM   114  O O   . GLU A 1 16 ? 8.865   4.701   5.041   1.00 22.33 ? 16   GLU A O   1 
ATOM   115  C CB  . GLU A 1 16 ? 10.068  5.242   7.975   1.00 26.40 ? 16   GLU A CB  1 
ATOM   116  C CG  . GLU A 1 16 ? 10.402  4.847   9.423   1.00 32.77 ? 16   GLU A CG  1 
ATOM   117  C CD  . GLU A 1 16 ? 11.798  5.289   9.842   1.00 36.94 ? 16   GLU A CD  1 
ATOM   118  O OE1 . GLU A 1 16 ? 11.933  6.482   10.276  1.00 41.08 ? 16   GLU A OE1 1 
ATOM   119  O OE2 . GLU A 1 16 ? 12.753  4.466   9.713   1.00 38.37 ? 16   GLU A OE2 1 
ATOM   120  N N   . ILE A 1 17 ? 10.990  5.359   4.994   1.00 20.36 ? 17   ILE A N   1 
ATOM   121  C CA  . ILE A 1 17 ? 10.841  5.989   3.674   1.00 19.58 ? 17   ILE A CA  1 
ATOM   122  C C   . ILE A 1 17 ? 10.569  4.905   2.623   1.00 19.52 ? 17   ILE A C   1 
ATOM   123  O O   . ILE A 1 17 ? 9.703   5.080   1.775   1.00 18.59 ? 17   ILE A O   1 
ATOM   124  C CB  . ILE A 1 17 ? 12.059  6.850   3.273   1.00 19.83 ? 17   ILE A CB  1 
ATOM   125  C CG1 . ILE A 1 17 ? 12.204  8.048   4.185   1.00 18.77 ? 17   ILE A CG1 1 
ATOM   126  C CG2 . ILE A 1 17 ? 11.944  7.326   1.790   1.00 20.66 ? 17   ILE A CG2 1 
ATOM   127  C CD1 . ILE A 1 17 ? 13.692  8.691   4.134   1.00 22.90 ? 17   ILE A CD1 1 
ATOM   128  N N   . LYS A 1 18 ? 11.328  3.822   2.668   1.00 18.64 ? 18   LYS A N   1 
ATOM   129  C CA  . LYS A 1 18 ? 11.169  2.733   1.709   1.00 19.21 ? 18   LYS A CA  1 
ATOM   130  C C   . LYS A 1 18 ? 9.747   2.182   1.746   1.00 19.52 ? 18   LYS A C   1 
ATOM   131  O O   . LYS A 1 18 ? 9.150   1.998   0.713   1.00 19.62 ? 18   LYS A O   1 
ATOM   132  C CB  . LYS A 1 18 ? 12.196  1.631   1.926   1.00 19.65 ? 18   LYS A CB  1 
ATOM   133  C CG  . LYS A 1 18 ? 13.524  2.040   1.401   1.00 23.09 ? 18   LYS A CG  1 
ATOM   134  C CD  . LYS A 1 18 ? 14.535  0.900   1.357   1.00 28.98 ? 18   LYS A CD  1 
ATOM   135  C CE  . LYS A 1 18 ? 15.864  1.484   1.001   1.00 32.40 ? 18   LYS A CE  1 
ATOM   136  N NZ  . LYS A 1 18 ? 17.030  0.546   1.095   1.00 35.01 ? 18   LYS A NZ  1 
ATOM   137  N N   . SER A 1 19 ? 9.245   1.977   2.935   1.00 20.61 ? 19   SER A N   1 
ATOM   138  C CA  . SER A 1 19 ? 7.944   1.395   3.151   1.00 21.06 ? 19   SER A CA  1 
ATOM   139  C C   . SER A 1 19 ? 6.898   2.337   2.648   1.00 19.10 ? 19   SER A C   1 
ATOM   140  O O   . SER A 1 19 ? 6.008   1.929   1.904   1.00 19.33 ? 19   SER A O   1 
ATOM   141  C CB  . SER A 1 19 ? 7.758   1.055   4.640   1.00 21.98 ? 19   SER A CB  1 
ATOM   142  O OG  . SER A 1 19 ? 6.515   0.439   4.791   1.00 28.34 ? 19   SER A OG  1 
ATOM   143  N N   . GLN A 1 20 ? 7.013   3.602   3.000   1.00 17.25 ? 20   GLN A N   1 
ATOM   144  C CA  . GLN A 1 20 ? 6.021   4.628   2.696   1.00 16.13 ? 20   GLN A CA  1 
ATOM   145  C C   . GLN A 1 20 ? 5.939   4.946   1.204   1.00 16.10 ? 20   GLN A C   1 
ATOM   146  O O   . GLN A 1 20 ? 4.849   5.054   0.616   1.00 14.10 ? 20   GLN A O   1 
ATOM   147  C CB  . GLN A 1 20 ? 6.275   5.910   3.496   1.00 15.14 ? 20   GLN A CB  1 
ATOM   148  C CG  . GLN A 1 20 ? 6.029   5.730   5.010   1.00 14.24 ? 20   GLN A CG  1 
ATOM   149  C CD  . GLN A 1 20 ? 6.171   6.965   5.866   1.00 14.30 ? 20   GLN A CD  1 
ATOM   150  O OE1 . GLN A 1 20 ? 5.928   6.852   7.079   1.00 25.91 ? 20   GLN A OE1 1 
ATOM   151  N NE2 . GLN A 1 20 ? 6.492   8.125   5.307   1.00 17.09 ? 20   GLN A NE2 1 
ATOM   152  N N   . GLN A 1 21 ? 7.077   5.119   0.547   1.00 14.20 ? 21   GLN A N   1 
ATOM   153  C CA  . GLN A 1 21 ? 7.088   5.394   -0.850  1.00 14.51 ? 21   GLN A CA  1 
ATOM   154  C C   . GLN A 1 21 ? 6.585   4.167   -1.636  1.00 16.70 ? 21   GLN A C   1 
ATOM   155  O O   . GLN A 1 21 ? 5.890   4.366   -2.634  1.00 16.25 ? 21   GLN A O   1 
ATOM   156  C CB  . GLN A 1 21 ? 8.489   5.920   -1.325  1.00 14.65 ? 21   GLN A CB  1 
ATOM   157  C CG  . GLN A 1 21 ? 9.519   4.904   -1.424  1.00 13.13 ? 21   GLN A CG  1 
ATOM   158  C CD  . GLN A 1 21 ? 10.828  5.518   -1.847  1.00 13.63 ? 21   GLN A CD  1 
ATOM   159  O OE1 . GLN A 1 21 ? 10.964  6.720   -1.923  1.00 14.08 ? 21   GLN A OE1 1 
ATOM   160  N NE2 . GLN A 1 21 ? 11.806  4.676   -2.074  1.00 17.18 ? 21   GLN A NE2 1 
ATOM   161  N N   . SER A 1 22 ? 6.822   2.950   -1.140  1.00 17.77 ? 22   SER A N   1 
ATOM   162  C CA  . SER A 1 22 ? 6.365   1.737   -1.839  1.00 19.69 ? 22   SER A CA  1 
ATOM   163  C C   . SER A 1 22 ? 4.825   1.713   -1.754  1.00 17.85 ? 22   SER A C   1 
ATOM   164  O O   . SER A 1 22 ? 4.143   1.440   -2.755  1.00 19.58 ? 22   SER A O   1 
ATOM   165  C CB  . SER A 1 22 ? 6.935   0.458   -1.220  1.00 21.38 ? 22   SER A CB  1 
ATOM   166  O OG  . SER A 1 22 ? 6.641   -0.637  -2.050  1.00 28.59 ? 22   SER A OG  1 
ATOM   167  N N   . GLU A 1 23 ? 4.319   1.989   -0.583  1.00 17.91 ? 23   GLU A N   1 
ATOM   168  C CA  . GLU A 1 23 ? 2.870   1.934   -0.377  1.00 17.78 ? 23   GLU A CA  1 
ATOM   169  C C   . GLU A 1 23 ? 2.139   2.954   -1.271  1.00 17.14 ? 23   GLU A C   1 
ATOM   170  O O   . GLU A 1 23 ? 1.144   2.616   -1.950  1.00 15.55 ? 23   GLU A O   1 
ATOM   171  C CB  . GLU A 1 23 ? 2.539   2.137   1.059   1.00 18.25 ? 23   GLU A CB  1 
ATOM   172  C CG  . GLU A 1 23 ? 1.100   1.754   1.419   1.00 23.23 ? 23   GLU A CG  1 
ATOM   173  C CD  . GLU A 1 23 ? 0.820   1.842   2.912   1.00 28.20 ? 23   GLU A CD  1 
ATOM   174  O OE1 . GLU A 1 23 ? 1.420   1.109   3.710   1.00 34.98 ? 23   GLU A OE1 1 
ATOM   175  O OE2 . GLU A 1 23 ? 0.021   2.689   3.298   1.00 31.54 ? 23   GLU A OE2 1 
ATOM   176  N N   . VAL A 1 24 ? 2.626   4.195   -1.289  1.00 15.12 ? 24   VAL A N   1 
ATOM   177  C CA  . VAL A 1 24 ? 2.052   5.207   -2.194  1.00 14.51 ? 24   VAL A CA  1 
ATOM   178  C C   . VAL A 1 24 ? 1.999   4.703   -3.621  1.00 14.51 ? 24   VAL A C   1 
ATOM   179  O O   . VAL A 1 24 ? 0.978   4.732   -4.288  1.00 13.82 ? 24   VAL A O   1 
ATOM   180  C CB  . VAL A 1 24 ? 2.796   6.558   -2.098  1.00 15.37 ? 24   VAL A CB  1 
ATOM   181  C CG1 . VAL A 1 24 ? 2.450   7.444   -3.256  1.00 15.11 ? 24   VAL A CG1 1 
ATOM   182  C CG2 . VAL A 1 24 ? 2.570   7.203   -0.816  1.00 15.00 ? 24   VAL A CG2 1 
ATOM   183  N N   . THR A 1 25 ? 3.131   4.300   -4.184  1.00 12.56 ? 25   THR A N   1 
ATOM   184  C CA  . THR A 1 25 ? 3.130   3.926   -5.550  1.00 12.94 ? 25   THR A CA  1 
ATOM   185  C C   . THR A 1 25 ? 2.346   2.641   -5.891  1.00 11.80 ? 25   THR A C   1 
ATOM   186  O O   . THR A 1 25 ? 1.851   2.530   -6.988  1.00 13.26 ? 25   THR A O   1 
ATOM   187  C CB  . THR A 1 25 ? 4.601   3.896   -6.077  1.00 13.22 ? 25   THR A CB  1 
ATOM   188  O OG1 . THR A 1 25 ? 5.352   2.910   -5.347  1.00 15.41 ? 25   THR A OG1 1 
ATOM   189  C CG2 . THR A 1 25 ? 5.218   5.263   -5.925  1.00 16.68 ? 25   THR A CG2 1 
ATOM   190  N N   . ARG A 1 26 ? 2.311   1.658   -4.997  1.00 12.50 ? 26   ARG A N   1 
ATOM   191  C CA  . ARG A 1 26 ? 1.574   0.418   -5.192  1.00 13.10 ? 26   ARG A CA  1 
ATOM   192  C C   . ARG A 1 26 ? 0.073   0.730   -5.150  1.00 13.34 ? 26   ARG A C   1 
ATOM   193  O O   . ARG A 1 26 ? -0.717  0.119   -5.870  1.00 14.11 ? 26   ARG A O   1 
ATOM   194  C CB  . ARG A 1 26 ? 1.903   -0.604  -4.101  1.00 14.82 ? 26   ARG A CB  1 
ATOM   195  C CG  . ARG A 1 26 ? 2.898   -1.660  -4.523  1.00 18.47 ? 26   ARG A CG  1 
ATOM   196  C CD  . ARG A 1 26 ? 4.327   -1.172  -4.473  1.00 20.85 ? 26   ARG A CD  1 
ATOM   197  N NE  . ARG A 1 26 ? 5.269   -2.301  -4.451  1.00 15.53 ? 26   ARG A NE  1 
ATOM   198  C CZ  . ARG A 1 26 ? 5.995   -2.700  -5.510  1.00 20.09 ? 26   ARG A CZ  1 
ATOM   199  N NH1 . ARG A 1 26 ? 5.882   -2.054  -6.673  1.00 16.42 ? 26   ARG A NH1 1 
ATOM   200  N NH2 . ARG A 1 26 ? 6.813   -3.743  -5.388  1.00 24.20 ? 26   ARG A NH2 1 
ATOM   201  N N   . ILE A 1 27 ? -0.297  1.684   -4.301  1.00 12.11 ? 27   ILE A N   1 
ATOM   202  C CA  . ILE A 1 27 ? -1.710  2.080   -4.278  1.00 12.98 ? 27   ILE A CA  1 
ATOM   203  C C   . ILE A 1 27 ? -2.095  2.792   -5.610  1.00 13.82 ? 27   ILE A C   1 
ATOM   204  O O   . ILE A 1 27 ? -3.145  2.506   -6.198  1.00 16.06 ? 27   ILE A O   1 
ATOM   205  C CB  . ILE A 1 27 ? -2.026  2.938   -3.080  1.00 13.78 ? 27   ILE A CB  1 
ATOM   206  C CG1 . ILE A 1 27 ? -1.976  2.113   -1.802  1.00 14.94 ? 27   ILE A CG1 1 
ATOM   207  C CG2 . ILE A 1 27 ? -3.392  3.576   -3.220  1.00 16.00 ? 27   ILE A CG2 1 
ATOM   208  C CD1 . ILE A 1 27 ? -1.445  2.882   -0.610  1.00 19.43 ? 27   ILE A CD1 1 
ATOM   209  N N   . LEU A 1 28 ? -1.248  3.714   -6.092  1.00 14.31 ? 28   LEU A N   1 
ATOM   210  C CA  . LEU A 1 28 ? -1.471  4.375   -7.359  1.00 15.23 ? 28   LEU A CA  1 
ATOM   211  C C   . LEU A 1 28 ? -1.516  3.358   -8.521  1.00 16.98 ? 28   LEU A C   1 
ATOM   212  O O   . LEU A 1 28 ? -2.330  3.444   -9.429  1.00 17.05 ? 28   LEU A O   1 
ATOM   213  C CB  . LEU A 1 28 ? -0.376  5.421   -7.610  1.00 16.00 ? 28   LEU A CB  1 
ATOM   214  C CG  . LEU A 1 28 ? -0.409  6.690   -6.723  1.00 14.69 ? 28   LEU A CG  1 
ATOM   215  C CD1 . LEU A 1 28 ? 0.609   7.658   -7.097  1.00 15.43 ? 28   LEU A CD1 1 
ATOM   216  C CD2 . LEU A 1 28 ? -1.772  7.399   -6.810  1.00 13.57 ? 28   LEU A CD2 1 
ATOM   217  N N   . ASP A 1 29 ? -0.616  2.386   -8.509  1.00 16.61 ? 29   ASP A N   1 
ATOM   218  C CA  . ASP A 1 29 ? -0.556  1.355   -9.543  1.00 17.54 ? 29   ASP A CA  1 
ATOM   219  C C   . ASP A 1 29 ? -1.811  0.473   -9.530  1.00 18.01 ? 29   ASP A C   1 
ATOM   220  O O   . ASP A 1 29 ? -2.290  0.119   -10.602 1.00 19.77 ? 29   ASP A O   1 
ATOM   221  C CB  . ASP A 1 29 ? 0.649   0.467   -9.331  1.00 17.27 ? 29   ASP A CB  1 
ATOM   222  C CG  . ASP A 1 29 ? 1.923   1.163   -9.604  1.00 19.64 ? 29   ASP A CG  1 
ATOM   223  O OD1 . ASP A 1 29 ? 1.921   2.293   -10.081 1.00 17.49 ? 29   ASP A OD1 1 
ATOM   224  O OD2 . ASP A 1 29 ? 3.037   0.636   -9.385  1.00 18.12 ? 29   ASP A OD2 1 
ATOM   225  N N   . GLY A 1 30 ? -2.291  0.138   -8.345  1.00 17.32 ? 30   GLY A N   1 
ATOM   226  C CA  . GLY A 1 30 ? -3.562  -0.581  -8.119  1.00 18.45 ? 30   GLY A CA  1 
ATOM   227  C C   . GLY A 1 30 ? -4.729  0.114   -8.773  1.00 18.74 ? 30   GLY A C   1 
ATOM   228  O O   . GLY A 1 30 ? -5.644  -0.565  -9.302  1.00 20.65 ? 30   GLY A O   1 
ATOM   229  N N   . LYS A 1 31 ? -4.734  1.442   -8.728  1.00 17.92 ? 31   LYS A N   1 
ATOM   230  C CA  . LYS A 1 31 ? -5.822  2.239   -9.288  1.00 19.81 ? 31   LYS A CA  1 
ATOM   231  C C   . LYS A 1 31 ? -5.581  2.645   -10.727 1.00 19.60 ? 31   LYS A C   1 
ATOM   232  O O   . LYS A 1 31 ? -6.427  3.345   -11.311 1.00 22.95 ? 31   LYS A O   1 
ATOM   233  C CB  . LYS A 1 31 ? -6.049  3.469   -8.427  1.00 18.72 ? 31   LYS A CB  1 
ATOM   234  C CG  . LYS A 1 31 ? -6.588  3.155   -7.041  1.00 20.95 ? 31   LYS A CG  1 
ATOM   235  C CD  . LYS A 1 31 ? -6.751  4.380   -6.175  1.00 22.12 ? 31   LYS A CD  1 
ATOM   236  C CE  . LYS A 1 31 ? -7.938  5.209   -6.683  1.00 24.82 ? 31   LYS A CE  1 
ATOM   237  N NZ  . LYS A 1 31 ? -9.272  4.880   -6.073  1.00 27.81 ? 31   LYS A NZ  1 
ATOM   238  N N   . ARG A 1 32 ? -4.425  2.257   -11.299 1.00 19.94 ? 32   ARG A N   1 
ATOM   239  C CA  . ARG A 1 32 ? -4.058  2.552   -12.681 1.00 19.62 ? 32   ARG A CA  1 
ATOM   240  C C   . ARG A 1 32 ? -3.884  4.062   -12.910 1.00 19.92 ? 32   ARG A C   1 
ATOM   241  O O   . ARG A 1 32 ? -4.157  4.587   -13.989 1.00 22.36 ? 32   ARG A O   1 
ATOM   242  C CB  . ARG A 1 32 ? -5.058  1.939   -13.693 1.00 21.02 ? 32   ARG A CB  1 
ATOM   243  C CG  . ARG A 1 32 ? -5.058  0.458   -13.647 1.00 22.33 ? 32   ARG A CG  1 
ATOM   244  C CD  . ARG A 1 32 ? -5.676  -0.227  -14.852 1.00 26.55 ? 32   ARG A CD  1 
ATOM   245  N NE  . ARG A 1 32 ? -6.063  -1.585  -14.482 1.00 25.12 ? 32   ARG A NE  1 
ATOM   246  C CZ  . ARG A 1 32 ? -7.173  -1.893  -13.806 1.00 29.39 ? 32   ARG A CZ  1 
ATOM   247  N NH1 . ARG A 1 32 ? -8.052  -0.964  -13.442 1.00 31.97 ? 32   ARG A NH1 1 
ATOM   248  N NH2 . ARG A 1 32 ? -7.420  -3.137  -13.504 1.00 28.33 ? 32   ARG A NH2 1 
ATOM   249  N N   . ILE A 1 33 ? -3.398  4.765   -11.886 1.00 18.69 ? 33   ILE A N   1 
ATOM   250  C CA  . ILE A 1 33 ? -3.155  6.186   -11.954 1.00 17.77 ? 33   ILE A CA  1 
ATOM   251  C C   . ILE A 1 33 ? -1.694  6.354   -12.392 1.00 19.21 ? 33   ILE A C   1 
ATOM   252  O O   . ILE A 1 33 ? -0.808  5.833   -11.784 1.00 19.85 ? 33   ILE A O   1 
ATOM   253  C CB  . ILE A 1 33 ? -3.458  6.871   -10.623 1.00 17.44 ? 33   ILE A CB  1 
ATOM   254  C CG1 . ILE A 1 33 ? -4.978  6.768   -10.317 1.00 19.90 ? 33   ILE A CG1 1 
ATOM   255  C CG2 . ILE A 1 33 ? -3.062  8.332   -10.672 1.00 16.57 ? 33   ILE A CG2 1 
ATOM   256  C CD1 . ILE A 1 33 ? -5.320  7.157   -8.950  1.00 22.36 ? 33   ILE A CD1 1 
ATOM   257  N N   . GLN A 1 34 ? -1.535  7.058   -13.486 1.00 21.28 ? 34   GLN A N   1 
ATOM   258  C CA  . GLN A 1 34 ? -0.251  7.368   -14.067 1.00 22.60 ? 34   GLN A CA  1 
ATOM   259  C C   . GLN A 1 34 ? 0.432   8.478   -13.261 1.00 20.02 ? 34   GLN A C   1 
ATOM   260  O O   . GLN A 1 34 ? -0.236  9.444   -12.811 1.00 19.87 ? 34   GLN A O   1 
ATOM   261  C CB  . GLN A 1 34 ? -0.515  7.840   -15.499 1.00 23.79 ? 34   GLN A CB  1 
ATOM   262  C CG  . GLN A 1 34 ? -1.614  8.958   -15.699 1.00 30.15 ? 34   GLN A CG  1 
ATOM   263  C CD  . GLN A 1 34 ? -3.120  8.601   -15.316 1.00 33.37 ? 34   GLN A CD  1 
ATOM   264  O OE1 . GLN A 1 34 ? -3.745  9.310   -14.527 1.00 39.93 ? 34   GLN A OE1 1 
ATOM   265  N NE2 . GLN A 1 34 ? -3.674  7.565   -15.918 1.00 40.43 ? 34   GLN A NE2 1 
ATOM   266  N N   . TYR A 1 35 ? 1.761   8.389   -13.094 1.00 17.60 ? 35   TYR A N   1 
ATOM   267  C CA  . TYR A 1 35 ? 2.482   9.418   -12.413 1.00 17.05 ? 35   TYR A CA  1 
ATOM   268  C C   . TYR A 1 35 ? 3.952   9.281   -12.893 1.00 16.48 ? 35   TYR A C   1 
ATOM   269  O O   . TYR A 1 35 ? 4.373   8.215   -13.271 1.00 17.51 ? 35   TYR A O   1 
ATOM   270  C CB  . TYR A 1 35 ? 2.444   9.246   -10.865 1.00 16.80 ? 35   TYR A CB  1 
ATOM   271  C CG  . TYR A 1 35 ? 2.872   7.895   -10.403 1.00 17.66 ? 35   TYR A CG  1 
ATOM   272  C CD1 . TYR A 1 35 ? 2.018   6.815   -10.452 1.00 15.22 ? 35   TYR A CD1 1 
ATOM   273  C CD2 . TYR A 1 35 ? 4.103   7.696   -9.841  1.00 15.94 ? 35   TYR A CD2 1 
ATOM   274  C CE1 . TYR A 1 35 ? 2.418   5.562   -9.983  1.00 16.89 ? 35   TYR A CE1 1 
ATOM   275  C CE2 . TYR A 1 35 ? 4.507   6.489   -9.346  1.00 15.98 ? 35   TYR A CE2 1 
ATOM   276  C CZ  . TYR A 1 35 ? 3.650   5.401   -9.418  1.00 14.38 ? 35   TYR A CZ  1 
ATOM   277  O OH  . TYR A 1 35 ? 4.053   4.200   -8.884  1.00 18.28 ? 35   TYR A OH  1 
ATOM   278  N N   . GLN A 1 36 ? 4.670   10.355  -12.846 1.00 16.59 ? 36   GLN A N   1 
ATOM   279  C CA  . GLN A 1 36 ? 6.115   10.361  -13.031 1.00 16.62 ? 36   GLN A CA  1 
ATOM   280  C C   . GLN A 1 36 ? 6.789   10.123  -11.684 1.00 16.62 ? 36   GLN A C   1 
ATOM   281  O O   . GLN A 1 36 ? 6.549   10.837  -10.711 1.00 16.93 ? 36   GLN A O   1 
ATOM   282  C CB  . GLN A 1 36 ? 6.548   11.708  -13.594 1.00 17.19 ? 36   GLN A CB  1 
ATOM   283  C CG  . GLN A 1 36 ? 8.058   11.762  -13.868 1.00 21.67 ? 36   GLN A CG  1 
ATOM   284  C CD  . GLN A 1 36 ? 8.543   13.159  -14.232 1.00 28.45 ? 36   GLN A CD  1 
ATOM   285  O OE1 . GLN A 1 36 ? 7.731   14.124  -14.424 1.00 29.19 ? 36   GLN A OE1 1 
ATOM   286  N NE2 . GLN A 1 36 ? 9.878   13.276  -14.378 1.00 27.37 ? 36   GLN A NE2 1 
ATOM   287  N N   . LEU A 1 37 ? 7.700   9.150   -11.612 1.00 18.06 ? 37   LEU A N   1 
ATOM   288  C CA  . LEU A 1 37 ? 8.408   8.872   -10.422 1.00 17.71 ? 37   LEU A CA  1 
ATOM   289  C C   . LEU A 1 37 ? 9.721   9.651   -10.504 1.00 18.91 ? 37   LEU A C   1 
ATOM   290  O O   . LEU A 1 37 ? 10.451  9.434   -11.440 1.00 19.87 ? 37   LEU A O   1 
ATOM   291  C CB  . LEU A 1 37 ? 8.655   7.357   -10.282 1.00 19.13 ? 37   LEU A CB  1 
ATOM   292  C CG  . LEU A 1 37 ? 9.240   6.869   -8.954  1.00 20.25 ? 37   LEU A CG  1 
ATOM   293  C CD1 . LEU A 1 37 ? 8.267   7.100   -7.770  1.00 20.44 ? 37   LEU A CD1 1 
ATOM   294  C CD2 . LEU A 1 37 ? 9.645   5.352   -9.069  1.00 22.17 ? 37   LEU A CD2 1 
ATOM   295  N N   . VAL A 1 38 ? 9.923   10.575  -9.576  1.00 17.00 ? 38   VAL A N   1 
ATOM   296  C CA  . VAL A 1 38 ? 11.128  11.462  -9.509  1.00 18.63 ? 38   VAL A CA  1 
ATOM   297  C C   . VAL A 1 38 ? 12.017  10.952  -8.396  1.00 19.15 ? 38   VAL A C   1 
ATOM   298  O O   . VAL A 1 38 ? 11.570  10.851  -7.258  1.00 22.02 ? 38   VAL A O   1 
ATOM   299  C CB  . VAL A 1 38 ? 10.756  12.932  -9.185  1.00 18.22 ? 38   VAL A CB  1 
ATOM   300  C CG1 . VAL A 1 38 ? 12.026  13.847  -9.149  1.00 22.41 ? 38   VAL A CG1 1 
ATOM   301  C CG2 . VAL A 1 38 ? 9.766   13.485  -10.203 1.00 18.31 ? 38   VAL A CG2 1 
ATOM   302  N N   . ASP A 1 39 ? 13.296  10.681  -8.662  1.00 18.14 ? 39   ASP A N   1 
ATOM   303  C CA  . ASP A 1 39 ? 14.206  10.122  -7.707  1.00 17.94 ? 39   ASP A CA  1 
ATOM   304  C C   . ASP A 1 39 ? 15.127  11.260  -7.257  1.00 17.38 ? 39   ASP A C   1 
ATOM   305  O O   . ASP A 1 39 ? 15.938  11.738  -8.048  1.00 18.09 ? 39   ASP A O   1 
ATOM   306  C CB  . ASP A 1 39 ? 14.992  9.024   -8.431  1.00 17.64 ? 39   ASP A CB  1 
ATOM   307  C CG  . ASP A 1 39 ? 16.093  8.405   -7.600  1.00 20.17 ? 39   ASP A CG  1 
ATOM   308  O OD1 . ASP A 1 39 ? 16.234  8.741   -6.402  1.00 17.53 ? 39   ASP A OD1 1 
ATOM   309  O OD2 . ASP A 1 39 ? 16.841  7.553   -8.163  1.00 20.11 ? 39   ASP A OD2 1 
ATOM   310  N N   . ILE A 1 40 ? 15.000  11.695  -6.023  1.00 16.16 ? 40   ILE A N   1 
ATOM   311  C CA  . ILE A 1 40 ? 15.724  12.865  -5.551  1.00 17.20 ? 40   ILE A CA  1 
ATOM   312  C C   . ILE A 1 40 ? 17.196  12.555  -5.279  1.00 19.85 ? 40   ILE A C   1 
ATOM   313  O O   . ILE A 1 40 ? 17.932  13.460  -5.018  1.00 21.17 ? 40   ILE A O   1 
ATOM   314  C CB  . ILE A 1 40 ? 15.159  13.502  -4.301  1.00 17.39 ? 40   ILE A CB  1 
ATOM   315  C CG1 . ILE A 1 40 ? 15.208  12.582  -3.092  1.00 15.90 ? 40   ILE A CG1 1 
ATOM   316  C CG2 . ILE A 1 40 ? 13.684  13.973  -4.526  1.00 15.93 ? 40   ILE A CG2 1 
ATOM   317  C CD1 . ILE A 1 40 ? 14.782  13.307  -1.841  1.00 19.93 ? 40   ILE A CD1 1 
ATOM   318  N N   . SER A 1 41 ? 17.589  11.306  -5.275  1.00 20.76 ? 41   SER A N   1 
ATOM   319  C CA  . SER A 1 41 ? 18.996  11.003  -5.035  1.00 23.14 ? 41   SER A CA  1 
ATOM   320  C C   . SER A 1 41 ? 19.855  11.340  -6.245  1.00 24.39 ? 41   SER A C   1 
ATOM   321  O O   . SER A 1 41 ? 21.037  11.442  -6.106  1.00 28.25 ? 41   SER A O   1 
ATOM   322  C CB  . SER A 1 41 ? 19.146  9.572   -4.563  1.00 21.41 ? 41   SER A CB  1 
ATOM   323  O OG  . SER A 1 41 ? 18.863  8.712   -5.625  1.00 24.87 ? 41   SER A OG  1 
ATOM   324  N N   . GLN A 1 42 ? 19.227  11.555  -7.391  1.00 27.71 ? 42   GLN A N   1 
ATOM   325  C CA  . GLN A 1 42 ? 19.834  11.869  -8.691  1.00 29.71 ? 42   GLN A CA  1 
ATOM   326  C C   . GLN A 1 42 ? 20.323  13.310  -8.747  1.00 29.96 ? 42   GLN A C   1 
ATOM   327  O O   . GLN A 1 42 ? 21.383  13.589  -9.362  1.00 29.90 ? 42   GLN A O   1 
ATOM   328  C CB  . GLN A 1 42 ? 18.832  11.670  -9.854  1.00 30.57 ? 42   GLN A CB  1 
ATOM   329  C CG  . GLN A 1 42 ? 18.345  10.217  -10.081 1.00 33.85 ? 42   GLN A CG  1 
ATOM   330  C CD  . GLN A 1 42 ? 19.362  9.338   -10.788 1.00 36.82 ? 42   GLN A CD  1 
ATOM   331  O OE1 . GLN A 1 42 ? 20.149  8.627   -10.142 1.00 39.98 ? 42   GLN A OE1 1 
ATOM   332  N NE2 . GLN A 1 42 ? 19.335  9.360   -12.108 1.00 39.26 ? 42   GLN A NE2 1 
ATOM   333  N N   . ASP A 1 43 ? 19.683  14.142  -7.941  1.00 28.96 ? 43   ASP A N   1 
ATOM   334  C CA  . ASP A 1 43 ? 20.325  15.451  -7.585  1.00 28.64 ? 43   ASP A CA  1 
ATOM   335  C C   . ASP A 1 43 ? 19.563  16.295  -6.581  1.00 26.45 ? 43   ASP A C   1 
ATOM   336  O O   . ASP A 1 43 ? 18.339  16.243  -6.429  1.00 24.72 ? 43   ASP A O   1 
ATOM   337  C CB  . ASP A 1 43 ? 20.713  16.221  -8.838  1.00 30.50 ? 43   ASP A CB  1 
ATOM   338  C CG  . ASP A 1 43 ? 19.608  17.012  -9.457  1.00 33.83 ? 43   ASP A CG  1 
ATOM   339  O OD1 . ASP A 1 43 ? 18.554  16.423  -9.736  1.00 40.09 ? 43   ASP A OD1 1 
ATOM   340  O OD2 . ASP A 1 43 ? 19.779  18.223  -9.677  1.00 39.81 ? 43   ASP A OD2 1 
ATOM   341  N N   . ASN A 1 44 ? 20.364  17.077  -5.887  1.00 24.13 ? 44   ASN A N   1 
ATOM   342  C CA  . ASN A 1 44 ? 19.837  17.841  -4.744  1.00 23.19 ? 44   ASN A CA  1 
ATOM   343  C C   . ASN A 1 44 ? 18.886  18.958  -5.178  1.00 21.95 ? 44   ASN A C   1 
ATOM   344  O O   . ASN A 1 44 ? 18.108  19.429  -4.343  1.00 19.60 ? 44   ASN A O   1 
ATOM   345  C CB  . ASN A 1 44 ? 20.951  18.423  -3.875  1.00 24.32 ? 44   ASN A CB  1 
ATOM   346  C CG  . ASN A 1 44 ? 21.688  17.391  -3.110  1.00 25.10 ? 44   ASN A CG  1 
ATOM   347  O OD1 . ASN A 1 44 ? 22.853  17.617  -2.747  1.00 31.59 ? 44   ASN A OD1 1 
ATOM   348  N ND2 . ASN A 1 44 ? 21.073  16.244  -2.864  1.00 27.77 ? 44   ASN A ND2 1 
ATOM   349  N N   . ALA A 1 45 ? 18.986  19.370  -6.434  1.00 19.30 ? 45   ALA A N   1 
ATOM   350  C CA  . ALA A 1 45 ? 18.084  20.363  -6.918  1.00 18.04 ? 45   ALA A CA  1 
ATOM   351  C C   . ALA A 1 45 ? 16.671  19.769  -6.899  1.00 18.20 ? 45   ALA A C   1 
ATOM   352  O O   . ALA A 1 45 ? 15.696  20.509  -6.732  1.00 17.65 ? 45   ALA A O   1 
ATOM   353  C CB  . ALA A 1 45 ? 18.440  20.818  -8.324  1.00 19.39 ? 45   ALA A CB  1 
ATOM   354  N N   . LEU A 1 46 ? 16.545  18.445  -7.062  1.00 18.27 ? 46   LEU A N   1 
ATOM   355  C CA  . LEU A 1 46 ? 15.209  17.846  -7.002  1.00 16.91 ? 46   LEU A CA  1 
ATOM   356  C C   . LEU A 1 46 ? 14.719  17.765  -5.568  1.00 17.23 ? 46   LEU A C   1 
ATOM   357  O O   . LEU A 1 46 ? 13.561  18.041  -5.292  1.00 15.31 ? 46   LEU A O   1 
ATOM   358  C CB  . LEU A 1 46 ? 15.203  16.450  -7.630  1.00 16.87 ? 46   LEU A CB  1 
ATOM   359  C CG  . LEU A 1 46 ? 15.485  16.442  -9.127  1.00 20.02 ? 46   LEU A CG  1 
ATOM   360  C CD1 . LEU A 1 46 ? 15.748  15.016  -9.629  1.00 21.97 ? 46   LEU A CD1 1 
ATOM   361  C CD2 . LEU A 1 46 ? 14.345  17.079  -9.894  1.00 22.84 ? 46   LEU A CD2 1 
ATOM   362  N N   . ARG A 1 47 ? 15.590  17.387  -4.651  1.00 16.60 ? 47   ARG A N   1 
ATOM   363  C CA  . ARG A 1 47 ? 15.246  17.391  -3.240  1.00 15.57 ? 47   ARG A CA  1 
ATOM   364  C C   . ARG A 1 47 ? 14.803  18.813  -2.821  1.00 14.86 ? 47   ARG A C   1 
ATOM   365  O O   . ARG A 1 47 ? 13.785  18.998  -2.098  1.00 15.29 ? 47   ARG A O   1 
ATOM   366  C CB  . ARG A 1 47 ? 16.398  16.948  -2.397  1.00 15.48 ? 47   ARG A CB  1 
ATOM   367  C CG  . ARG A 1 47 ? 16.038  16.824  -0.976  1.00 17.11 ? 47   ARG A CG  1 
ATOM   368  C CD  . ARG A 1 47 ? 17.171  16.349  -0.091  1.00 20.55 ? 47   ARG A CD  1 
ATOM   369  N NE  . ARG A 1 47 ? 18.243  17.306  -0.187  1.00 24.71 ? 47   ARG A NE  1 
ATOM   370  C CZ  . ARG A 1 47 ? 19.486  17.089  0.190   1.00 26.09 ? 47   ARG A CZ  1 
ATOM   371  N NH1 . ARG A 1 47 ? 19.843  15.948  0.750   1.00 29.20 ? 47   ARG A NH1 1 
ATOM   372  N NH2 . ARG A 1 47 ? 20.360  18.047  0.020   1.00 27.38 ? 47   ARG A NH2 1 
ATOM   373  N N   . ASP A 1 48 ? 15.525  19.829  -3.312  1.00 15.02 ? 48   ASP A N   1 
ATOM   374  C CA  . ASP A 1 48 ? 15.215  21.232  -3.052  1.00 15.02 ? 48   ASP A CA  1 
ATOM   375  C C   . ASP A 1 48 ? 13.786  21.552  -3.536  1.00 13.87 ? 48   ASP A C   1 
ATOM   376  O O   . ASP A 1 48 ? 13.048  22.195  -2.810  1.00 14.55 ? 48   ASP A O   1 
ATOM   377  C CB  . ASP A 1 48 ? 16.102  22.142  -3.833  1.00 13.63 ? 48   ASP A CB  1 
ATOM   378  C CG  . ASP A 1 48 ? 17.495  22.202  -3.318  1.00 20.28 ? 48   ASP A CG  1 
ATOM   379  O OD1 . ASP A 1 48 ? 17.761  21.836  -2.175  1.00 20.48 ? 48   ASP A OD1 1 
ATOM   380  O OD2 . ASP A 1 48 ? 18.391  22.705  -4.034  1.00 20.38 ? 48   ASP A OD2 1 
ATOM   381  N N   . GLU A 1 49 ? 13.447  21.123  -4.752  1.00 13.73 ? 49   GLU A N   1 
ATOM   382  C CA  . GLU A 1 49 ? 12.128  21.379  -5.292  1.00 13.90 ? 49   GLU A CA  1 
ATOM   383  C C   . GLU A 1 49 ? 11.056  20.723  -4.443  1.00 12.69 ? 49   GLU A C   1 
ATOM   384  O O   . GLU A 1 49 ? 10.044  21.348  -4.130  1.00 15.12 ? 49   GLU A O   1 
ATOM   385  C CB  . GLU A 1 49 ? 12.098  20.857  -6.755  1.00 15.59 ? 49   GLU A CB  1 
ATOM   386  C CG  . GLU A 1 49 ? 10.801  20.791  -7.522  1.00 20.46 ? 49   GLU A CG  1 
ATOM   387  C CD  . GLU A 1 49 ? 11.080  20.271  -8.920  1.00 29.96 ? 49   GLU A CD  1 
ATOM   388  O OE1 . GLU A 1 49 ? 11.459  21.072  -9.806  1.00 34.39 ? 49   GLU A OE1 1 
ATOM   389  O OE2 . GLU A 1 49 ? 10.923  19.060  -9.126  1.00 30.39 ? 49   GLU A OE2 1 
ATOM   390  N N   . MET A 1 50 ? 11.286  19.461  -4.060  1.00 14.50 ? 50   MET A N   1 
ATOM   391  C CA  . MET A 1 50 ? 10.307  18.746  -3.238  1.00 11.80 ? 50   MET A CA  1 
ATOM   392  C C   . MET A 1 50 ? 10.064  19.492  -1.929  1.00 13.20 ? 50   MET A C   1 
ATOM   393  O O   . MET A 1 50 ? 8.967   19.596  -1.443  1.00 12.97 ? 50   MET A O   1 
ATOM   394  C CB  . MET A 1 50 ? 10.880  17.378  -2.933  1.00 12.12 ? 50   MET A CB  1 
ATOM   395  C CG  . MET A 1 50 ? 10.012  16.468  -2.099  1.00 14.28 ? 50   MET A CG  1 
ATOM   396  S SD  . MET A 1 50 ? 10.827  14.939  -1.554  1.00 15.26 ? 50   MET A SD  1 
ATOM   397  C CE  . MET A 1 50 ? 11.755  15.600  -0.261  1.00 18.74 ? 50   MET A CE  1 
ATOM   398  N N   . ARG A 1 51 ? 11.108  20.000  -1.333  1.00 12.04 ? 51   ARG A N   1 
ATOM   399  C CA  . ARG A 1 51 ? 10.995  20.591  -0.017  1.00 12.79 ? 51   ARG A CA  1 
ATOM   400  C C   . ARG A 1 51 ? 10.284  21.947  -0.099  1.00 13.73 ? 51   ARG A C   1 
ATOM   401  O O   . ARG A 1 51 ? 9.518   22.272  0.823   1.00 11.78 ? 51   ARG A O   1 
ATOM   402  C CB  . ARG A 1 51 ? 12.389  20.709  0.657   1.00 13.20 ? 51   ARG A CB  1 
ATOM   403  C CG  . ARG A 1 51 ? 12.831  19.380  1.201   1.00 15.61 ? 51   ARG A CG  1 
ATOM   404  C CD  . ARG A 1 51 ? 14.235  19.339  1.784   1.00 14.83 ? 51   ARG A CD  1 
ATOM   405  N NE  . ARG A 1 51 ? 14.379  18.170  2.596   1.00 15.42 ? 51   ARG A NE  1 
ATOM   406  C CZ  . ARG A 1 51 ? 15.492  17.766  3.178   1.00 18.45 ? 51   ARG A CZ  1 
ATOM   407  N NH1 . ARG A 1 51 ? 16.623  18.412  2.986   1.00 17.42 ? 51   ARG A NH1 1 
ATOM   408  N NH2 . ARG A 1 51 ? 15.470  16.675  3.930   1.00 22.50 ? 51   ARG A NH2 1 
ATOM   409  N N   . THR A 1 52 ? 10.554  22.740  -1.169  1.00 13.10 ? 52   THR A N   1 
ATOM   410  C CA  . THR A 1 52 ? 9.900   24.025  -1.226  1.00 12.74 ? 52   THR A CA  1 
ATOM   411  C C   . THR A 1 52 ? 8.426   23.790  -1.580  1.00 13.19 ? 52   THR A C   1 
ATOM   412  O O   . THR A 1 52 ? 7.565   24.538  -1.100  1.00 14.22 ? 52   THR A O   1 
ATOM   413  C CB  . THR A 1 52 ? 10.625  25.039  -2.131  1.00 14.66 ? 52   THR A CB  1 
ATOM   414  O OG1 . THR A 1 52 ? 10.223  26.361  -1.765  1.00 15.40 ? 52   THR A OG1 1 
ATOM   415  C CG2 . THR A 1 52 ? 10.286  24.766  -3.594  1.00 15.18 ? 52   THR A CG2 1 
ATOM   416  N N   . LEU A 1 53 ? 8.136   22.786  -2.394  1.00 12.34 ? 53   LEU A N   1 
ATOM   417  C CA  . LEU A 1 53 ? 6.714   22.531  -2.699  1.00 14.43 ? 53   LEU A CA  1 
ATOM   418  C C   . LEU A 1 53 ? 5.950   22.033  -1.491  1.00 14.86 ? 53   LEU A C   1 
ATOM   419  O O   . LEU A 1 53 ? 4.727   22.371  -1.322  1.00 13.94 ? 53   LEU A O   1 
ATOM   420  C CB  . LEU A 1 53 ? 6.568   21.518  -3.848  1.00 16.40 ? 53   LEU A CB  1 
ATOM   421  C CG  . LEU A 1 53 ? 7.105   22.048  -5.213  1.00 19.23 ? 53   LEU A CG  1 
ATOM   422  C CD1 . LEU A 1 53 ? 7.222   20.941  -6.229  1.00 22.77 ? 53   LEU A CD1 1 
ATOM   423  C CD2 . LEU A 1 53 ? 6.330   23.218  -5.696  1.00 22.29 ? 53   LEU A CD2 1 
ATOM   424  N N   . ALA A 1 54 ? 6.591   21.187  -0.675  1.00 11.99 ? 54   ALA A N   1 
ATOM   425  C CA  . ALA A 1 54 ? 6.026   20.642  0.569   1.00 13.08 ? 54   ALA A CA  1 
ATOM   426  C C   . ALA A 1 54 ? 5.976   21.663  1.713   1.00 13.28 ? 54   ALA A C   1 
ATOM   427  O O   . ALA A 1 54 ? 5.440   21.368  2.800   1.00 13.86 ? 54   ALA A O   1 
ATOM   428  C CB  . ALA A 1 54 ? 6.776   19.406  1.024   1.00 13.06 ? 54   ALA A CB  1 
ATOM   429  N N   . GLY A 1 55 ? 6.654   22.803  1.533   1.00 13.65 ? 55   GLY A N   1 
ATOM   430  C CA  . GLY A 1 55 ? 6.697   23.824  2.536   1.00 14.16 ? 55   GLY A CA  1 
ATOM   431  C C   . GLY A 1 55 ? 7.439   23.435  3.789   1.00 15.55 ? 55   GLY A C   1 
ATOM   432  O O   . GLY A 1 55 ? 7.128   23.954  4.855   1.00 17.45 ? 55   GLY A O   1 
ATOM   433  N N   . ASN A 1 56 ? 8.443   22.566  3.699   1.00 14.53 ? 56   ASN A N   1 
ATOM   434  C CA  . ASN A 1 56 ? 9.074   22.001  4.900   1.00 14.39 ? 56   ASN A CA  1 
ATOM   435  C C   . ASN A 1 56 ? 10.541  21.656  4.569   1.00 14.03 ? 56   ASN A C   1 
ATOM   436  O O   . ASN A 1 56 ? 10.785  20.715  3.810   1.00 15.34 ? 56   ASN A O   1 
ATOM   437  C CB  . ASN A 1 56 ? 8.308   20.759  5.336   1.00 15.72 ? 56   ASN A CB  1 
ATOM   438  C CG  . ASN A 1 56 ? 8.908   20.095  6.582   1.00 16.79 ? 56   ASN A CG  1 
ATOM   439  O OD1 . ASN A 1 56 ? 9.981   20.484  7.044   1.00 20.10 ? 56   ASN A OD1 1 
ATOM   440  N ND2 . ASN A 1 56 ? 8.231   19.067  7.101   1.00 22.76 ? 56   ASN A ND2 1 
ATOM   441  N N   . PRO A 1 57 ? 11.493  22.395  5.112   1.00 14.39 ? 57   PRO A N   1 
ATOM   442  C CA  . PRO A 1 57 ? 12.915  22.103  4.802   1.00 16.04 ? 57   PRO A CA  1 
ATOM   443  C C   . PRO A 1 57 ? 13.437  20.753  5.323   1.00 16.75 ? 57   PRO A C   1 
ATOM   444  O O   . PRO A 1 57 ? 14.600  20.352  5.036   1.00 16.39 ? 57   PRO A O   1 
ATOM   445  C CB  . PRO A 1 57 ? 13.671  23.277  5.454   1.00 17.12 ? 57   PRO A CB  1 
ATOM   446  C CG  . PRO A 1 57 ? 12.788  23.905  6.362   1.00 17.93 ? 57   PRO A CG  1 
ATOM   447  C CD  . PRO A 1 57 ? 11.378  23.493  6.054   1.00 13.98 ? 57   PRO A CD  1 
ATOM   448  N N   . LYS A 1 58 ? 12.617  20.050  6.076   1.00 15.64 ? 58   LYS A N   1 
ATOM   449  C CA  . LYS A 1 58 ? 12.958  18.714  6.532   1.00 15.26 ? 58   LYS A CA  1 
ATOM   450  C C   . LYS A 1 58 ? 12.166  17.552  5.899   1.00 15.71 ? 58   LYS A C   1 
ATOM   451  O O   . LYS A 1 58 ? 12.303  16.391  6.287   1.00 16.01 ? 58   LYS A O   1 
ATOM   452  C CB  . LYS A 1 58 ? 12.885  18.658  8.059   1.00 18.46 ? 58   LYS A CB  1 
ATOM   453  C CG  . LYS A 1 58 ? 13.903  19.552  8.732   1.00 21.53 ? 58   LYS A CG  1 
ATOM   454  C CD  . LYS A 1 58 ? 13.791  19.368  10.242  1.00 30.57 ? 58   LYS A CD  1 
ATOM   455  C CE  . LYS A 1 58 ? 15.108  19.596  10.973  1.00 35.77 ? 58   LYS A CE  1 
ATOM   456  N NZ  . LYS A 1 58 ? 15.124  18.774  12.248  1.00 40.92 ? 58   LYS A NZ  1 
ATOM   457  N N   . ALA A 1 59 ? 11.334  17.890  4.914   1.00 15.58 ? 59   ALA A N   1 
ATOM   458  C CA  . ALA A 1 59 ? 10.524  16.924  4.196   1.00 14.92 ? 59   ALA A CA  1 
ATOM   459  C C   . ALA A 1 59 ? 11.356  15.821  3.572   1.00 17.11 ? 59   ALA A C   1 
ATOM   460  O O   . ALA A 1 59 ? 12.415  16.062  3.010   1.00 16.51 ? 59   ALA A O   1 
ATOM   461  C CB  . ALA A 1 59 ? 9.725   17.636  3.119   1.00 15.45 ? 59   ALA A CB  1 
ATOM   462  N N   . THR A 1 60 ? 10.843  14.608  3.671   1.00 16.44 ? 60   THR A N   1 
ATOM   463  C CA  . THR A 1 60 ? 11.430  13.408  3.054   1.00 17.17 ? 60   THR A CA  1 
ATOM   464  C C   . THR A 1 60 ? 10.395  12.797  2.115   1.00 15.44 ? 60   THR A C   1 
ATOM   465  O O   . THR A 1 60 ? 9.149   13.005  2.296   1.00 15.56 ? 60   THR A O   1 
ATOM   466  C CB  . THR A 1 60 ? 11.823  12.328  4.099   1.00 16.49 ? 60   THR A CB  1 
ATOM   467  O OG1 . THR A 1 60 ? 10.686  11.995  4.920   1.00 21.66 ? 60   THR A OG1 1 
ATOM   468  C CG2 . THR A 1 60 ? 12.851  12.848  5.061   1.00 20.98 ? 60   THR A CG2 1 
ATOM   469  N N   . PRO A 1 61 ? 10.826  11.977  1.185   1.00 15.63 ? 61   PRO A N   1 
ATOM   470  C CA  . PRO A 1 61 ? 9.865   11.208  0.344   1.00 15.04 ? 61   PRO A CA  1 
ATOM   471  C C   . PRO A 1 61 ? 9.036   10.228  1.200   1.00 16.38 ? 61   PRO A C   1 
ATOM   472  O O   . PRO A 1 61 ? 9.453   9.848   2.296   1.00 15.56 ? 61   PRO A O   1 
ATOM   473  C CB  . PRO A 1 61 ? 10.739  10.426  -0.631  1.00 17.78 ? 61   PRO A CB  1 
ATOM   474  C CG  . PRO A 1 61 ? 12.106  11.069  -0.550  1.00 14.68 ? 61   PRO A CG  1 
ATOM   475  C CD  . PRO A 1 61 ? 12.228  11.667  0.801   1.00 14.44 ? 61   PRO A CD  1 
ATOM   476  N N   . PRO A 1 62 ? 7.870   9.829   0.722   1.00 14.78 ? 62   PRO A N   1 
ATOM   477  C CA  . PRO A 1 62 ? 7.251   10.310  -0.532  1.00 15.40 ? 62   PRO A CA  1 
ATOM   478  C C   . PRO A 1 62 ? 6.522   11.651  -0.405  1.00 13.79 ? 62   PRO A C   1 
ATOM   479  O O   . PRO A 1 62 ? 5.998   12.041  0.633   1.00 14.09 ? 62   PRO A O   1 
ATOM   480  C CB  . PRO A 1 62 ? 6.205   9.230   -0.818  1.00 14.75 ? 62   PRO A CB  1 
ATOM   481  C CG  . PRO A 1 62 ? 5.826   8.723   0.586   1.00 16.24 ? 62   PRO A CG  1 
ATOM   482  C CD  . PRO A 1 62 ? 7.079   8.763   1.365   1.00 17.38 ? 62   PRO A CD  1 
ATOM   483  N N   . GLN A 1 63 ? 6.519   12.398  -1.493  1.00 13.35 ? 63   GLN A N   1 
ATOM   484  C CA  . GLN A 1 63 ? 5.706   13.602  -1.606  1.00 13.75 ? 63   GLN A CA  1 
ATOM   485  C C   . GLN A 1 63 ? 5.095   13.603  -2.972  1.00 14.14 ? 63   GLN A C   1 
ATOM   486  O O   . GLN A 1 63 ? 5.646   13.171  -3.959  1.00 15.51 ? 63   GLN A O   1 
ATOM   487  C CB  . GLN A 1 63 ? 6.577   14.849  -1.422  1.00 12.80 ? 63   GLN A CB  1 
ATOM   488  C CG  . GLN A 1 63 ? 7.400   14.968  -0.091  1.00 13.19 ? 63   GLN A CG  1 
ATOM   489  C CD  . GLN A 1 63 ? 6.595   15.231  1.142   1.00 15.28 ? 63   GLN A CD  1 
ATOM   490  O OE1 . GLN A 1 63 ? 7.005   14.879  2.278   1.00 17.06 ? 63   GLN A OE1 1 
ATOM   491  N NE2 . GLN A 1 63 ? 5.425   15.782  0.945   1.00 11.48 ? 63   GLN A NE2 1 
ATOM   492  N N   . ILE A 1 64 ? 3.841   14.064  -3.036  1.00 14.22 ? 64   ILE A N   1 
ATOM   493  C CA  . ILE A 1 64 ? 3.074   13.992  -4.230  1.00 15.37 ? 64   ILE A CA  1 
ATOM   494  C C   . ILE A 1 64 ? 2.652   15.389  -4.684  1.00 14.45 ? 64   ILE A C   1 
ATOM   495  O O   . ILE A 1 64 ? 2.204   16.212  -3.855  1.00 14.47 ? 64   ILE A O   1 
ATOM   496  C CB  . ILE A 1 64 ? 1.808   13.157  -3.939  1.00 13.95 ? 64   ILE A CB  1 
ATOM   497  C CG1 . ILE A 1 64 ? 2.203   11.748  -3.492  1.00 16.30 ? 64   ILE A CG1 1 
ATOM   498  C CG2 . ILE A 1 64 ? 0.889   13.167  -5.177  1.00 16.20 ? 64   ILE A CG2 1 
ATOM   499  C CD1 . ILE A 1 64 ? 1.082   10.912  -2.969  1.00 22.00 ? 64   ILE A CD1 1 
ATOM   500  N N   . VAL A 1 65 ? 2.816   15.665  -5.964  1.00 15.42 ? 65   VAL A N   1 
ATOM   501  C CA  . VAL A 1 65 ? 2.526   16.997  -6.554  1.00 16.22 ? 65   VAL A CA  1 
ATOM   502  C C   . VAL A 1 65 ? 1.745   16.748  -7.814  1.00 17.19 ? 65   VAL A C   1 
ATOM   503  O O   . VAL A 1 65 ? 1.960   15.753  -8.511  1.00 17.54 ? 65   VAL A O   1 
ATOM   504  C CB  . VAL A 1 65 ? 3.843   17.732  -6.869  1.00 17.83 ? 65   VAL A CB  1 
ATOM   505  C CG1 . VAL A 1 65 ? 3.562   19.062  -7.509  1.00 22.51 ? 65   VAL A CG1 1 
ATOM   506  C CG2 . VAL A 1 65 ? 4.554   17.990  -5.588  1.00 17.17 ? 65   VAL A CG2 1 
ATOM   507  N N   . ASN A 1 66 ? 0.812   17.631  -8.140  1.00 19.16 ? 66   ASN A N   1 
ATOM   508  C CA  . ASN A 1 66 ? 0.189   17.574  -9.438  1.00 20.21 ? 66   ASN A CA  1 
ATOM   509  C C   . ASN A 1 66 ? 0.527   18.890  -10.132 1.00 22.62 ? 66   ASN A C   1 
ATOM   510  O O   . ASN A 1 66 ? -0.044  19.932  -9.840  1.00 24.79 ? 66   ASN A O   1 
ATOM   511  C CB  . ASN A 1 66 ? -1.335  17.332  -9.335  1.00 20.17 ? 66   ASN A CB  1 
ATOM   512  C CG  . ASN A 1 66 ? -1.963  17.100  -10.689 1.00 21.86 ? 66   ASN A CG  1 
ATOM   513  O OD1 . ASN A 1 66 ? -1.415  17.529  -11.694 1.00 23.35 ? 66   ASN A OD1 1 
ATOM   514  N ND2 . ASN A 1 66 ? -3.110  16.458  -10.718 1.00 22.19 ? 66   ASN A ND2 1 
ATOM   515  N N   . GLY A 1 67 ? 1.529   18.874  -10.999 1.00 23.69 ? 67   GLY A N   1 
ATOM   516  C CA  . GLY A 1 67 ? 1.956   20.119  -11.647 1.00 24.50 ? 67   GLY A CA  1 
ATOM   517  C C   . GLY A 1 67 ? 2.790   20.938  -10.693 1.00 25.50 ? 67   GLY A C   1 
ATOM   518  O O   . GLY A 1 67 ? 3.806   20.472  -10.272 1.00 28.37 ? 67   GLY A O   1 
ATOM   519  N N   . ASN A 1 68 ? 2.376   22.168  -10.368 1.00 26.72 ? 68   ASN A N   1 
ATOM   520  C CA  . ASN A 1 68 ? 2.978   22.956  -9.304  1.00 26.91 ? 68   ASN A CA  1 
ATOM   521  C C   . ASN A 1 68 ? 2.178   22.931  -8.003  1.00 26.60 ? 68   ASN A C   1 
ATOM   522  O O   . ASN A 1 68 ? 2.595   23.567  -7.040  1.00 27.51 ? 68   ASN A O   1 
ATOM   523  C CB  . ASN A 1 68 ? 3.077   24.443  -9.724  1.00 27.98 ? 68   ASN A CB  1 
ATOM   524  C CG  . ASN A 1 68 ? 4.150   24.671  -10.724 1.00 30.12 ? 68   ASN A CG  1 
ATOM   525  O OD1 . ASN A 1 68 ? 3.870   25.033  -11.867 1.00 36.77 ? 68   ASN A OD1 1 
ATOM   526  N ND2 . ASN A 1 68 ? 5.393   24.371  -10.332 1.00 29.37 ? 68   ASN A ND2 1 
ATOM   527  N N   . HIS A 1 69 ? 1.056   22.201  -7.990  1.00 24.58 ? 69   HIS A N   1 
ATOM   528  C CA  . HIS A 1 69 ? 0.169   22.068  -6.842  1.00 24.04 ? 69   HIS A CA  1 
ATOM   529  C C   . HIS A 1 69 ? 0.576   20.891  -5.943  1.00 21.21 ? 69   HIS A C   1 
ATOM   530  O O   . HIS A 1 69 ? 0.409   19.732  -6.324  1.00 21.22 ? 69   HIS A O   1 
ATOM   531  C CB  . HIS A 1 69 ? -1.257  21.861  -7.335  1.00 24.59 ? 69   HIS A CB  1 
ATOM   532  C CG  . HIS A 1 69 ? -2.311  22.130  -6.294  1.00 32.17 ? 69   HIS A CG  1 
ATOM   533  N ND1 . HIS A 1 69 ? -2.174  21.757  -4.975  1.00 42.81 ? 69   HIS A ND1 1 
ATOM   534  C CD2 . HIS A 1 69 ? -3.500  22.772  -6.376  1.00 39.39 ? 69   HIS A CD2 1 
ATOM   535  C CE1 . HIS A 1 69 ? -3.242  22.134  -4.295  1.00 43.45 ? 69   HIS A CE1 1 
ATOM   536  N NE2 . HIS A 1 69 ? -4.057  22.764  -5.115  1.00 40.91 ? 69   HIS A NE2 1 
ATOM   537  N N   . TYR A 1 70 ? 1.078   21.199  -4.756  1.00 18.78 ? 70   TYR A N   1 
ATOM   538  C CA  . TYR A 1 70 ? 1.416   20.185  -3.752  1.00 17.22 ? 70   TYR A CA  1 
ATOM   539  C C   . TYR A 1 70 ? 0.149   19.470  -3.296  1.00 17.83 ? 70   TYR A C   1 
ATOM   540  O O   . TYR A 1 70 ? -0.836  20.114  -2.958  1.00 18.13 ? 70   TYR A O   1 
ATOM   541  C CB  . TYR A 1 70 ? 2.031   20.849  -2.561  1.00 18.41 ? 70   TYR A CB  1 
ATOM   542  C CG  . TYR A 1 70 ? 2.406   19.926  -1.446  1.00 17.11 ? 70   TYR A CG  1 
ATOM   543  C CD1 . TYR A 1 70 ? 3.385   18.933  -1.634  1.00 17.57 ? 70   TYR A CD1 1 
ATOM   544  C CD2 . TYR A 1 70 ? 1.870   20.075  -0.168  1.00 17.31 ? 70   TYR A CD2 1 
ATOM   545  C CE1 . TYR A 1 70 ? 3.759   18.081  -0.589  1.00 12.85 ? 70   TYR A CE1 1 
ATOM   546  C CE2 . TYR A 1 70 ? 2.220   19.215  0.891   1.00 16.73 ? 70   TYR A CE2 1 
ATOM   547  C CZ  . TYR A 1 70 ? 3.185   18.224  0.702   1.00 13.22 ? 70   TYR A CZ  1 
ATOM   548  O OH  . TYR A 1 70 ? 3.496   17.395  1.734   1.00 15.68 ? 70   TYR A OH  1 
ATOM   549  N N   . CYS A 1 71 ? 0.148   18.156  -3.366  1.00 17.69 ? 71   CYS A N   1 
ATOM   550  C CA  . CYS A 1 71 ? -0.955  17.306  -2.840  1.00 16.76 ? 71   CYS A CA  1 
ATOM   551  C C   . CYS A 1 71 ? -0.755  16.827  -1.416  1.00 17.31 ? 71   CYS A C   1 
ATOM   552  O O   . CYS A 1 71 ? -1.709  16.793  -0.644  1.00 17.38 ? 71   CYS A O   1 
ATOM   553  C CB  . CYS A 1 71 ? -1.170  16.086  -3.733  1.00 18.66 ? 71   CYS A CB  1 
ATOM   554  S SG  . CYS A 1 71 ? -1.523  16.532  -5.440  1.00 20.12 ? 71   CYS A SG  1 
ATOM   555  N N   . GLY A 1 72 ? 0.447   16.402  -1.021  1.00 14.51 ? 72   GLY A N   1 
ATOM   556  C CA  . GLY A 1 72 ? 0.655   15.979  0.334   1.00 15.02 ? 72   GLY A CA  1 
ATOM   557  C C   . GLY A 1 72 ? 1.732   14.947  0.467   1.00 14.90 ? 72   GLY A C   1 
ATOM   558  O O   . GLY A 1 72 ? 2.359   14.628  -0.516  1.00 16.86 ? 72   GLY A O   1 
ATOM   559  N N   . ASP A 1 73 ? 1.873   14.425  1.670   1.00 14.85 ? 73   ASP A N   1 
ATOM   560  C CA  . ASP A 1 73 ? 2.881   13.426  2.065   1.00 14.85 ? 73   ASP A CA  1 
ATOM   561  C C   . ASP A 1 73 ? 2.174   12.061  2.324   1.00 14.46 ? 73   ASP A C   1 
ATOM   562  O O   . ASP A 1 73 ? 0.942   11.898  2.049   1.00 15.19 ? 73   ASP A O   1 
ATOM   563  C CB  . ASP A 1 73 ? 3.699   13.916  3.285   1.00 14.71 ? 73   ASP A CB  1 
ATOM   564  C CG  . ASP A 1 73 ? 2.878   14.133  4.508   1.00 19.67 ? 73   ASP A CG  1 
ATOM   565  O OD1 . ASP A 1 73 ? 1.606   13.915  4.447   1.00 17.02 ? 73   ASP A OD1 1 
ATOM   566  O OD2 . ASP A 1 73 ? 3.434   14.563  5.573   1.00 21.22 ? 73   ASP A OD2 1 
ATOM   567  N N   . TYR A 1 74 ? 2.901   11.127  2.914   1.00 14.85 ? 74   TYR A N   1 
ATOM   568  C CA  . TYR A 1 74 ? 2.407   9.759   3.130   1.00 14.51 ? 74   TYR A CA  1 
ATOM   569  C C   . TYR A 1 74 ? 1.133   9.816   3.898   1.00 15.44 ? 74   TYR A C   1 
ATOM   570  O O   . TYR A 1 74 ? 0.144   9.246   3.520   1.00 15.50 ? 74   TYR A O   1 
ATOM   571  C CB  . TYR A 1 74 ? 3.421   8.929   3.889   1.00 15.86 ? 74   TYR A CB  1 
ATOM   572  C CG  . TYR A 1 74 ? 2.915   7.587   4.380   1.00 14.91 ? 74   TYR A CG  1 
ATOM   573  C CD1 . TYR A 1 74 ? 2.713   6.543   3.490   1.00 19.35 ? 74   TYR A CD1 1 
ATOM   574  C CD2 . TYR A 1 74 ? 2.725   7.351   5.717   1.00 18.94 ? 74   TYR A CD2 1 
ATOM   575  C CE1 . TYR A 1 74 ? 2.277   5.296   3.888   1.00 24.44 ? 74   TYR A CE1 1 
ATOM   576  C CE2 . TYR A 1 74 ? 2.261   6.081   6.162   1.00 23.89 ? 74   TYR A CE2 1 
ATOM   577  C CZ  . TYR A 1 74 ? 2.054   5.055   5.227   1.00 24.81 ? 74   TYR A CZ  1 
ATOM   578  O OH  . TYR A 1 74 ? 1.625   3.783   5.605   1.00 28.53 ? 74   TYR A OH  1 
ATOM   579  N N   . GLU A 1 75 ? 1.179   10.526  5.013   1.00 15.51 ? 75   GLU A N   1 
ATOM   580  C CA  . GLU A 1 75 ? 0.078   10.465  5.968   1.00 15.87 ? 75   GLU A CA  1 
ATOM   581  C C   . GLU A 1 75 ? -1.142  11.049  5.378   1.00 15.10 ? 75   GLU A C   1 
ATOM   582  O O   . GLU A 1 75 ? -2.210  10.525  5.640   1.00 16.37 ? 75   GLU A O   1 
ATOM   583  C CB  . GLU A 1 75 ? 0.469   11.113  7.340   1.00 18.33 ? 75   GLU A CB  1 
ATOM   584  C CG  . GLU A 1 75 ? -0.666  11.561  8.274   1.00 23.50 ? 75   GLU A CG  1 
ATOM   585  C CD  . GLU A 1 75 ? -0.157  12.084  9.649   1.00 33.06 ? 75   GLU A CD  1 
ATOM   586  O OE1 . GLU A 1 75 ? 0.294   13.263  9.752   1.00 37.48 ? 75   GLU A OE1 1 
ATOM   587  O OE2 . GLU A 1 75 ? -0.215  11.313  10.654  1.00 39.25 ? 75   GLU A OE2 1 
ATOM   588  N N   . LEU A 1 76 ? -1.028  12.130  4.649   1.00 13.49 ? 76   LEU A N   1 
ATOM   589  C CA  . LEU A 1 76 ? -2.197  12.757  4.032   1.00 13.70 ? 76   LEU A CA  1 
ATOM   590  C C   . LEU A 1 76 ? -2.765  11.857  2.908   1.00 14.73 ? 76   LEU A C   1 
ATOM   591  O O   . LEU A 1 76 ? -3.979  11.744  2.679   1.00 13.69 ? 76   LEU A O   1 
ATOM   592  C CB  . LEU A 1 76 ? -1.835  14.134  3.505   1.00 15.06 ? 76   LEU A CB  1 
ATOM   593  C CG  . LEU A 1 76 ? -1.554  15.221  4.549   1.00 15.63 ? 76   LEU A CG  1 
ATOM   594  C CD1 . LEU A 1 76 ? -0.976  16.437  3.947   1.00 19.27 ? 76   LEU A CD1 1 
ATOM   595  C CD2 . LEU A 1 76 ? -2.944  15.625  5.230   1.00 20.41 ? 76   LEU A CD2 1 
ATOM   596  N N   . PHE A 1 77 ? -1.872  11.241  2.167   1.00 12.48 ? 77   PHE A N   1 
ATOM   597  C CA  . PHE A 1 77 ? -2.244  10.254  1.118   1.00 14.48 ? 77   PHE A CA  1 
ATOM   598  C C   . PHE A 1 77 ? -3.038  9.074   1.720   1.00 15.23 ? 77   PHE A C   1 
ATOM   599  O O   . PHE A 1 77 ? -4.142  8.772   1.242   1.00 15.53 ? 77   PHE A O   1 
ATOM   600  C CB  . PHE A 1 77 ? -1.001  9.831   0.346   1.00 13.71 ? 77   PHE A CB  1 
ATOM   601  C CG  . PHE A 1 77 ? -1.263  8.826   -0.739  1.00 14.84 ? 77   PHE A CG  1 
ATOM   602  C CD1 . PHE A 1 77 ? -1.353  7.452   -0.487  1.00 15.54 ? 77   PHE A CD1 1 
ATOM   603  C CD2 . PHE A 1 77 ? -1.386  9.238   -2.039  1.00 17.13 ? 77   PHE A CD2 1 
ATOM   604  C CE1 . PHE A 1 77 ? -1.565  6.520   -1.538  1.00 13.93 ? 77   PHE A CE1 1 
ATOM   605  C CE2 . PHE A 1 77 ? -1.586  8.325   -3.066  1.00 15.47 ? 77   PHE A CE2 1 
ATOM   606  C CZ  . PHE A 1 77 ? -1.675  6.978   -2.805  1.00 16.19 ? 77   PHE A CZ  1 
ATOM   607  N N   . VAL A 1 78 ? -2.539  8.499   2.815   1.00 15.01 ? 78   VAL A N   1 
ATOM   608  C CA  . VAL A 1 78 ? -3.243  7.367   3.442   1.00 17.60 ? 78   VAL A CA  1 
ATOM   609  C C   . VAL A 1 78 ? -4.591  7.821   3.949   1.00 17.60 ? 78   VAL A C   1 
ATOM   610  O O   . VAL A 1 78 ? -5.551  7.063   3.829   1.00 18.25 ? 78   VAL A O   1 
ATOM   611  C CB  . VAL A 1 78 ? -2.459  6.645   4.522   1.00 18.98 ? 78   VAL A CB  1 
ATOM   612  C CG1 . VAL A 1 78 ? -1.207  6.096   3.988   1.00 21.21 ? 78   VAL A CG1 1 
ATOM   613  C CG2 . VAL A 1 78 ? -2.153  7.474   5.668   1.00 24.84 ? 78   VAL A CG2 1 
ATOM   614  N N   . GLU A 1 79 ? -4.680  9.029   4.506   1.00 18.48 ? 79   GLU A N   1 
ATOM   615  C CA  . GLU A 1 79 ? -5.975  9.527   5.006   1.00 19.02 ? 79   GLU A CA  1 
ATOM   616  C C   . GLU A 1 79 ? -6.964  9.642   3.869   1.00 18.89 ? 79   GLU A C   1 
ATOM   617  O O   . GLU A 1 79 ? -8.137  9.336   4.055   1.00 20.93 ? 79   GLU A O   1 
ATOM   618  C CB  . GLU A 1 79 ? -5.807  10.867  5.742   1.00 19.37 ? 79   GLU A CB  1 
ATOM   619  C CG  . GLU A 1 79 ? -5.257  10.681  7.146   1.00 23.72 ? 79   GLU A CG  1 
ATOM   620  C CD  . GLU A 1 79 ? -4.828  11.958  7.847   1.00 26.96 ? 79   GLU A CD  1 
ATOM   621  O OE1 . GLU A 1 79 ? -5.183  13.052  7.356   1.00 32.21 ? 79   GLU A OE1 1 
ATOM   622  O OE2 . GLU A 1 79 ? -4.133  11.871  8.885   1.00 33.49 ? 79   GLU A OE2 1 
ATOM   623  N N   . ALA A 1 80 ? -6.498  10.060  2.707   1.00 17.13 ? 80   ALA A N   1 
ATOM   624  C CA  . ALA A 1 80 ? -7.378  10.245  1.557   1.00 17.11 ? 80   ALA A CA  1 
ATOM   625  C C   . ALA A 1 80 ? -7.882  8.862   1.076   1.00 18.74 ? 80   ALA A C   1 
ATOM   626  O O   . ALA A 1 80 ? -9.044  8.694   0.773   1.00 17.96 ? 80   ALA A O   1 
ATOM   627  C CB  . ALA A 1 80 ? -6.652  10.960  0.452   1.00 17.16 ? 80   ALA A CB  1 
ATOM   628  N N   . VAL A 1 81 ? -7.004  7.873   1.015   1.00 18.18 ? 81   VAL A N   1 
ATOM   629  C CA  . VAL A 1 81 ? -7.404  6.513   0.716   1.00 19.58 ? 81   VAL A CA  1 
ATOM   630  C C   . VAL A 1 81 ? -8.447  6.040   1.710   1.00 20.63 ? 81   VAL A C   1 
ATOM   631  O O   . VAL A 1 81 ? -9.494  5.537   1.309   1.00 21.53 ? 81   VAL A O   1 
ATOM   632  C CB  . VAL A 1 81 ? -6.237  5.541   0.704   1.00 20.25 ? 81   VAL A CB  1 
ATOM   633  C CG1 . VAL A 1 81 ? -6.695  4.105   0.374   1.00 20.19 ? 81   VAL A CG1 1 
ATOM   634  C CG2 . VAL A 1 81 ? -5.234  5.974   -0.350  1.00 21.47 ? 81   VAL A CG2 1 
ATOM   635  N N   . GLU A 1 82 ? -8.195  6.188   3.004   1.00 22.17 ? 82   GLU A N   1 
ATOM   636  C CA  . GLU A 1 82 ? -9.113  5.581   3.983   1.00 24.93 ? 82   GLU A CA  1 
ATOM   637  C C   . GLU A 1 82 ? -10.443 6.299   4.042   1.00 26.32 ? 82   GLU A C   1 
ATOM   638  O O   . GLU A 1 82 ? -11.444 5.697   4.433   1.00 26.59 ? 82   GLU A O   1 
ATOM   639  C CB  . GLU A 1 82 ? -8.503  5.465   5.375   1.00 25.38 ? 82   GLU A CB  1 
ATOM   640  C CG  A GLU A 1 82 ? -7.009  4.924   5.430   0.50 29.28 ? 82   GLU A CG  1 
ATOM   641  C CG  B GLU A 1 82 ? -7.480  4.409   5.548   0.50 27.67 ? 82   GLU A CG  1 
ATOM   642  C CD  A GLU A 1 82 ? -6.554  3.955   4.262   0.50 33.83 ? 82   GLU A CD  1 
ATOM   643  C CD  B GLU A 1 82 ? -7.965  2.985   5.197   0.50 26.48 ? 82   GLU A CD  1 
ATOM   644  O OE1 A GLU A 1 82 ? -7.393  3.107   3.778   0.50 27.29 ? 82   GLU A OE1 1 
ATOM   645  O OE1 B GLU A 1 82 ? -8.722  2.395   5.993   0.50 25.42 ? 82   GLU A OE1 1 
ATOM   646  O OE2 A GLU A 1 82 ? -5.350  4.011   3.868   0.50 32.15 ? 82   GLU A OE2 1 
ATOM   647  O OE2 B GLU A 1 82 ? -7.536  2.479   4.129   0.50 19.63 ? 82   GLU A OE2 1 
ATOM   648  N N   . GLN A 1 83 ? -10.494 7.533   3.570   1.00 28.17 ? 83   GLN A N   1 
ATOM   649  C CA  . GLN A 1 83 ? -11.692 8.370   3.606   1.00 29.61 ? 83   GLN A CA  1 
ATOM   650  C C   . GLN A 1 83 ? -12.356 8.479   2.219   1.00 29.51 ? 83   GLN A C   1 
ATOM   651  O O   . GLN A 1 83 ? -13.307 9.200   2.041   1.00 29.47 ? 83   GLN A O   1 
ATOM   652  C CB  . GLN A 1 83 ? -11.320 9.760   4.156   1.00 30.51 ? 83   GLN A CB  1 
ATOM   653  C CG  . GLN A 1 83 ? -10.733 9.718   5.551   1.00 33.86 ? 83   GLN A CG  1 
ATOM   654  C CD  . GLN A 1 83 ? -10.342 11.099  6.102   1.00 39.64 ? 83   GLN A CD  1 
ATOM   655  O OE1 . GLN A 1 83 ? -9.877  11.194  7.245   1.00 43.22 ? 83   GLN A OE1 1 
ATOM   656  N NE2 . GLN A 1 83 ? -10.528 12.159  5.299   1.00 38.86 ? 83   GLN A NE2 1 
ATOM   657  N N   . ASP A 1 84 ? -11.850 7.736   1.237   1.00 30.09 ? 84   ASP A N   1 
ATOM   658  C CA  . ASP A 1 84 ? -12.454 7.661   -0.091  1.00 30.34 ? 84   ASP A CA  1 
ATOM   659  C C   . ASP A 1 84 ? -12.449 8.993   -0.844  1.00 30.18 ? 84   ASP A C   1 
ATOM   660  O O   . ASP A 1 84 ? -13.438 9.342   -1.522  1.00 30.15 ? 84   ASP A O   1 
ATOM   661  C CB  . ASP A 1 84 ? -13.926 7.119   -0.032  1.00 31.35 ? 84   ASP A CB  1 
ATOM   662  C CG  . ASP A 1 84 ? -13.990 5.645   0.203   1.00 35.30 ? 84   ASP A CG  1 
ATOM   663  O OD1 . ASP A 1 84 ? -12.909 5.005   0.107   1.00 39.66 ? 84   ASP A OD1 1 
ATOM   664  O OD2 . ASP A 1 84 ? -15.073 5.029   0.456   1.00 40.86 ? 84   ASP A OD2 1 
ATOM   665  N N   . THR A 1 85 ? -11.340 9.719   -0.770  1.00 28.23 ? 85   THR A N   1 
ATOM   666  C CA  . THR A 1 85 ? -11.245 11.046  -1.368  1.00 27.24 ? 85   THR A CA  1 
ATOM   667  C C   . THR A 1 85 ? -9.892  11.240  -2.114  1.00 24.97 ? 85   THR A C   1 
ATOM   668  O O   . THR A 1 85 ? -9.330  12.350  -2.127  1.00 22.66 ? 85   THR A O   1 
ATOM   669  C CB  . THR A 1 85 ? -11.418 12.096  -0.241  1.00 27.45 ? 85   THR A CB  1 
ATOM   670  O OG1 . THR A 1 85 ? -11.320 13.406  -0.771  1.00 34.54 ? 85   THR A OG1 1 
ATOM   671  C CG2 . THR A 1 85 ? -10.329 12.044  0.790   1.00 25.74 ? 85   THR A CG2 1 
ATOM   672  N N   . LEU A 1 86 ? -9.407  10.164  -2.728  1.00 23.86 ? 86   LEU A N   1 
ATOM   673  C CA  . LEU A 1 86 ? -8.118  10.210  -3.390  1.00 24.78 ? 86   LEU A CA  1 
ATOM   674  C C   . LEU A 1 86 ? -8.164  11.086  -4.619  1.00 24.73 ? 86   LEU A C   1 
ATOM   675  O O   . LEU A 1 86 ? -7.213  11.800  -4.921  1.00 23.56 ? 86   LEU A O   1 
ATOM   676  C CB  . LEU A 1 86 ? -7.620  8.800   -3.704  1.00 24.43 ? 86   LEU A CB  1 
ATOM   677  C CG  . LEU A 1 86 ? -6.103  8.745   -4.032  1.00 27.43 ? 86   LEU A CG  1 
ATOM   678  C CD1 . LEU A 1 86 ? -5.228  9.255   -2.937  1.00 25.43 ? 86   LEU A CD1 1 
ATOM   679  C CD2 . LEU A 1 86 ? -5.753  7.330   -4.322  1.00 27.97 ? 86   LEU A CD2 1 
ATOM   680  N N   . GLN A 1 87 ? -9.265  11.066  -5.360  1.00 25.62 ? 87   GLN A N   1 
ATOM   681  C CA  . GLN A 1 87 ? -9.307  11.852  -6.580  1.00 26.74 ? 87   GLN A CA  1 
ATOM   682  C C   . GLN A 1 87 ? -9.221  13.356  -6.291  1.00 25.46 ? 87   GLN A C   1 
ATOM   683  O O   . GLN A 1 87 ? -8.620  14.115  -7.049  1.00 26.36 ? 87   GLN A O   1 
ATOM   684  C CB  . GLN A 1 87 ? -10.558 11.499  -7.416  1.00 27.98 ? 87   GLN A CB  1 
ATOM   685  C CG  . GLN A 1 87 ? -10.168 11.110  -8.863  1.00 33.29 ? 87   GLN A CG  1 
ATOM   686  C CD  . GLN A 1 87 ? -11.376 10.768  -9.737  1.00 36.46 ? 87   GLN A CD  1 
ATOM   687  O OE1 . GLN A 1 87 ? -11.535 9.615   -10.131 1.00 42.50 ? 87   GLN A OE1 1 
ATOM   688  N NE2 . GLN A 1 87 ? -12.217 11.754  -10.031 1.00 34.57 ? 87   GLN A NE2 1 
ATOM   689  N N   . GLU A 1 88 ? -9.825  13.788  -5.193  1.00 25.29 ? 88   GLU A N   1 
ATOM   690  C CA  . GLU A 1 88 ? -9.735  15.175  -4.753  1.00 25.63 ? 88   GLU A CA  1 
ATOM   691  C C   . GLU A 1 88 ? -8.305  15.498  -4.243  1.00 23.48 ? 88   GLU A C   1 
ATOM   692  O O   . GLU A 1 88 ? -7.735  16.529  -4.584  1.00 24.42 ? 88   GLU A O   1 
ATOM   693  C CB  . GLU A 1 88 ? -10.769 15.443  -3.670  1.00 27.38 ? 88   GLU A CB  1 
ATOM   694  C CG  . GLU A 1 88 ? -12.201 15.272  -4.168  1.00 31.85 ? 88   GLU A CG  1 
ATOM   695  C CD  . GLU A 1 88 ? -13.254 15.045  -3.062  1.00 40.55 ? 88   GLU A CD  1 
ATOM   696  O OE1 . GLU A 1 88 ? -12.976 15.284  -1.837  1.00 47.63 ? 88   GLU A OE1 1 
ATOM   697  O OE2 . GLU A 1 88 ? -14.394 14.625  -3.421  1.00 45.06 ? 88   GLU A OE2 1 
ATOM   698  N N   . PHE A 1 89 ? -7.744  14.587  -3.462  1.00 21.09 ? 89   PHE A N   1 
ATOM   699  C CA  . PHE A 1 89 ? -6.408  14.731  -2.914  1.00 20.16 ? 89   PHE A CA  1 
ATOM   700  C C   . PHE A 1 89 ? -5.409  14.938  -4.033  1.00 19.47 ? 89   PHE A C   1 
ATOM   701  O O   . PHE A 1 89 ? -4.424  15.665  -3.879  1.00 20.84 ? 89   PHE A O   1 
ATOM   702  C CB  . PHE A 1 89 ? -6.057  13.491  -2.097  1.00 18.86 ? 89   PHE A CB  1 
ATOM   703  C CG  . PHE A 1 89 ? -4.618  13.443  -1.664  1.00 18.61 ? 89   PHE A CG  1 
ATOM   704  C CD1 . PHE A 1 89 ? -4.192  14.134  -0.531  1.00 21.34 ? 89   PHE A CD1 1 
ATOM   705  C CD2 . PHE A 1 89 ? -3.726  12.692  -2.369  1.00 17.55 ? 89   PHE A CD2 1 
ATOM   706  C CE1 . PHE A 1 89 ? -2.826  14.115  -0.154  1.00 19.16 ? 89   PHE A CE1 1 
ATOM   707  C CE2 . PHE A 1 89 ? -2.338  12.679  -1.993  1.00 18.61 ? 89   PHE A CE2 1 
ATOM   708  C CZ  . PHE A 1 89 ? -1.932  13.370  -0.851  1.00 19.58 ? 89   PHE A CZ  1 
ATOM   709  N N   . LEU A 1 90 ? -5.592  14.201  -5.117  1.00 19.46 ? 90   LEU A N   1 
ATOM   710  C CA  . LEU A 1 90 ? -4.649  14.223  -6.254  1.00 19.04 ? 90   LEU A CA  1 
ATOM   711  C C   . LEU A 1 90 ? -4.965  15.322  -7.267  1.00 21.30 ? 90   LEU A C   1 
ATOM   712  O O   . LEU A 1 90 ? -4.219  15.517  -8.195  1.00 21.06 ? 90   LEU A O   1 
ATOM   713  C CB  . LEU A 1 90 ? -4.655  12.857  -6.932  1.00 19.23 ? 90   LEU A CB  1 
ATOM   714  C CG  . LEU A 1 90 ? -4.304  11.635  -6.080  1.00 18.83 ? 90   LEU A CG  1 
ATOM   715  C CD1 . LEU A 1 90 ? -4.508  10.302  -6.823  1.00 19.01 ? 90   LEU A CD1 1 
ATOM   716  C CD2 . LEU A 1 90 ? -2.842  11.763  -5.694  1.00 21.28 ? 90   LEU A CD2 1 
ATOM   717  N N   . LYS A 1 91 ? -6.099  16.016  -7.073  1.00 23.79 ? 91   LYS A N   1 
ATOM   718  C CA  . LYS A 1 91 ? -6.484  17.178  -7.866  1.00 26.53 ? 91   LYS A CA  1 
ATOM   719  C C   . LYS A 1 91 ? -6.718  16.708  -9.305  1.00 28.38 ? 91   LYS A C   1 
ATOM   720  O O   . LYS A 1 91 ? -6.405  17.401  -10.287 1.00 27.83 ? 91   LYS A O   1 
ATOM   721  C CB  . LYS A 1 91 ? -5.438  18.298  -7.793  1.00 27.29 ? 91   LYS A CB  1 
ATOM   722  C CG  . LYS A 1 91 ? -5.066  18.761  -6.366  1.00 31.19 ? 91   LYS A CG  1 
ATOM   723  C CD  . LYS A 1 91 ? -6.262  19.384  -5.651  1.00 37.83 ? 91   LYS A CD  1 
ATOM   724  C CE  . LYS A 1 91 ? -6.654  20.769  -6.199  1.00 41.05 ? 91   LYS A CE  1 
ATOM   725  N NZ  . LYS A 1 91 ? -7.143  21.677  -5.137  1.00 42.93 ? 91   LYS A NZ  1 
ATOM   726  N N   . LEU A 1 92 ? -7.230  15.488  -9.386  1.00 31.34 ? 92   LEU A N   1 
ATOM   727  C CA  . LEU A 1 92 ? -7.669  14.881  -10.636 1.00 34.49 ? 92   LEU A CA  1 
ATOM   728  C C   . LEU A 1 92 ? -9.126  15.291  -10.936 1.00 36.30 ? 92   LEU A C   1 
ATOM   729  O O   . LEU A 1 92 ? -9.535  15.275  -12.091 1.00 36.44 ? 92   LEU A O   1 
ATOM   730  C CB  . LEU A 1 92 ? -7.524  13.345  -10.573 1.00 34.30 ? 92   LEU A CB  1 
ATOM   731  C CG  . LEU A 1 92 ? -6.200  12.768  -11.102 1.00 35.11 ? 92   LEU A CG  1 
ATOM   732  C CD1 . LEU A 1 92 ? -5.036  13.741  -11.113 1.00 37.11 ? 92   LEU A CD1 1 
ATOM   733  C CD2 . LEU A 1 92 ? -5.825  11.501  -10.343 1.00 36.34 ? 92   LEU A CD2 1 
ATOM   734  N N   . ALA A 1 93 ? -9.887  15.633  -9.898  1.00 38.63 ? 93   ALA A N   1 
ATOM   735  C CA  . ALA A 1 93 ? -11.221 16.219  -10.092 1.00 40.46 ? 93   ALA A CA  1 
ATOM   736  C C   . ALA A 1 93 ? -11.086 17.740  -10.152 1.00 41.58 ? 93   ALA A C   1 
ATOM   737  O O   . ALA A 1 93 ? -11.806 18.469  -9.454  1.00 44.00 ? 93   ALA A O   1 
ATOM   738  C CB  . ALA A 1 93 ? -12.162 15.793  -8.959  1.00 40.73 ? 93   ALA A CB  1 
ATOM   739  N N   . MET B 1 1  ? -21.499 -12.768 5.546   1.00 18.28 ? 1    MET B N   1 
ATOM   740  C CA  . MET B 1 1  ? -20.556 -12.651 4.395   1.00 18.83 ? 1    MET B CA  1 
ATOM   741  C C   . MET B 1 1  ? -19.825 -13.927 4.078   1.00 19.91 ? 1    MET B C   1 
ATOM   742  O O   . MET B 1 1  ? -19.400 -14.661 4.997   1.00 19.78 ? 1    MET B O   1 
ATOM   743  C CB  . MET B 1 1  ? -19.520 -11.557 4.661   1.00 18.69 ? 1    MET B CB  1 
ATOM   744  C CG  A MET B 1 1  ? -18.703 -11.166 3.440   0.50 17.50 ? 1    MET B CG  1 
ATOM   745  C CG  B MET B 1 1  ? -18.375 -11.453 3.762   0.50 19.20 ? 1    MET B CG  1 
ATOM   746  S SD  A MET B 1 1  ? -16.971 -11.647 3.580   0.50 22.82 ? 1    MET B SD  1 
ATOM   747  S SD  B MET B 1 1  ? -18.670 -10.430 2.394   0.50 25.86 ? 1    MET B SD  1 
ATOM   748  C CE  A MET B 1 1  ? -16.307 -10.968 2.060   0.50 14.56 ? 1    MET B CE  1 
ATOM   749  C CE  B MET B 1 1  ? -16.952 -10.305 1.766   0.50 15.75 ? 1    MET B CE  1 
ATOM   750  N N   . SER B 1 2  ? -19.653 -14.201 2.782   1.00 18.89 ? 2    SER B N   1 
ATOM   751  C CA  . SER B 1 2  ? -18.779 -15.274 2.327   1.00 19.27 ? 2    SER B CA  1 
ATOM   752  C C   . SER B 1 2  ? -18.003 -14.777 1.129   1.00 19.18 ? 2    SER B C   1 
ATOM   753  O O   . SER B 1 2  ? -18.601 -14.486 0.082   1.00 18.95 ? 2    SER B O   1 
ATOM   754  C CB  . SER B 1 2  ? -19.564 -16.531 1.920   1.00 20.99 ? 2    SER B CB  1 
ATOM   755  O OG  . SER B 1 2  ? -18.723 -17.563 1.397   1.00 22.32 ? 2    SER B OG  1 
ATOM   756  N N   . GLY B 1 3  ? -16.674 -14.737 1.215   1.00 15.47 ? 3    GLY B N   1 
ATOM   757  C CA  . GLY B 1 3  ? -15.964 -14.205 0.076   1.00 15.98 ? 3    GLY B CA  1 
ATOM   758  C C   . GLY B 1 3  ? -14.548 -13.870 0.490   1.00 13.71 ? 3    GLY B C   1 
ATOM   759  O O   . GLY B 1 3  ? -13.946 -14.588 1.238   1.00 14.19 ? 3    GLY B O   1 
ATOM   760  N N   . LEU B 1 4  ? -14.086 -12.757 -0.023  1.00 13.74 ? 4    LEU B N   1 
ATOM   761  C CA  . LEU B 1 4  ? -12.662 -12.402 0.166   1.00 11.38 ? 4    LEU B CA  1 
ATOM   762  C C   . LEU B 1 4  ? -12.391 -12.056 1.621   1.00 10.84 ? 4    LEU B C   1 
ATOM   763  O O   . LEU B 1 4  ? -13.046 -11.213 2.237   1.00 11.50 ? 4    LEU B O   1 
ATOM   764  C CB  . LEU B 1 4  ? -12.391 -11.232 -0.749  1.00 11.80 ? 4    LEU B CB  1 
ATOM   765  C CG  . LEU B 1 4  ? -10.991 -10.643 -0.810  1.00 11.57 ? 4    LEU B CG  1 
ATOM   766  C CD1 . LEU B 1 4  ? -10.074 -11.720 -1.293  1.00 10.77 ? 4    LEU B CD1 1 
ATOM   767  C CD2 . LEU B 1 4  ? -11.010 -9.441  -1.765  1.00 10.68 ? 4    LEU B CD2 1 
ATOM   768  N N   . ARG B 1 5  ? -11.249 -12.542 2.110   1.00 11.61 ? 5    ARG B N   1 
ATOM   769  C CA  . ARG B 1 5  ? -10.862 -12.370 3.502   1.00 8.77  ? 5    ARG B CA  1 
ATOM   770  C C   . ARG B 1 5  ? -9.379  -12.054 3.552   1.00 11.05 ? 5    ARG B C   1 
ATOM   771  O O   . ARG B 1 5  ? -8.644  -12.699 2.837   1.00 12.04 ? 5    ARG B O   1 
ATOM   772  C CB  . ARG B 1 5  ? -11.177 -13.604 4.302   1.00 11.42 ? 5    ARG B CB  1 
ATOM   773  C CG  . ARG B 1 5  ? -10.571 -13.706 5.706   1.00 11.53 ? 5    ARG B CG  1 
ATOM   774  C CD  . ARG B 1 5  ? -10.820 -15.003 6.329   1.00 10.17 ? 5    ARG B CD  1 
ATOM   775  N NE  . ARG B 1 5  ? -12.274 -15.237 6.535   1.00 12.15 ? 5    ARG B NE  1 
ATOM   776  C CZ  . ARG B 1 5  ? -12.861 -16.401 6.508   1.00 11.70 ? 5    ARG B CZ  1 
ATOM   777  N NH1 . ARG B 1 5  ? -12.174 -17.522 6.461   1.00 13.66 ? 5    ARG B NH1 1 
ATOM   778  N NH2 . ARG B 1 5  ? -14.227 -16.445 6.623   1.00 13.66 ? 5    ARG B NH2 1 
ATOM   779  N N   . VAL B 1 6  ? -9.005  -11.144 4.425   1.00 10.97 ? 6    VAL B N   1 
ATOM   780  C CA  . VAL B 1 6  ? -7.583  -10.912 4.744   1.00 9.95  ? 6    VAL B CA  1 
ATOM   781  C C   . VAL B 1 6  ? -7.381  -11.257 6.211   1.00 10.60 ? 6    VAL B C   1 
ATOM   782  O O   . VAL B 1 6  ? -7.986  -10.667 7.095   1.00 11.19 ? 6    VAL B O   1 
ATOM   783  C CB  . VAL B 1 6  ? -7.211  -9.473  4.532   1.00 10.42 ? 6    VAL B CB  1 
ATOM   784  C CG1 . VAL B 1 6  ? -5.708  -9.204  4.868   1.00 11.19 ? 6    VAL B CG1 1 
ATOM   785  C CG2 . VAL B 1 6  ? -7.398  -9.030  3.071   1.00 13.25 ? 6    VAL B CG2 1 
ATOM   786  N N   . TYR B 1 7  ? -6.395  -12.134 6.493   1.00 11.39 ? 7    TYR B N   1 
ATOM   787  C CA  . TYR B 1 7  ? -5.967  -12.397 7.847   1.00 11.59 ? 7    TYR B CA  1 
ATOM   788  C C   . TYR B 1 7  ? -4.895  -11.405 8.242   1.00 12.90 ? 7    TYR B C   1 
ATOM   789  O O   . TYR B 1 7  ? -3.938  -11.202 7.439   1.00 11.80 ? 7    TYR B O   1 
ATOM   790  C CB  . TYR B 1 7  ? -5.402  -13.818 8.014   1.00 10.64 ? 7    TYR B CB  1 
ATOM   791  C CG  . TYR B 1 7  ? -6.391  -14.927 7.940   1.00 11.50 ? 7    TYR B CG  1 
ATOM   792  C CD1 . TYR B 1 7  ? -7.147  -15.257 9.068   1.00 13.94 ? 7    TYR B CD1 1 
ATOM   793  C CD2 . TYR B 1 7  ? -6.722  -15.541 6.730   1.00 12.99 ? 7    TYR B CD2 1 
ATOM   794  C CE1 . TYR B 1 7  ? -8.164  -16.227 8.982   1.00 12.59 ? 7    TYR B CE1 1 
ATOM   795  C CE2 . TYR B 1 7  ? -7.693  -16.561 6.675   1.00 14.75 ? 7    TYR B CE2 1 
ATOM   796  C CZ  . TYR B 1 7  ? -8.399  -16.880 7.829   1.00 15.00 ? 7    TYR B CZ  1 
ATOM   797  O OH  . TYR B 1 7  ? -9.429  -17.835 7.824   1.00 17.17 ? 7    TYR B OH  1 
ATOM   798  N N   . SER B 1 8  ? -5.098  -10.789 9.414   1.00 12.72 ? 8    SER B N   1 
ATOM   799  C CA  . SER B 1 8  ? -4.223  -9.742  9.975   1.00 12.97 ? 8    SER B CA  1 
ATOM   800  C C   . SER B 1 8  ? -4.087  -9.964  11.453  1.00 13.99 ? 8    SER B C   1 
ATOM   801  O O   . SER B 1 8  ? -4.735  -10.834 12.030  1.00 14.08 ? 8    SER B O   1 
ATOM   802  C CB  . SER B 1 8  ? -4.831  -8.359  9.745   1.00 14.99 ? 8    SER B CB  1 
ATOM   803  O OG  . SER B 1 8  ? -6.020  -8.234  10.549  1.00 13.85 ? 8    SER B OG  1 
ATOM   804  N N   . THR B 1 9  ? -3.188  -9.199  12.088  1.00 14.37 ? 9    THR B N   1 
ATOM   805  C CA  . THR B 1 9  ? -3.084  -9.164  13.534  1.00 15.18 ? 9    THR B CA  1 
ATOM   806  C C   . THR B 1 9  ? -2.938  -7.727  13.983  1.00 15.54 ? 9    THR B C   1 
ATOM   807  O O   . THR B 1 9  ? -2.169  -6.971  13.415  1.00 17.02 ? 9    THR B O   1 
ATOM   808  C CB  . THR B 1 9  ? -1.988  -10.073 14.030  1.00 13.69 ? 9    THR B CB  1 
ATOM   809  O OG1 . THR B 1 9  ? -1.980  -10.070 15.443  1.00 17.15 ? 9    THR B OG1 1 
ATOM   810  C CG2 . THR B 1 9  ? -0.598  -9.660  13.628  1.00 16.52 ? 9    THR B CG2 1 
ATOM   811  N N   . SER B 1 10 ? -3.650  -7.400  15.041  1.00 15.89 ? 10   SER B N   1 
ATOM   812  C CA  . SER B 1 10 ? -3.627  -6.085  15.656  1.00 15.62 ? 10   SER B CA  1 
ATOM   813  C C   . SER B 1 10 ? -2.554  -5.929  16.718  1.00 16.10 ? 10   SER B C   1 
ATOM   814  O O   . SER B 1 10 ? -2.388  -4.829  17.191  1.00 17.26 ? 10   SER B O   1 
ATOM   815  C CB  . SER B 1 10 ? -4.963  -5.742  16.321  1.00 16.50 ? 10   SER B CB  1 
ATOM   816  O OG  . SER B 1 10 ? -5.300  -6.687  17.310  1.00 18.13 ? 10   SER B OG  1 
ATOM   817  N N   . VAL B 1 11 ? -1.921  -7.033  17.136  1.00 16.36 ? 11   VAL B N   1 
ATOM   818  C CA  . VAL B 1 11 ? -0.891  -6.948  18.198  1.00 17.46 ? 11   VAL B CA  1 
ATOM   819  C C   . VAL B 1 11 ? 0.258   -7.845  17.816  1.00 17.36 ? 11   VAL B C   1 
ATOM   820  O O   . VAL B 1 11 ? 0.103   -9.053  17.700  1.00 16.21 ? 11   VAL B O   1 
ATOM   821  C CB  . VAL B 1 11 ? -1.425  -7.317  19.596  1.00 18.60 ? 11   VAL B CB  1 
ATOM   822  C CG1 . VAL B 1 11 ? -0.324  -7.176  20.608  1.00 20.21 ? 11   VAL B CG1 1 
ATOM   823  C CG2 . VAL B 1 11 ? -2.599  -6.391  20.011  1.00 19.40 ? 11   VAL B CG2 1 
ATOM   824  N N   . THR B 1 12 ? 1.378   -7.195  17.552  1.00 16.18 ? 12   THR B N   1 
ATOM   825  C CA  . THR B 1 12 ? 2.578   -7.899  17.161  1.00 16.33 ? 12   THR B CA  1 
ATOM   826  C C   . THR B 1 12 ? 3.725   -6.904  17.203  1.00 16.33 ? 12   THR B C   1 
ATOM   827  O O   . THR B 1 12 ? 3.588   -5.692  16.940  1.00 15.99 ? 12   THR B O   1 
ATOM   828  C CB  . THR B 1 12 ? 2.486   -8.481  15.690  1.00 17.81 ? 12   THR B CB  1 
ATOM   829  O OG1 . THR B 1 12 ? 3.726   -9.116  15.290  1.00 17.26 ? 12   THR B OG1 1 
ATOM   830  C CG2 . THR B 1 12 ? 2.229   -7.342  14.648  1.00 16.57 ? 12   THR B CG2 1 
ATOM   831  N N   . GLY B 1 13 ? 4.899   -7.480  17.417  1.00 17.76 ? 13   GLY B N   1 
ATOM   832  C CA  . GLY B 1 13 ? 6.144   -6.748  17.437  1.00 18.50 ? 13   GLY B CA  1 
ATOM   833  C C   . GLY B 1 13 ? 6.791   -6.675  16.086  1.00 19.57 ? 13   GLY B C   1 
ATOM   834  O O   . GLY B 1 13 ? 7.789   -5.938  15.916  1.00 20.76 ? 13   GLY B O   1 
ATOM   835  N N   . SER B 1 14 ? 6.241   -7.405  15.105  1.00 17.76 ? 14   SER B N   1 
ATOM   836  C CA  . SER B 1 14 ? 6.852   -7.487  13.785  1.00 15.86 ? 14   SER B CA  1 
ATOM   837  C C   . SER B 1 14 ? 6.545   -6.279  12.912  1.00 17.32 ? 14   SER B C   1 
ATOM   838  O O   . SER B 1 14 ? 5.388   -6.039  12.513  1.00 15.34 ? 14   SER B O   1 
ATOM   839  C CB  . SER B 1 14 ? 6.503   -8.777  13.076  1.00 14.52 ? 14   SER B CB  1 
ATOM   840  O OG  . SER B 1 14 ? 7.017   -8.717  11.772  1.00 15.65 ? 14   SER B OG  1 
ATOM   841  N N   . ARG B 1 15 ? 7.565   -5.538  12.533  1.00 16.38 ? 15   ARG B N   1 
ATOM   842  C CA  . ARG B 1 15 ? 7.407   -4.392  11.654  1.00 18.62 ? 15   ARG B CA  1 
ATOM   843  C C   . ARG B 1 15 ? 7.068   -4.851  10.251  1.00 18.29 ? 15   ARG B C   1 
ATOM   844  O O   . ARG B 1 15 ? 6.322   -4.156  9.573   1.00 18.47 ? 15   ARG B O   1 
ATOM   845  C CB  . ARG B 1 15 ? 8.682   -3.549  11.616  1.00 20.87 ? 15   ARG B CB  1 
ATOM   846  C CG  . ARG B 1 15 ? 8.928   -2.765  12.875  1.00 23.78 ? 15   ARG B CG  1 
ATOM   847  C CD  . ARG B 1 15 ? 10.360  -2.253  12.917  1.00 28.28 ? 15   ARG B CD  1 
ATOM   848  N NE  . ARG B 1 15 ? 10.629  -1.477  14.097  1.00 29.16 ? 15   ARG B NE  1 
ATOM   849  C CZ  . ARG B 1 15 ? 11.850  -1.076  14.427  1.00 34.67 ? 15   ARG B CZ  1 
ATOM   850  N NH1 . ARG B 1 15 ? 12.883  -1.397  13.643  1.00 38.20 ? 15   ARG B NH1 1 
ATOM   851  N NH2 . ARG B 1 15 ? 12.047  -0.363  15.527  1.00 37.33 ? 15   ARG B NH2 1 
ATOM   852  N N   . GLU B 1 16 ? 7.614   -5.993  9.812   1.00 18.21 ? 16   GLU B N   1 
ATOM   853  C CA  . GLU B 1 16 ? 7.312   -6.596  8.524   1.00 17.90 ? 16   GLU B CA  1 
ATOM   854  C C   . GLU B 1 16 ? 5.788   -6.877  8.460   1.00 16.58 ? 16   GLU B C   1 
ATOM   855  O O   . GLU B 1 16 ? 5.134   -6.489  7.503   1.00 17.58 ? 16   GLU B O   1 
ATOM   856  C CB  . GLU B 1 16 ? 8.045   -7.903  8.286   1.00 19.80 ? 16   GLU B CB  1 
ATOM   857  C CG  . GLU B 1 16 ? 7.638   -8.547  6.974   1.00 23.41 ? 16   GLU B CG  1 
ATOM   858  C CD  . GLU B 1 16 ? 8.698   -9.369  6.267   1.00 25.70 ? 16   GLU B CD  1 
ATOM   859  O OE1 . GLU B 1 16 ? 9.823   -8.862  5.979   1.00 35.15 ? 16   GLU B OE1 1 
ATOM   860  O OE2 . GLU B 1 16 ? 8.387   -10.504 5.886   1.00 30.47 ? 16   GLU B OE2 1 
ATOM   861  N N   . ILE B 1 17 ? 5.292   -7.624  9.431   1.00 16.40 ? 17   ILE B N   1 
ATOM   862  C CA  . ILE B 1 17 ? 3.856   -7.997  9.407   1.00 16.00 ? 17   ILE B CA  1 
ATOM   863  C C   . ILE B 1 17 ? 3.014   -6.704  9.326   1.00 16.27 ? 17   ILE B C   1 
ATOM   864  O O   . ILE B 1 17 ? 2.113   -6.602  8.498   1.00 15.96 ? 17   ILE B O   1 
ATOM   865  C CB  . ILE B 1 17 ? 3.441   -8.844  10.595  1.00 14.96 ? 17   ILE B CB  1 
ATOM   866  C CG1 . ILE B 1 17 ? 4.011   -10.220 10.524  1.00 14.55 ? 17   ILE B CG1 1 
ATOM   867  C CG2 . ILE B 1 17 ? 1.870   -8.978  10.644  1.00 13.69 ? 17   ILE B CG2 1 
ATOM   868  C CD1 . ILE B 1 17 ? 3.870   -11.001 11.813  1.00 15.96 ? 17   ILE B CD1 1 
ATOM   869  N N   . LYS B 1 18 ? 3.270   -5.741  10.203  1.00 16.13 ? 18   LYS B N   1 
ATOM   870  C CA  . LYS B 1 18 ? 2.465   -4.523  10.285  1.00 15.94 ? 18   LYS B CA  1 
ATOM   871  C C   . LYS B 1 18 ? 2.489   -3.708  8.991   1.00 16.51 ? 18   LYS B C   1 
ATOM   872  O O   . LYS B 1 18 ? 1.462   -3.271  8.507   1.00 14.67 ? 18   LYS B O   1 
ATOM   873  C CB  . LYS B 1 18 ? 2.818   -3.718  11.531  1.00 16.29 ? 18   LYS B CB  1 
ATOM   874  C CG  . LYS B 1 18 ? 2.454   -4.394  12.807  1.00 16.15 ? 18   LYS B CG  1 
ATOM   875  C CD  . LYS B 1 18 ? 2.675   -3.551  14.068  1.00 18.01 ? 18   LYS B CD  1 
ATOM   876  C CE  . LYS B 1 18 ? 4.134   -3.607  14.547  1.00 20.98 ? 18   LYS B CE  1 
ATOM   877  N NZ  . LYS B 1 18 ? 4.294   -2.974  15.903  1.00 18.21 ? 18   LYS B NZ  1 
ATOM   878  N N   . SER B 1 19 ? 3.638   -3.557  8.373   1.00 13.83 ? 19   SER B N   1 
ATOM   879  C CA  . SER B 1 19 ? 3.787   -2.873  7.120   1.00 15.56 ? 19   SER B CA  1 
ATOM   880  C C   . SER B 1 19 ? 3.119   -3.640  5.992   1.00 16.13 ? 19   SER B C   1 
ATOM   881  O O   . SER B 1 19 ? 2.469   -3.007  5.131   1.00 16.90 ? 19   SER B O   1 
ATOM   882  C CB  . SER B 1 19 ? 5.289   -2.592  6.803   1.00 16.26 ? 19   SER B CB  1 
ATOM   883  O OG  . SER B 1 19 ? 6.037   -3.754  6.745   1.00 26.20 ? 19   SER B OG  1 
ATOM   884  N N   . GLN B 1 20 ? 3.313   -4.962  5.946   1.00 13.83 ? 20   GLN B N   1 
ATOM   885  C CA  . GLN B 1 20 ? 2.757   -5.728  4.874   1.00 12.04 ? 20   GLN B CA  1 
ATOM   886  C C   . GLN B 1 20 ? 1.239   -5.792  4.927   1.00 12.68 ? 20   GLN B C   1 
ATOM   887  O O   . GLN B 1 20 ? 0.574   -5.637  3.895   1.00 12.79 ? 20   GLN B O   1 
ATOM   888  C CB  . GLN B 1 20 ? 3.416   -7.094  4.848   1.00 13.09 ? 20   GLN B CB  1 
ATOM   889  C CG  . GLN B 1 20 ? 4.927   -7.057  4.589   1.00 13.29 ? 20   GLN B CG  1 
ATOM   890  C CD  . GLN B 1 20 ? 5.513   -8.374  4.139   1.00 17.67 ? 20   GLN B CD  1 
ATOM   891  O OE1 . GLN B 1 20 ? 6.623   -8.432  3.600   1.00 24.35 ? 20   GLN B OE1 1 
ATOM   892  N NE2 . GLN B 1 20 ? 4.950   -9.584  4.258   1.00 13.35 ? 20   GLN B NE2 1 
ATOM   893  N N   . GLN B 1 21 ? 0.652   -6.017  6.115   1.00 12.80 ? 21   GLN B N   1 
ATOM   894  C CA  . GLN B 1 21 ? -0.818  -6.128  6.233   1.00 13.06 ? 21   GLN B CA  1 
ATOM   895  C C   . GLN B 1 21 ? -1.478  -4.801  5.927   1.00 14.87 ? 21   GLN B C   1 
ATOM   896  O O   . GLN B 1 21 ? -2.547  -4.754  5.302   1.00 15.35 ? 21   GLN B O   1 
ATOM   897  C CB  . GLN B 1 21 ? -1.220  -6.717  7.603   1.00 14.51 ? 21   GLN B CB  1 
ATOM   898  C CG  . GLN B 1 21 ? -1.095  -5.806  8.807   1.00 14.56 ? 21   GLN B CG  1 
ATOM   899  C CD  . GLN B 1 21 ? -1.321  -6.536  10.136  1.00 11.77 ? 21   GLN B CD  1 
ATOM   900  O OE1 . GLN B 1 21 ? -0.934  -6.047  11.193  1.00 20.66 ? 21   GLN B OE1 1 
ATOM   901  N NE2 . GLN B 1 21 ? -1.920  -7.703  10.304  1.00 10.82 ? 21   GLN B NE2 1 
ATOM   902  N N   . SER B 1 22 ? -0.853  -3.712  6.371   1.00 15.28 ? 22   SER B N   1 
ATOM   903  C CA  . SER B 1 22 ? -1.400  -2.381  6.130   1.00 17.49 ? 22   SER B CA  1 
ATOM   904  C C   . SER B 1 22 ? -1.376  -2.039  4.631   1.00 16.18 ? 22   SER B C   1 
ATOM   905  O O   . SER B 1 22 ? -2.370  -1.549  4.120   1.00 15.65 ? 22   SER B O   1 
ATOM   906  C CB  . SER B 1 22 ? -0.768  -1.295  7.031   1.00 19.99 ? 22   SER B CB  1 
ATOM   907  O OG  . SER B 1 22 ? 0.584   -1.226  6.683   1.00 26.61 ? 22   SER B OG  1 
ATOM   908  N N   . GLU B 1 23 ? -0.311  -2.366  3.922   1.00 15.21 ? 23   GLU B N   1 
ATOM   909  C CA  . GLU B 1 23 ? -0.236  -2.190  2.500   1.00 15.55 ? 23   GLU B CA  1 
ATOM   910  C C   . GLU B 1 23 ? -1.332  -2.984  1.770   1.00 14.24 ? 23   GLU B C   1 
ATOM   911  O O   . GLU B 1 23 ? -1.943  -2.429  0.898   1.00 14.07 ? 23   GLU B O   1 
ATOM   912  C CB  . GLU B 1 23 ? 1.151   -2.495  1.909   1.00 17.55 ? 23   GLU B CB  1 
ATOM   913  C CG  . GLU B 1 23 ? 1.202   -2.187  0.438   1.00 20.72 ? 23   GLU B CG  1 
ATOM   914  C CD  . GLU B 1 23 ? 2.665   -2.143  -0.034  1.00 23.78 ? 23   GLU B CD  1 
ATOM   915  O OE1 . GLU B 1 23 ? 3.482   -1.467  0.589   1.00 32.27 ? 23   GLU B OE1 1 
ATOM   916  O OE2 . GLU B 1 23 ? 3.001   -2.836  -0.984  1.00 30.59 ? 23   GLU B OE2 1 
ATOM   917  N N   . VAL B 1 24 ? -1.584  -4.220  2.167   1.00 14.02 ? 24   VAL B N   1 
ATOM   918  C CA  . VAL B 1 24 ? -2.530  -5.067  1.502   1.00 13.18 ? 24   VAL B CA  1 
ATOM   919  C C   . VAL B 1 24 ? -3.883  -4.431  1.735   1.00 11.95 ? 24   VAL B C   1 
ATOM   920  O O   . VAL B 1 24 ? -4.653  -4.202  0.748   1.00 11.99 ? 24   VAL B O   1 
ATOM   921  C CB  . VAL B 1 24 ? -2.503  -6.520  2.033   1.00 12.54 ? 24   VAL B CB  1 
ATOM   922  C CG1 . VAL B 1 24 ? -3.752  -7.279  1.636   1.00 13.47 ? 24   VAL B CG1 1 
ATOM   923  C CG2 . VAL B 1 24 ? -1.326  -7.219  1.404   1.00 16.09 ? 24   VAL B CG2 1 
ATOM   924  N N   . THR B 1 25 ? -4.159  -4.110  2.974   1.00 11.86 ? 25   THR B N   1 
ATOM   925  C CA  . THR B 1 25 ? -5.563  -3.629  3.214   1.00 12.76 ? 25   THR B CA  1 
ATOM   926  C C   . THR B 1 25 ? -5.786  -2.237  2.563   1.00 12.65 ? 25   THR B C   1 
ATOM   927  O O   . THR B 1 25 ? -6.915  -1.938  2.102   1.00 14.60 ? 25   THR B O   1 
ATOM   928  C CB  . THR B 1 25 ? -5.937  -3.585  4.697   1.00 13.50 ? 25   THR B CB  1 
ATOM   929  O OG1 . THR B 1 25 ? -5.033  -2.717  5.404   1.00 17.39 ? 25   THR B OG1 1 
ATOM   930  C CG2 . THR B 1 25 ? -5.944  -4.953  5.294   1.00 16.20 ? 25   THR B CG2 1 
ATOM   931  N N   . ARG B 1 26 ? -4.780  -1.374  2.539   1.00 12.63 ? 26   ARG B N   1 
ATOM   932  C CA  . ARG B 1 26 ? -4.877  -0.024  1.928   1.00 12.92 ? 26   ARG B CA  1 
ATOM   933  C C   . ARG B 1 26 ? -4.983  -0.145  0.458   1.00 11.66 ? 26   ARG B C   1 
ATOM   934  O O   . ARG B 1 26 ? -5.678  0.686   -0.141  1.00 13.71 ? 26   ARG B O   1 
ATOM   935  C CB  . ARG B 1 26 ? -3.733  0.875   2.380   1.00 11.78 ? 26   ARG B CB  1 
ATOM   936  C CG  . ARG B 1 26 ? -3.928  1.226   3.816   1.00 17.00 ? 26   ARG B CG  1 
ATOM   937  C CD  . ARG B 1 26 ? -2.909  2.108   4.389   1.00 21.59 ? 26   ARG B CD  1 
ATOM   938  N NE  . ARG B 1 26 ? -3.064  2.296   5.841   1.00 24.03 ? 26   ARG B NE  1 
ATOM   939  C CZ  . ARG B 1 26 ? -2.061  2.663   6.651   1.00 25.94 ? 26   ARG B CZ  1 
ATOM   940  N NH1 . ARG B 1 26 ? -0.845  2.863   6.174   1.00 28.25 ? 26   ARG B NH1 1 
ATOM   941  N NH2 . ARG B 1 26 ? -2.267  2.785   7.957   1.00 26.74 ? 26   ARG B NH2 1 
ATOM   942  N N   . ILE B 1 27 ? -4.295  -1.103  -0.187  1.00 10.62 ? 27   ILE B N   1 
ATOM   943  C CA  . ILE B 1 27 ? -4.438  -1.285  -1.642  1.00 12.06 ? 27   ILE B CA  1 
ATOM   944  C C   . ILE B 1 27 ? -5.906  -1.658  -1.943  1.00 11.48 ? 27   ILE B C   1 
ATOM   945  O O   . ILE B 1 27 ? -6.488  -1.087  -2.879  1.00 13.80 ? 27   ILE B O   1 
ATOM   946  C CB  . ILE B 1 27 ? -3.439  -2.282  -2.234  1.00 12.48 ? 27   ILE B CB  1 
ATOM   947  C CG1 . ILE B 1 27 ? -2.048  -1.652  -2.167  1.00 13.77 ? 27   ILE B CG1 1 
ATOM   948  C CG2 . ILE B 1 27 ? -3.830  -2.646  -3.659  1.00 15.49 ? 27   ILE B CG2 1 
ATOM   949  C CD1 . ILE B 1 27 ? -0.951  -2.595  -2.284  1.00 13.89 ? 27   ILE B CD1 1 
ATOM   950  N N   . LEU B 1 28 ? -6.428  -2.609  -1.189  1.00 12.70 ? 28   LEU B N   1 
ATOM   951  C CA  . LEU B 1 28 ? -7.837  -3.033  -1.352  1.00 11.49 ? 28   LEU B CA  1 
ATOM   952  C C   . LEU B 1 28 ? -8.749  -1.892  -1.106  1.00 13.59 ? 28   LEU B C   1 
ATOM   953  O O   . LEU B 1 28 ? -9.736  -1.708  -1.873  1.00 13.85 ? 28   LEU B O   1 
ATOM   954  C CB  . LEU B 1 28 ? -8.147  -4.240  -0.472  1.00 11.48 ? 28   LEU B CB  1 
ATOM   955  C CG  . LEU B 1 28 ? -7.472  -5.574  -0.812  1.00 11.95 ? 28   LEU B CG  1 
ATOM   956  C CD1 . LEU B 1 28 ? -7.825  -6.677  0.219   1.00 11.57 ? 28   LEU B CD1 1 
ATOM   957  C CD2 . LEU B 1 28 ? -7.755  -6.053  -2.218  1.00 12.87 ? 28   LEU B CD2 1 
ATOM   958  N N   . ASP B 1 29 ? -8.522  -1.115  -0.060  1.00 12.40 ? 29   ASP B N   1 
ATOM   959  C CA  . ASP B 1 29 ? -9.331  0.089   0.192   1.00 13.54 ? 29   ASP B CA  1 
ATOM   960  C C   . ASP B 1 29 ? -9.274  1.095   -0.964  1.00 13.85 ? 29   ASP B C   1 
ATOM   961  O O   . ASP B 1 29 ? -10.296 1.657   -1.352  1.00 15.03 ? 29   ASP B O   1 
ATOM   962  C CB  . ASP B 1 29 ? -8.969  0.797   1.482   1.00 14.30 ? 29   ASP B CB  1 
ATOM   963  C CG  . ASP B 1 29 ? -9.124  -0.069  2.712   1.00 15.95 ? 29   ASP B CG  1 
ATOM   964  O OD1 . ASP B 1 29 ? -9.832  -1.095  2.694   1.00 18.25 ? 29   ASP B OD1 1 
ATOM   965  O OD2 . ASP B 1 29 ? -8.518  0.180   3.772   1.00 22.47 ? 29   ASP B OD2 1 
ATOM   966  N N   . GLY B 1 30 ? -8.088  1.315   -1.530  1.00 13.31 ? 30   GLY B N   1 
ATOM   967  C CA  . GLY B 1 30 ? -7.900  2.176   -2.679  1.00 12.49 ? 30   GLY B CA  1 
ATOM   968  C C   . GLY B 1 30 ? -8.702  1.694   -3.881  1.00 13.79 ? 30   GLY B C   1 
ATOM   969  O O   . GLY B 1 30 ? -9.190  2.558   -4.605  1.00 15.86 ? 30   GLY B O   1 
ATOM   970  N N   . LYS B 1 31 ? -8.873  0.402   -4.079  1.00 13.78 ? 31   LYS B N   1 
ATOM   971  C CA  . LYS B 1 31 ? -9.587  -0.140  -5.236  1.00 16.32 ? 31   LYS B CA  1 
ATOM   972  C C   . LYS B 1 31 ? -11.074 -0.291  -4.897  1.00 16.57 ? 31   LYS B C   1 
ATOM   973  O O   . LYS B 1 31 ? -11.854 -0.699  -5.748  1.00 18.23 ? 31   LYS B O   1 
ATOM   974  C CB  . LYS B 1 31 ? -8.991  -1.428  -5.665  1.00 16.02 ? 31   LYS B CB  1 
ATOM   975  C CG  . LYS B 1 31 ? -7.582  -1.220  -6.280  1.00 18.93 ? 31   LYS B CG  1 
ATOM   976  C CD  . LYS B 1 31 ? -7.015  -2.512  -6.763  1.00 19.59 ? 31   LYS B CD  1 
ATOM   977  C CE  . LYS B 1 31 ? -7.731  -3.146  -7.972  1.00 23.65 ? 31   LYS B CE  1 
ATOM   978  N NZ  A LYS B 1 31 ? -7.505  -2.443  -9.246  0.50 17.93 ? 31   LYS B NZ  1 
ATOM   979  N NZ  B LYS B 1 31 ? -7.597  -2.324  -9.197  0.50 23.49 ? 31   LYS B NZ  1 
ATOM   980  N N   . ARG B 1 32 ? -11.463 0.019   -3.656  1.00 16.44 ? 32   ARG B N   1 
ATOM   981  C CA  . ARG B 1 32 ? -12.885 -0.148  -3.205  1.00 17.34 ? 32   ARG B CA  1 
ATOM   982  C C   . ARG B 1 32 ? -13.371 -1.614  -3.353  1.00 18.11 ? 32   ARG B C   1 
ATOM   983  O O   . ARG B 1 32 ? -14.496 -1.914  -3.752  1.00 17.28 ? 32   ARG B O   1 
ATOM   984  C CB  . ARG B 1 32 ? -13.751 0.852   -3.940  1.00 18.61 ? 32   ARG B CB  1 
ATOM   985  C CG  . ARG B 1 32 ? -13.124 2.286   -3.848  1.00 20.80 ? 32   ARG B CG  1 
ATOM   986  C CD  . ARG B 1 32 ? -13.784 3.315   -4.666  1.00 24.76 ? 32   ARG B CD  1 
ATOM   987  N NE  . ARG B 1 32 ? -15.174 2.994   -4.571  1.00 25.01 ? 32   ARG B NE  1 
ATOM   988  C CZ  . ARG B 1 32 ? -15.925 3.348   -3.551  1.00 30.52 ? 32   ARG B CZ  1 
ATOM   989  N NH1 . ARG B 1 32 ? -15.444 4.134   -2.581  1.00 33.09 ? 32   ARG B NH1 1 
ATOM   990  N NH2 . ARG B 1 32 ? -17.192 2.957   -3.526  1.00 31.94 ? 32   ARG B NH2 1 
ATOM   991  N N   . ILE B 1 33 ? -12.491 -2.534  -3.045  1.00 16.13 ? 33   ILE B N   1 
ATOM   992  C CA  . ILE B 1 33 ? -12.790 -3.951  -3.008  1.00 16.04 ? 33   ILE B CA  1 
ATOM   993  C C   . ILE B 1 33 ? -13.182 -4.337  -1.589  1.00 16.43 ? 33   ILE B C   1 
ATOM   994  O O   . ILE B 1 33 ? -12.472 -4.067  -0.661  1.00 17.19 ? 33   ILE B O   1 
ATOM   995  C CB  . ILE B 1 33 ? -11.619 -4.810  -3.505  1.00 17.09 ? 33   ILE B CB  1 
ATOM   996  C CG1 . ILE B 1 33 ? -11.421 -4.620  -5.006  1.00 14.77 ? 33   ILE B CG1 1 
ATOM   997  C CG2 . ILE B 1 33 ? -11.859 -6.296  -3.179  1.00 15.42 ? 33   ILE B CG2 1 
ATOM   998  C CD1 . ILE B 1 33 ? -10.069 -5.017  -5.524  1.00 17.42 ? 33   ILE B CD1 1 
ATOM   999  N N   . GLN B 1 34 ? -14.387 -4.855  -1.460  1.00 16.26 ? 34   GLN B N   1 
ATOM   1000 C CA  . GLN B 1 34 ? -14.880 -5.386  -0.187  1.00 16.10 ? 34   GLN B CA  1 
ATOM   1001 C C   . GLN B 1 34 ? -14.087 -6.660  0.255   1.00 13.19 ? 34   GLN B C   1 
ATOM   1002 O O   . GLN B 1 34 ? -13.854 -7.604  -0.500  1.00 13.16 ? 34   GLN B O   1 
ATOM   1003 C CB  . GLN B 1 34 ? -16.414 -5.640  -0.274  1.00 18.58 ? 34   GLN B CB  1 
ATOM   1004 C CG  . GLN B 1 34 ? -16.990 -6.106  1.041   1.00 23.27 ? 34   GLN B CG  1 
ATOM   1005 C CD  . GLN B 1 34 ? -18.504 -6.265  1.010   1.00 30.91 ? 34   GLN B CD  1 
ATOM   1006 O OE1 . GLN B 1 34 ? -19.048 -7.019  0.188   1.00 34.27 ? 34   GLN B OE1 1 
ATOM   1007 N NE2 . GLN B 1 34 ? -19.178 -5.584  1.924   1.00 33.11 ? 34   GLN B NE2 1 
ATOM   1008 N N   . TYR B 1 35 ? -13.758 -6.671  1.540   1.00 13.51 ? 35   TYR B N   1 
ATOM   1009 C CA  . TYR B 1 35 ? -13.157 -7.852  2.151   1.00 12.83 ? 35   TYR B CA  1 
ATOM   1010 C C   . TYR B 1 35 ? -13.516 -7.899  3.640   1.00 12.60 ? 35   TYR B C   1 
ATOM   1011 O O   . TYR B 1 35 ? -13.814 -6.866  4.249   1.00 13.89 ? 35   TYR B O   1 
ATOM   1012 C CB  . TYR B 1 35 ? -11.608 -7.854  2.000   1.00 12.50 ? 35   TYR B CB  1 
ATOM   1013 C CG  . TYR B 1 35 ? -10.902 -6.630  2.630   1.00 14.12 ? 35   TYR B CG  1 
ATOM   1014 C CD1 . TYR B 1 35 ? -10.932 -5.398  1.985   1.00 14.88 ? 35   TYR B CD1 1 
ATOM   1015 C CD2 . TYR B 1 35 ? -10.260 -6.702  3.854   1.00 16.73 ? 35   TYR B CD2 1 
ATOM   1016 C CE1 . TYR B 1 35 ? -10.332 -4.283  2.526   1.00 15.63 ? 35   TYR B CE1 1 
ATOM   1017 C CE2 . TYR B 1 35 ? -9.678  -5.576  4.416   1.00 14.62 ? 35   TYR B CE2 1 
ATOM   1018 C CZ  . TYR B 1 35 ? -9.709  -4.386  3.757   1.00 16.19 ? 35   TYR B CZ  1 
ATOM   1019 O OH  . TYR B 1 35 ? -9.124  -3.264  4.327   1.00 18.48 ? 35   TYR B OH  1 
ATOM   1020 N N   . GLN B 1 36 ? -13.476 -9.097  4.182   1.00 12.64 ? 36   GLN B N   1 
ATOM   1021 C CA  . GLN B 1 36 ? -13.557 -9.341  5.623   1.00 13.45 ? 36   GLN B CA  1 
ATOM   1022 C C   . GLN B 1 36 ? -12.185 -9.294  6.187   1.00 12.87 ? 36   GLN B C   1 
ATOM   1023 O O   . GLN B 1 36 ? -11.356 -10.118 5.793   1.00 12.90 ? 36   GLN B O   1 
ATOM   1024 C CB  . GLN B 1 36 ? -14.117 -10.717 5.821   1.00 13.63 ? 36   GLN B CB  1 
ATOM   1025 C CG  . GLN B 1 36 ? -14.406 -11.180 7.197   1.00 12.95 ? 36   GLN B CG  1 
ATOM   1026 C CD  . GLN B 1 36 ? -15.017 -12.579 7.162   1.00 13.76 ? 36   GLN B CD  1 
ATOM   1027 O OE1 . GLN B 1 36 ? -14.383 -13.545 6.987   1.00 13.56 ? 36   GLN B OE1 1 
ATOM   1028 N NE2 . GLN B 1 36 ? -16.384 -12.655 7.333   1.00 12.86 ? 36   GLN B NE2 1 
ATOM   1029 N N   . LEU B 1 37 ? -11.994 -8.429  7.158   1.00 12.87 ? 37   LEU B N   1 
ATOM   1030 C CA  . LEU B 1 37 ? -10.692 -8.309  7.841   1.00 11.83 ? 37   LEU B CA  1 
ATOM   1031 C C   . LEU B 1 37 ? -10.816 -9.162  9.088   1.00 13.32 ? 37   LEU B C   1 
ATOM   1032 O O   . LEU B 1 37 ? -11.576 -8.824  10.001  1.00 14.41 ? 37   LEU B O   1 
ATOM   1033 C CB  . LEU B 1 37 ? -10.405 -6.907  8.227   1.00 12.86 ? 37   LEU B CB  1 
ATOM   1034 C CG  . LEU B 1 37 ? -8.995  -6.644  8.763   1.00 13.59 ? 37   LEU B CG  1 
ATOM   1035 C CD1 . LEU B 1 37 ? -7.951  -7.097  7.807   1.00 14.87 ? 37   LEU B CD1 1 
ATOM   1036 C CD2 . LEU B 1 37 ? -8.854  -5.160  9.023   1.00 18.16 ? 37   LEU B CD2 1 
ATOM   1037 N N   . VAL B 1 38 ? -9.964  -10.182 9.216   1.00 12.86 ? 38   VAL B N   1 
ATOM   1038 C CA  . VAL B 1 38 ? -9.956  -11.067 10.345  1.00 12.52 ? 38   VAL B CA  1 
ATOM   1039 C C   . VAL B 1 38 ? -8.752  -10.722 11.131  1.00 14.60 ? 38   VAL B C   1 
ATOM   1040 O O   . VAL B 1 38 ? -7.673  -10.703 10.516  1.00 16.21 ? 38   VAL B O   1 
ATOM   1041 C CB  . VAL B 1 38 ? -9.971  -12.582 9.933   1.00 11.93 ? 38   VAL B CB  1 
ATOM   1042 C CG1 . VAL B 1 38 ? -9.688  -13.481 11.164  1.00 14.41 ? 38   VAL B CG1 1 
ATOM   1043 C CG2 . VAL B 1 38 ? -11.248 -12.963 9.210   1.00 12.71 ? 38   VAL B CG2 1 
ATOM   1044 N N   . ASP B 1 39 ? -8.925  -10.433 12.412  1.00 13.46 ? 39   ASP B N   1 
ATOM   1045 C CA  . ASP B 1 39 ? -7.801  -10.170 13.348  1.00 14.09 ? 39   ASP B CA  1 
ATOM   1046 C C   . ASP B 1 39 ? -7.606  -11.413 14.165  1.00 15.29 ? 39   ASP B C   1 
ATOM   1047 O O   . ASP B 1 39 ? -8.512  -11.838 14.949  1.00 14.11 ? 39   ASP B O   1 
ATOM   1048 C CB  . ASP B 1 39 ? -8.098  -8.947  14.190  1.00 14.62 ? 39   ASP B CB  1 
ATOM   1049 C CG  . ASP B 1 39 ? -7.083  -8.692  15.297  1.00 14.95 ? 39   ASP B CG  1 
ATOM   1050 O OD1 . ASP B 1 39 ? -5.978  -9.333  15.331  1.00 18.05 ? 39   ASP B OD1 1 
ATOM   1051 O OD2 . ASP B 1 39 ? -7.267  -7.793  16.157  1.00 18.16 ? 39   ASP B OD2 1 
ATOM   1052 N N   . ILE B 1 40 ? -6.400  -11.988 14.043  1.00 13.56 ? 40   ILE B N   1 
ATOM   1053 C CA  . ILE B 1 40 ? -6.074  -13.275 14.662  1.00 14.67 ? 40   ILE B CA  1 
ATOM   1054 C C   . ILE B 1 40 ? -5.519  -13.160 16.072  1.00 15.92 ? 40   ILE B C   1 
ATOM   1055 O O   . ILE B 1 40 ? -5.290  -14.225 16.722  1.00 18.15 ? 40   ILE B O   1 
ATOM   1056 C CB  . ILE B 1 40 ? -5.168  -14.151 13.839  1.00 14.35 ? 40   ILE B CB  1 
ATOM   1057 C CG1 . ILE B 1 40 ? -3.727  -13.603 13.797  1.00 14.90 ? 40   ILE B CG1 1 
ATOM   1058 C CG2 . ILE B 1 40 ? -5.721  -14.426 12.438  1.00 13.83 ? 40   ILE B CG2 1 
ATOM   1059 C CD1 . ILE B 1 40 ? -2.841  -14.525 13.200  1.00 17.04 ? 40   ILE B CD1 1 
ATOM   1060 N N   . SER B 1 41 ? -5.212  -11.954 16.502  1.00 18.05 ? 41   SER B N   1 
ATOM   1061 C CA  . SER B 1 41 ? -4.545  -11.751 17.803  1.00 20.75 ? 41   SER B CA  1 
ATOM   1062 C C   . SER B 1 41 ? -5.225  -12.507 18.979  1.00 22.66 ? 41   SER B C   1 
ATOM   1063 O O   . SER B 1 41 ? -6.429  -12.405 19.168  1.00 22.69 ? 41   SER B O   1 
ATOM   1064 C CB  . SER B 1 41 ? -4.483  -10.252 18.093  1.00 20.58 ? 41   SER B CB  1 
ATOM   1065 O OG  . SER B 1 41 ? -3.844  -9.997  19.349  1.00 23.20 ? 41   SER B OG  1 
ATOM   1066 N N   . GLN B 1 42 ? -4.449  -13.301 19.708  1.00 23.66 ? 42   GLN B N   1 
ATOM   1067 C CA  . GLN B 1 42 ? -4.889  -14.051 20.895  1.00 25.47 ? 42   GLN B CA  1 
ATOM   1068 C C   . GLN B 1 42 ? -6.144  -14.877 20.653  1.00 25.22 ? 42   GLN B C   1 
ATOM   1069 O O   . GLN B 1 42 ? -7.074  -14.947 21.510  1.00 26.43 ? 42   GLN B O   1 
ATOM   1070 C CB  . GLN B 1 42 ? -5.027  -13.092 22.070  1.00 26.79 ? 42   GLN B CB  1 
ATOM   1071 C CG  . GLN B 1 42 ? -3.679  -12.339 22.264  1.00 30.01 ? 42   GLN B CG  1 
ATOM   1072 C CD  . GLN B 1 42 ? -3.547  -11.581 23.575  1.00 37.53 ? 42   GLN B CD  1 
ATOM   1073 O OE1 . GLN B 1 42 ? -4.095  -11.990 24.611  1.00 42.73 ? 42   GLN B OE1 1 
ATOM   1074 N NE2 . GLN B 1 42 ? -2.803  -10.483 23.541  1.00 40.41 ? 42   GLN B NE2 1 
ATOM   1075 N N   . ASP B 1 43 ? -6.139  -15.553 19.514  1.00 22.59 ? 43   ASP B N   1 
ATOM   1076 C CA  . ASP B 1 43 ? -7.130  -16.561 19.221  1.00 21.81 ? 43   ASP B CA  1 
ATOM   1077 C C   . ASP B 1 43 ? -6.433  -17.607 18.329  1.00 21.41 ? 43   ASP B C   1 
ATOM   1078 O O   . ASP B 1 43 ? -6.384  -17.487 17.102  1.00 21.69 ? 43   ASP B O   1 
ATOM   1079 C CB  . ASP B 1 43 ? -8.401  -16.002 18.567  1.00 20.77 ? 43   ASP B CB  1 
ATOM   1080 C CG  . ASP B 1 43 ? -9.438  -17.110 18.455  1.00 21.30 ? 43   ASP B CG  1 
ATOM   1081 O OD1 . ASP B 1 43 ? -9.047  -18.237 18.069  1.00 26.95 ? 43   ASP B OD1 1 
ATOM   1082 O OD2 . ASP B 1 43 ? -10.621 -16.856 18.745  1.00 18.98 ? 43   ASP B OD2 1 
ATOM   1083 N N   . ASN B 1 44 ? -5.904  -18.632 18.988  1.00 21.68 ? 44   ASN B N   1 
ATOM   1084 C CA  . ASN B 1 44 ? -5.167  -19.672 18.310  1.00 21.14 ? 44   ASN B CA  1 
ATOM   1085 C C   . ASN B 1 44 ? -5.942  -20.364 17.187  1.00 18.56 ? 44   ASN B C   1 
ATOM   1086 O O   . ASN B 1 44 ? -5.394  -20.768 16.207  1.00 17.94 ? 44   ASN B O   1 
ATOM   1087 C CB  . ASN B 1 44 ? -4.691  -20.701 19.352  1.00 23.39 ? 44   ASN B CB  1 
ATOM   1088 C CG  . ASN B 1 44 ? -3.425  -20.293 20.026  1.00 26.00 ? 44   ASN B CG  1 
ATOM   1089 O OD1 . ASN B 1 44 ? -2.667  -19.461 19.536  1.00 33.88 ? 44   ASN B OD1 1 
ATOM   1090 N ND2 . ASN B 1 44 ? -3.158  -20.924 21.148  1.00 34.39 ? 44   ASN B ND2 1 
ATOM   1091 N N   . ALA B 1 45 ? -7.288  -20.487 17.286  1.00 16.40 ? 45   ALA B N   1 
ATOM   1092 C CA  . ALA B 1 45 ? -8.020  -21.095 16.245  1.00 16.33 ? 45   ALA B CA  1 
ATOM   1093 C C   . ALA B 1 45 ? -7.994  -20.315 14.937  1.00 13.74 ? 45   ALA B C   1 
ATOM   1094 O O   . ALA B 1 45 ? -7.980  -20.907 13.881  1.00 15.56 ? 45   ALA B O   1 
ATOM   1095 C CB  . ALA B 1 45 ? -9.516  -21.298 16.667  1.00 16.37 ? 45   ALA B CB  1 
ATOM   1096 N N   . LEU B 1 46 ? -7.994  -18.989 15.042  1.00 14.19 ? 46   LEU B N   1 
ATOM   1097 C CA  . LEU B 1 46 ? -7.918  -18.131 13.892  1.00 13.12 ? 46   LEU B CA  1 
ATOM   1098 C C   . LEU B 1 46 ? -6.544  -18.222 13.264  1.00 12.94 ? 46   LEU B C   1 
ATOM   1099 O O   . LEU B 1 46 ? -6.406  -18.345 12.089  1.00 12.76 ? 46   LEU B O   1 
ATOM   1100 C CB  . LEU B 1 46 ? -8.213  -16.689 14.267  1.00 13.32 ? 46   LEU B CB  1 
ATOM   1101 C CG  . LEU B 1 46 ? -9.759  -16.433 14.412  1.00 12.36 ? 46   LEU B CG  1 
ATOM   1102 C CD1 . LEU B 1 46 ? -10.042 -15.098 15.043  1.00 11.51 ? 46   LEU B CD1 1 
ATOM   1103 C CD2 . LEU B 1 46 ? -10.477 -16.613 13.003  1.00 11.42 ? 46   LEU B CD2 1 
ATOM   1104 N N   . ARG B 1 47 ? -5.575  -18.176 14.115  1.00 13.16 ? 47   ARG B N   1 
ATOM   1105 C CA  . ARG B 1 47 ? -4.177  -18.349 13.615  1.00 14.71 ? 47   ARG B CA  1 
ATOM   1106 C C   . ARG B 1 47 ? -4.020  -19.674 12.917  1.00 16.07 ? 47   ARG B C   1 
ATOM   1107 O O   . ARG B 1 47 ? -3.441  -19.751 11.839  1.00 15.98 ? 47   ARG B O   1 
ATOM   1108 C CB  . ARG B 1 47 ? -3.226  -18.279 14.776  1.00 14.31 ? 47   ARG B CB  1 
ATOM   1109 C CG  . ARG B 1 47 ? -1.674  -18.340 14.413  1.00 17.78 ? 47   ARG B CG  1 
ATOM   1110 C CD  . ARG B 1 47 ? -0.854  -18.855 15.614  1.00 22.84 ? 47   ARG B CD  1 
ATOM   1111 N NE  . ARG B 1 47 ? -1.285  -20.203 16.031  1.00 26.86 ? 47   ARG B NE  1 
ATOM   1112 C CZ  . ARG B 1 47 ? -0.819  -20.886 17.107  1.00 32.18 ? 47   ARG B CZ  1 
ATOM   1113 N NH1 . ARG B 1 47 ? 0.159   -20.386 17.859  1.00 32.94 ? 47   ARG B NH1 1 
ATOM   1114 N NH2 . ARG B 1 47 ? -1.291  -22.087 17.407  1.00 31.22 ? 47   ARG B NH2 1 
ATOM   1115 N N   . ASP B 1 48 ? -4.574  -20.728 13.500  1.00 17.53 ? 48   ASP B N   1 
ATOM   1116 C CA  . ASP B 1 48 ? -4.467  -22.051 12.890  1.00 17.61 ? 48   ASP B CA  1 
ATOM   1117 C C   . ASP B 1 48 ? -5.243  -22.148 11.581  1.00 16.78 ? 48   ASP B C   1 
ATOM   1118 O O   . ASP B 1 48 ? -4.844  -22.823 10.660  1.00 16.14 ? 48   ASP B O   1 
ATOM   1119 C CB  . ASP B 1 48 ? -4.943  -23.096 13.877  1.00 18.65 ? 48   ASP B CB  1 
ATOM   1120 C CG  . ASP B 1 48 ? -3.994  -23.283 15.034  1.00 25.27 ? 48   ASP B CG  1 
ATOM   1121 O OD1 . ASP B 1 48 ? -2.846  -22.742 14.990  1.00 27.07 ? 48   ASP B OD1 1 
ATOM   1122 O OD2 . ASP B 1 48 ? -4.320  -23.979 16.029  1.00 31.69 ? 48   ASP B OD2 1 
ATOM   1123 N N   . GLU B 1 49 ? -6.431  -21.511 11.506  1.00 15.65 ? 49   GLU B N   1 
ATOM   1124 C CA  . GLU B 1 49 ? -7.177  -21.528 10.273  1.00 17.13 ? 49   GLU B CA  1 
ATOM   1125 C C   . GLU B 1 49 ? -6.406  -20.868 9.144   1.00 15.89 ? 49   GLU B C   1 
ATOM   1126 O O   . GLU B 1 49 ? -6.361  -21.369 8.045   1.00 15.17 ? 49   GLU B O   1 
ATOM   1127 C CB  . GLU B 1 49 ? -8.623  -20.974 10.336  1.00 17.95 ? 49   GLU B CB  1 
ATOM   1128 C CG  . GLU B 1 49 ? -9.164  -21.160 8.931   1.00 20.10 ? 49   GLU B CG  1 
ATOM   1129 C CD  . GLU B 1 49 ? -10.652 -21.439 8.747   1.00 26.84 ? 49   GLU B CD  1 
ATOM   1130 O OE1 . GLU B 1 49 ? -11.386 -21.822 9.689   1.00 28.32 ? 49   GLU B OE1 1 
ATOM   1131 O OE2 . GLU B 1 49 ? -11.070 -21.303 7.555   1.00 33.69 ? 49   GLU B OE2 1 
ATOM   1132 N N   . MET B 1 50 ? -5.803  -19.728 9.445   1.00 15.77 ? 50   MET B N   1 
ATOM   1133 C CA  . MET B 1 50 ? -5.001  -19.016 8.471   1.00 16.69 ? 50   MET B CA  1 
ATOM   1134 C C   . MET B 1 50 ? -3.880  -19.930 7.990   1.00 16.33 ? 50   MET B C   1 
ATOM   1135 O O   . MET B 1 50 ? -3.643  -20.048 6.791   1.00 15.50 ? 50   MET B O   1 
ATOM   1136 C CB  . MET B 1 50 ? -4.400  -17.804 9.151   1.00 15.83 ? 50   MET B CB  1 
ATOM   1137 C CG  . MET B 1 50 ? -3.316  -17.078 8.358   1.00 17.07 ? 50   MET B CG  1 
ATOM   1138 S SD  . MET B 1 50 ? -2.582  -15.686 9.124   1.00 15.11 ? 50   MET B SD  1 
ATOM   1139 C CE  . MET B 1 50 ? -1.368  -16.544 10.144  1.00 13.75 ? 50   MET B CE  1 
ATOM   1140 N N   . ARG B 1 51 ? -3.234  -20.577 8.928   1.00 15.51 ? 51   ARG B N   1 
ATOM   1141 C CA  . ARG B 1 51 ? -2.112  -21.467 8.542   1.00 17.29 ? 51   ARG B CA  1 
ATOM   1142 C C   . ARG B 1 51 ? -2.468  -22.705 7.734   1.00 17.20 ? 51   ARG B C   1 
ATOM   1143 O O   . ARG B 1 51 ? -1.750  -23.136 6.852   1.00 17.55 ? 51   ARG B O   1 
ATOM   1144 C CB  . ARG B 1 51 ? -1.285  -21.867 9.742   1.00 16.97 ? 51   ARG B CB  1 
ATOM   1145 C CG  . ARG B 1 51 ? -0.572  -20.733 10.332  1.00 19.25 ? 51   ARG B CG  1 
ATOM   1146 C CD  . ARG B 1 51 ? -0.009  -20.995 11.667  1.00 23.03 ? 51   ARG B CD  1 
ATOM   1147 N NE  . ARG B 1 51 ? 1.024   -19.990 11.891  1.00 26.30 ? 51   ARG B NE  1 
ATOM   1148 C CZ  . ARG B 1 51 ? 1.795   -19.912 12.968  1.00 29.47 ? 51   ARG B CZ  1 
ATOM   1149 N NH1 . ARG B 1 51 ? 1.682   -20.795 13.965  1.00 25.56 ? 51   ARG B NH1 1 
ATOM   1150 N NH2 . ARG B 1 51 ? 2.720   -18.964 13.007  1.00 31.12 ? 51   ARG B NH2 1 
ATOM   1151 N N   . THR B 1 52 ? -3.684  -23.227 7.970   1.00 16.27 ? 52   THR B N   1 
ATOM   1152 C CA  . THR B 1 52 ? -4.200  -24.379 7.307   1.00 18.59 ? 52   THR B CA  1 
ATOM   1153 C C   . THR B 1 52 ? -4.560  -24.009 5.888   1.00 18.35 ? 52   THR B C   1 
ATOM   1154 O O   . THR B 1 52 ? -4.215  -24.706 4.924   1.00 20.47 ? 52   THR B O   1 
ATOM   1155 C CB  . THR B 1 52 ? -5.497  -24.753 8.098   1.00 18.50 ? 52   THR B CB  1 
ATOM   1156 O OG1 . THR B 1 52 ? -5.108  -25.431 9.325   1.00 22.43 ? 52   THR B OG1 1 
ATOM   1157 C CG2 . THR B 1 52 ? -6.399  -25.660 7.304   1.00 21.72 ? 52   THR B CG2 1 
ATOM   1158 N N   . LEU B 1 53 ? -5.239  -22.867 5.724   1.00 16.57 ? 53   LEU B N   1 
ATOM   1159 C CA  . LEU B 1 53 ? -5.571  -22.374 4.381   1.00 18.55 ? 53   LEU B CA  1 
ATOM   1160 C C   . LEU B 1 53 ? -4.343  -22.031 3.492   1.00 17.88 ? 53   LEU B C   1 
ATOM   1161 O O   . LEU B 1 53 ? -4.370  -22.295 2.293   1.00 16.81 ? 53   LEU B O   1 
ATOM   1162 C CB  . LEU B 1 53 ? -6.536  -21.193 4.437   1.00 18.24 ? 53   LEU B CB  1 
ATOM   1163 C CG  . LEU B 1 53 ? -7.880  -21.537 5.138   1.00 20.10 ? 53   LEU B CG  1 
ATOM   1164 C CD1 . LEU B 1 53 ? -8.883  -20.321 5.143   1.00 20.91 ? 53   LEU B CD1 1 
ATOM   1165 C CD2 . LEU B 1 53 ? -8.475  -22.762 4.500   1.00 18.92 ? 53   LEU B CD2 1 
ATOM   1166 N N   . ALA B 1 54 ? -3.292  -21.522 4.099   1.00 18.75 ? 54   ALA B N   1 
ATOM   1167 C CA  . ALA B 1 54 ? -2.032  -21.185 3.423   1.00 19.85 ? 54   ALA B CA  1 
ATOM   1168 C C   . ALA B 1 54 ? -1.148  -22.387 3.209   1.00 21.05 ? 54   ALA B C   1 
ATOM   1169 O O   . ALA B 1 54 ? -0.080  -22.276 2.549   1.00 22.05 ? 54   ALA B O   1 
ATOM   1170 C CB  . ALA B 1 54 ? -1.296  -20.161 4.202   1.00 20.13 ? 54   ALA B CB  1 
ATOM   1171 N N   . GLY B 1 55 ? -1.579  -23.544 3.727   1.00 21.96 ? 55   GLY B N   1 
ATOM   1172 C CA  . GLY B 1 55 ? -0.782  -24.764 3.682   1.00 23.02 ? 55   GLY B CA  1 
ATOM   1173 C C   . GLY B 1 55 ? 0.636   -24.586 4.191   1.00 23.39 ? 55   GLY B C   1 
ATOM   1174 O O   . GLY B 1 55 ? 1.586   -25.181 3.647   1.00 25.01 ? 55   GLY B O   1 
ATOM   1175 N N   . ASN B 1 56 ? 0.807   -23.779 5.219   1.00 23.43 ? 56   ASN B N   1 
ATOM   1176 C CA  . ASN B 1 56 ? 2.129   -23.491 5.743   1.00 24.22 ? 56   ASN B CA  1 
ATOM   1177 C C   . ASN B 1 56 ? 2.021   -23.244 7.270   1.00 24.37 ? 56   ASN B C   1 
ATOM   1178 O O   . ASN B 1 56 ? 1.508   -22.214 7.742   1.00 22.13 ? 56   ASN B O   1 
ATOM   1179 C CB  . ASN B 1 56 ? 2.706   -22.276 5.004   1.00 24.19 ? 56   ASN B CB  1 
ATOM   1180 C CG  . ASN B 1 56 ? 4.055   -21.815 5.560   1.00 26.64 ? 56   ASN B CG  1 
ATOM   1181 O OD1 . ASN B 1 56 ? 4.630   -20.839 5.067   1.00 30.29 ? 56   ASN B OD1 1 
ATOM   1182 N ND2 . ASN B 1 56 ? 4.531   -22.465 6.588   1.00 21.38 ? 56   ASN B ND2 1 
ATOM   1183 N N   . PRO B 1 57 ? 2.498   -24.189 8.079   1.00 25.09 ? 57   PRO B N   1 
ATOM   1184 C CA  . PRO B 1 57 ? 2.328   -24.108 9.522   1.00 25.31 ? 57   PRO B CA  1 
ATOM   1185 C C   . PRO B 1 57 ? 3.090   -22.944 10.187  1.00 24.82 ? 57   PRO B C   1 
ATOM   1186 O O   . PRO B 1 57 ? 2.861   -22.631 11.346  1.00 25.38 ? 57   PRO B O   1 
ATOM   1187 C CB  . PRO B 1 57 ? 2.799   -25.501 9.991   1.00 25.99 ? 57   PRO B CB  1 
ATOM   1188 C CG  . PRO B 1 57 ? 3.712   -25.946 8.970   1.00 27.52 ? 57   PRO B CG  1 
ATOM   1189 C CD  . PRO B 1 57 ? 3.307   -25.356 7.671   1.00 26.01 ? 57   PRO B CD  1 
ATOM   1190 N N   . LYS B 1 58 ? 3.973   -22.289 9.436   1.00 24.88 ? 58   LYS B N   1 
ATOM   1191 C CA  . LYS B 1 58 ? 4.664   -21.114 9.913   1.00 24.21 ? 58   LYS B CA  1 
ATOM   1192 C C   . LYS B 1 58 ? 4.190   -19.833 9.237   1.00 22.67 ? 58   LYS B C   1 
ATOM   1193 O O   . LYS B 1 58 ? 4.810   -18.790 9.387   1.00 23.89 ? 58   LYS B O   1 
ATOM   1194 C CB  . LYS B 1 58 ? 6.207   -21.286 9.723   1.00 25.29 ? 58   LYS B CB  1 
ATOM   1195 C CG  . LYS B 1 58 ? 6.808   -20.729 8.420   1.00 30.16 ? 58   LYS B CG  1 
ATOM   1196 C CD  . LYS B 1 58 ? 8.319   -20.302 8.626   1.00 35.97 ? 58   LYS B CD  1 
ATOM   1197 C CE  . LYS B 1 58 ? 9.166   -20.354 7.314   1.00 39.84 ? 58   LYS B CE  1 
ATOM   1198 N NZ  . LYS B 1 58 ? 9.841   -19.043 6.971   1.00 43.23 ? 58   LYS B NZ  1 
ATOM   1199 N N   . ALA B 1 59 ? 3.088   -19.878 8.495   1.00 20.88 ? 59   ALA B N   1 
ATOM   1200 C CA  . ALA B 1 59 ? 2.630   -18.652 7.851   1.00 19.72 ? 59   ALA B CA  1 
ATOM   1201 C C   . ALA B 1 59 ? 2.334   -17.564 8.900   1.00 18.88 ? 59   ALA B C   1 
ATOM   1202 O O   . ALA B 1 59 ? 1.936   -17.850 10.019  1.00 18.95 ? 59   ALA B O   1 
ATOM   1203 C CB  . ALA B 1 59 ? 1.400   -18.914 7.021   1.00 19.42 ? 59   ALA B CB  1 
ATOM   1204 N N   . THR B 1 60 ? 2.583   -16.309 8.507   1.00 18.26 ? 60   THR B N   1 
ATOM   1205 C CA  . THR B 1 60 ? 2.209   -15.119 9.283   1.00 18.41 ? 60   THR B CA  1 
ATOM   1206 C C   . THR B 1 60 ? 1.306   -14.203 8.411   1.00 16.67 ? 60   THR B C   1 
ATOM   1207 O O   . THR B 1 60 ? 1.350   -14.267 7.186   1.00 15.51 ? 60   THR B O   1 
ATOM   1208 C CB  . THR B 1 60 ? 3.466   -14.338 9.709   1.00 20.24 ? 60   THR B CB  1 
ATOM   1209 O OG1 . THR B 1 60 ? 4.304   -14.112 8.571   1.00 23.21 ? 60   THR B OG1 1 
ATOM   1210 C CG2 . THR B 1 60 ? 4.367   -15.137 10.632  1.00 21.38 ? 60   THR B CG2 1 
ATOM   1211 N N   . PRO B 1 61 ? 0.578   -13.285 9.045   1.00 16.10 ? 61   PRO B N   1 
ATOM   1212 C CA  . PRO B 1 61 ? -0.232  -12.340 8.221   1.00 15.04 ? 61   PRO B CA  1 
ATOM   1213 C C   . PRO B 1 61 ? 0.706   -11.441 7.386   1.00 15.13 ? 61   PRO B C   1 
ATOM   1214 O O   . PRO B 1 61 ? 1.910   -11.261 7.782   1.00 14.64 ? 61   PRO B O   1 
ATOM   1215 C CB  . PRO B 1 61 ? -0.959  -11.524 9.239   1.00 15.05 ? 61   PRO B CB  1 
ATOM   1216 C CG  . PRO B 1 61 ? -0.942  -12.350 10.521  1.00 15.69 ? 61   PRO B CG  1 
ATOM   1217 C CD  . PRO B 1 61 ? 0.470   -12.970 10.464  1.00 16.61 ? 61   PRO B CD  1 
ATOM   1218 N N   . PRO B 1 62 ? 0.214   -10.830 6.315   1.00 13.78 ? 62   PRO B N   1 
ATOM   1219 C CA  . PRO B 1 62 ? -1.196  -10.988 5.872   1.00 13.84 ? 62   PRO B CA  1 
ATOM   1220 C C   . PRO B 1 62 ? -1.322  -12.209 4.994   1.00 12.64 ? 62   PRO B C   1 
ATOM   1221 O O   . PRO B 1 62 ? -0.359  -12.662 4.325   1.00 11.36 ? 62   PRO B O   1 
ATOM   1222 C CB  . PRO B 1 62 ? -1.514  -9.629  5.245   1.00 11.69 ? 62   PRO B CB  1 
ATOM   1223 C CG  . PRO B 1 62 ? -0.200  -9.135  4.737   1.00 13.19 ? 62   PRO B CG  1 
ATOM   1224 C CD  . PRO B 1 62 ? 0.846   -9.737  5.633   1.00 14.22 ? 62   PRO B CD  1 
ATOM   1225 N N   . GLN B 1 63 ? -2.524  -12.824 4.996   1.00 8.35  ? 63   GLN B N   1 
ATOM   1226 C CA  . GLN B 1 63 ? -2.765  -13.950 4.157   1.00 10.45 ? 63   GLN B CA  1 
ATOM   1227 C C   . GLN B 1 63 ? -4.147  -13.742 3.617   1.00 10.81 ? 63   GLN B C   1 
ATOM   1228 O O   . GLN B 1 63 ? -4.997  -13.355 4.423   1.00 13.00 ? 63   GLN B O   1 
ATOM   1229 C CB  . GLN B 1 63 ? -2.733  -15.285 4.914   1.00 11.40 ? 63   GLN B CB  1 
ATOM   1230 C CG  . GLN B 1 63 ? -1.305  -15.690 5.411   1.00 9.72  ? 63   GLN B CG  1 
ATOM   1231 C CD  . GLN B 1 63 ? -0.400  -15.986 4.369   1.00 12.63 ? 63   GLN B CD  1 
ATOM   1232 O OE1 . GLN B 1 63 ? -0.766  -16.381 3.253   1.00 12.75 ? 63   GLN B OE1 1 
ATOM   1233 N NE2 . GLN B 1 63 ? 0.919   -15.865 4.735   1.00 13.10 ? 63   GLN B NE2 1 
ATOM   1234 N N   . ILE B 1 64 ? -4.348  -13.942 2.322   1.00 10.80 ? 64   ILE B N   1 
ATOM   1235 C CA  . ILE B 1 64 ? -5.587  -13.669 1.673   1.00 11.79 ? 64   ILE B CA  1 
ATOM   1236 C C   . ILE B 1 64 ? -6.250  -14.964 1.170   1.00 11.10 ? 64   ILE B C   1 
ATOM   1237 O O   . ILE B 1 64 ? -5.598  -15.815 0.569   1.00 11.27 ? 64   ILE B O   1 
ATOM   1238 C CB  . ILE B 1 64 ? -5.355  -12.694 0.483   1.00 11.62 ? 64   ILE B CB  1 
ATOM   1239 C CG1 . ILE B 1 64 ? -4.597  -11.433 0.958   1.00 12.40 ? 64   ILE B CG1 1 
ATOM   1240 C CG2 . ILE B 1 64 ? -6.682  -12.314 -0.150  1.00 13.73 ? 64   ILE B CG2 1 
ATOM   1241 C CD1 . ILE B 1 64 ? -3.126  -11.416 0.592   1.00 14.18 ? 64   ILE B CD1 1 
ATOM   1242 N N   . VAL B 1 65 ? -7.557  -15.107 1.427   1.00 11.25 ? 65   VAL B N   1 
ATOM   1243 C CA  . VAL B 1 65 ? -8.321  -16.261 0.971   1.00 13.24 ? 65   VAL B CA  1 
ATOM   1244 C C   . VAL B 1 65 ? -9.700  -15.795 0.452   1.00 11.91 ? 65   VAL B C   1 
ATOM   1245 O O   . VAL B 1 65 ? -10.164 -14.711 0.835   1.00 14.26 ? 65   VAL B O   1 
ATOM   1246 C CB  . VAL B 1 65 ? -8.466  -17.277 2.123   1.00 13.88 ? 65   VAL B CB  1 
ATOM   1247 C CG1 . VAL B 1 65 ? -7.122  -17.508 2.819   1.00 15.14 ? 65   VAL B CG1 1 
ATOM   1248 C CG2 . VAL B 1 65 ? -9.495  -16.786 3.129   1.00 17.39 ? 65   VAL B CG2 1 
ATOM   1249 N N   . ASN B 1 66 ? -10.362 -16.551 -0.409  1.00 13.33 ? 66   ASN B N   1 
ATOM   1250 C CA  . ASN B 1 66 ? -11.687 -16.202 -0.913  1.00 14.74 ? 66   ASN B CA  1 
ATOM   1251 C C   . ASN B 1 66 ? -12.481 -17.474 -0.697  1.00 14.94 ? 66   ASN B C   1 
ATOM   1252 O O   . ASN B 1 66 ? -12.298 -18.496 -1.382  1.00 15.73 ? 66   ASN B O   1 
ATOM   1253 C CB  . ASN B 1 66 ? -11.704 -15.750 -2.371  1.00 12.07 ? 66   ASN B CB  1 
ATOM   1254 C CG  . ASN B 1 66 ? -13.010 -15.172 -2.775  1.00 15.34 ? 66   ASN B CG  1 
ATOM   1255 O OD1 . ASN B 1 66 ? -14.023 -15.617 -2.206  1.00 16.61 ? 66   ASN B OD1 1 
ATOM   1256 N ND2 . ASN B 1 66 ? -13.031 -14.182 -3.719  1.00 15.97 ? 66   ASN B ND2 1 
ATOM   1257 N N   . GLY B 1 67 ? -13.376 -17.434 0.292   1.00 18.09 ? 67   GLY B N   1 
ATOM   1258 C CA  . GLY B 1 67 ? -14.031 -18.644 0.693   1.00 18.67 ? 67   GLY B CA  1 
ATOM   1259 C C   . GLY B 1 67 ? -13.047 -19.511 1.432   1.00 18.36 ? 67   GLY B C   1 
ATOM   1260 O O   . GLY B 1 67 ? -12.489 -19.069 2.401   1.00 20.33 ? 67   GLY B O   1 
ATOM   1261 N N   . ASN B 1 68 ? -12.836 -20.721 0.966   1.00 19.82 ? 68   ASN B N   1 
ATOM   1262 C CA  . ASN B 1 68 ? -11.808 -21.584 1.494   1.00 21.29 ? 68   ASN B CA  1 
ATOM   1263 C C   . ASN B 1 68 ? -10.670 -21.728 0.513   1.00 21.47 ? 68   ASN B C   1 
ATOM   1264 O O   . ASN B 1 68 ? -9.754  -22.545 0.788   1.00 22.83 ? 68   ASN B O   1 
ATOM   1265 C CB  . ASN B 1 68 ? -12.322 -23.000 1.806   1.00 21.10 ? 68   ASN B CB  1 
ATOM   1266 C CG  . ASN B 1 68 ? -13.244 -23.034 3.018   1.00 25.12 ? 68   ASN B CG  1 
ATOM   1267 O OD1 . ASN B 1 68 ? -14.454 -23.029 2.856   1.00 26.97 ? 68   ASN B OD1 1 
ATOM   1268 N ND2 . ASN B 1 68 ? -12.669 -23.099 4.227   1.00 24.25 ? 68   ASN B ND2 1 
ATOM   1269 N N   . HIS B 1 69 ? -10.743 -20.980 -0.599  1.00 20.54 ? 69   HIS B N   1 
ATOM   1270 C CA  . HIS B 1 69 ? -9.640  -20.974 -1.617  1.00 20.87 ? 69   HIS B CA  1 
ATOM   1271 C C   . HIS B 1 69 ? -8.530  -20.102 -1.103  1.00 19.16 ? 69   HIS B C   1 
ATOM   1272 O O   . HIS B 1 69 ? -8.723  -18.928 -0.796  1.00 18.91 ? 69   HIS B O   1 
ATOM   1273 C CB  . HIS B 1 69 ? -10.054 -20.379 -2.980  1.00 21.06 ? 69   HIS B CB  1 
ATOM   1274 C CG  . HIS B 1 69 ? -11.127 -21.128 -3.726  1.00 27.47 ? 69   HIS B CG  1 
ATOM   1275 N ND1 . HIS B 1 69 ? -10.857 -22.115 -4.648  1.00 30.62 ? 69   HIS B ND1 1 
ATOM   1276 C CD2 . HIS B 1 69 ? -12.478 -20.995 -3.715  1.00 34.23 ? 69   HIS B CD2 1 
ATOM   1277 C CE1 . HIS B 1 69 ? -11.988 -22.586 -5.145  1.00 33.19 ? 69   HIS B CE1 1 
ATOM   1278 N NE2 . HIS B 1 69 ? -12.987 -21.911 -4.606  1.00 35.35 ? 69   HIS B NE2 1 
ATOM   1279 N N   . TYR B 1 70 ? -7.311  -20.582 -1.111  1.00 18.75 ? 70   TYR B N   1 
ATOM   1280 C CA  . TYR B 1 70 ? -6.232  -19.716 -0.783  1.00 16.22 ? 70   TYR B CA  1 
ATOM   1281 C C   . TYR B 1 70 ? -5.853  -18.872 -1.989  1.00 16.34 ? 70   TYR B C   1 
ATOM   1282 O O   . TYR B 1 70 ? -5.711  -19.399 -3.111  1.00 19.17 ? 70   TYR B O   1 
ATOM   1283 C CB  . TYR B 1 70 ? -5.088  -20.569 -0.329  1.00 15.58 ? 70   TYR B CB  1 
ATOM   1284 C CG  . TYR B 1 70 ? -3.811  -19.858 0.089   1.00 15.66 ? 70   TYR B CG  1 
ATOM   1285 C CD1 . TYR B 1 70 ? -3.791  -18.855 1.061   1.00 14.16 ? 70   TYR B CD1 1 
ATOM   1286 C CD2 . TYR B 1 70 ? -2.594  -20.202 -0.510  1.00 18.00 ? 70   TYR B CD2 1 
ATOM   1287 C CE1 . TYR B 1 70 ? -2.592  -18.190 1.435   1.00 11.89 ? 70   TYR B CE1 1 
ATOM   1288 C CE2 . TYR B 1 70 ? -1.408  -19.572 -0.132  1.00 18.20 ? 70   TYR B CE2 1 
ATOM   1289 C CZ  . TYR B 1 70 ? -1.415  -18.556 0.820   1.00 15.52 ? 70   TYR B CZ  1 
ATOM   1290 O OH  . TYR B 1 70 ? -0.282  -17.933 1.217   1.00 15.63 ? 70   TYR B OH  1 
ATOM   1291 N N   . CYS B 1 71 ? -5.603  -17.572 -1.759  1.00 14.59 ? 71   CYS B N   1 
ATOM   1292 C CA  . CYS B 1 71 ? -5.143  -16.678 -2.807  1.00 13.26 ? 71   CYS B CA  1 
ATOM   1293 C C   . CYS B 1 71 ? -3.648  -16.515 -2.714  1.00 13.83 ? 71   CYS B C   1 
ATOM   1294 O O   . CYS B 1 71 ? -2.931  -16.717 -3.684  1.00 15.77 ? 71   CYS B O   1 
ATOM   1295 C CB  . CYS B 1 71 ? -5.777  -15.293 -2.715  1.00 9.73  ? 71   CYS B CB  1 
ATOM   1296 S SG  . CYS B 1 71 ? -7.514  -15.291 -2.175  1.00 15.86 ? 71   CYS B SG  1 
ATOM   1297 N N   . GLY B 1 72 ? -3.139  -16.149 -1.526  1.00 13.30 ? 72   GLY B N   1 
ATOM   1298 C CA  . GLY B 1 72 ? -1.700  -16.032 -1.423  1.00 13.46 ? 72   GLY B CA  1 
ATOM   1299 C C   . GLY B 1 72 ? -1.276  -15.090 -0.312  1.00 13.07 ? 72   GLY B C   1 
ATOM   1300 O O   . GLY B 1 72 ? -2.079  -14.640 0.492   1.00 13.13 ? 72   GLY B O   1 
ATOM   1301 N N   . ASP B 1 73 ? -0.005  -14.756 -0.286  1.00 11.56 ? 73   ASP B N   1 
ATOM   1302 C CA  . ASP B 1 73 ? 0.545   -13.846 0.725   1.00 14.10 ? 73   ASP B CA  1 
ATOM   1303 C C   . ASP B 1 73 ? 0.918   -12.494 0.168   1.00 13.42 ? 73   ASP B C   1 
ATOM   1304 O O   . ASP B 1 73 ? 0.563   -12.162 -0.954  1.00 12.29 ? 73   ASP B O   1 
ATOM   1305 C CB  . ASP B 1 73 ? 1.780   -14.497 1.380   1.00 14.86 ? 73   ASP B CB  1 
ATOM   1306 C CG  . ASP B 1 73 ? 2.821   -14.839 0.350   1.00 19.14 ? 73   ASP B CG  1 
ATOM   1307 O OD1 . ASP B 1 73 ? 2.618   -14.519 -0.837  1.00 17.29 ? 73   ASP B OD1 1 
ATOM   1308 O OD2 . ASP B 1 73 ? 3.860   -15.417 0.736   1.00 19.95 ? 73   ASP B OD2 1 
ATOM   1309 N N   . TYR B 1 74 ? 1.651   -11.705 0.950   1.00 13.35 ? 74   TYR B N   1 
ATOM   1310 C CA  . TYR B 1 74 ? 2.014   -10.371 0.564   1.00 13.60 ? 74   TYR B CA  1 
ATOM   1311 C C   . TYR B 1 74 ? 2.766   -10.341 -0.790  1.00 15.63 ? 74   TYR B C   1 
ATOM   1312 O O   . TYR B 1 74 ? 2.479   -9.526  -1.632  1.00 12.45 ? 74   TYR B O   1 
ATOM   1313 C CB  . TYR B 1 74 ? 2.811   -9.689  1.680   1.00 14.48 ? 74   TYR B CB  1 
ATOM   1314 C CG  . TYR B 1 74 ? 3.433   -8.415  1.301   1.00 12.65 ? 74   TYR B CG  1 
ATOM   1315 C CD1 . TYR B 1 74 ? 2.742   -7.275  1.314   1.00 15.80 ? 74   TYR B CD1 1 
ATOM   1316 C CD2 . TYR B 1 74 ? 4.805   -8.363  0.943   1.00 14.29 ? 74   TYR B CD2 1 
ATOM   1317 C CE1 . TYR B 1 74 ? 3.316   -6.066  0.944   1.00 18.47 ? 74   TYR B CE1 1 
ATOM   1318 C CE2 . TYR B 1 74 ? 5.360   -7.200  0.545   1.00 16.98 ? 74   TYR B CE2 1 
ATOM   1319 C CZ  . TYR B 1 74 ? 4.657   -6.048  0.553   1.00 19.27 ? 74   TYR B CZ  1 
ATOM   1320 O OH  . TYR B 1 74 ? 5.227   -4.831  0.210   1.00 27.91 ? 74   TYR B OH  1 
ATOM   1321 N N   . GLU B 1 75 ? 3.769   -11.188 -0.930  1.00 17.10 ? 75   GLU B N   1 
ATOM   1322 C CA  . GLU B 1 75 ? 4.613   -11.159 -2.134  1.00 17.53 ? 75   GLU B CA  1 
ATOM   1323 C C   . GLU B 1 75 ? 3.818   -11.360 -3.417  1.00 16.11 ? 75   GLU B C   1 
ATOM   1324 O O   . GLU B 1 75 ? 3.987   -10.614 -4.392  1.00 16.70 ? 75   GLU B O   1 
ATOM   1325 C CB  . GLU B 1 75 ? 5.658   -12.272 -2.072  1.00 20.34 ? 75   GLU B CB  1 
ATOM   1326 C CG  . GLU B 1 75 ? 7.064   -11.938 -2.440  1.00 26.18 ? 75   GLU B CG  1 
ATOM   1327 C CD  . GLU B 1 75 ? 7.890   -13.222 -2.600  1.00 30.56 ? 75   GLU B CD  1 
ATOM   1328 O OE1 . GLU B 1 75 ? 7.629   -14.244 -1.904  1.00 34.08 ? 75   GLU B OE1 1 
ATOM   1329 O OE2 . GLU B 1 75 ? 8.795   -13.254 -3.433  1.00 36.13 ? 75   GLU B OE2 1 
ATOM   1330 N N   . LEU B 1 76 ? 2.922   -12.362 -3.404  1.00 14.76 ? 76   LEU B N   1 
ATOM   1331 C CA  . LEU B 1 76 ? 2.082   -12.658 -4.562  1.00 15.22 ? 76   LEU B CA  1 
ATOM   1332 C C   . LEU B 1 76 ? 0.920   -11.650 -4.784  1.00 14.58 ? 76   LEU B C   1 
ATOM   1333 O O   . LEU B 1 76 ? 0.531   -11.376 -5.915  1.00 11.34 ? 76   LEU B O   1 
ATOM   1334 C CB  . LEU B 1 76 ? 1.488   -14.063 -4.481  1.00 15.85 ? 76   LEU B CB  1 
ATOM   1335 C CG  . LEU B 1 76 ? 2.469   -15.222 -4.458  1.00 20.27 ? 76   LEU B CG  1 
ATOM   1336 C CD1 . LEU B 1 76 ? 1.742   -16.571 -4.484  1.00 25.41 ? 76   LEU B CD1 1 
ATOM   1337 C CD2 . LEU B 1 76 ? 3.476   -15.136 -5.626  1.00 24.79 ? 76   LEU B CD2 1 
ATOM   1338 N N   . PHE B 1 77 ? 0.405   -11.078 -3.691  1.00 12.60 ? 77   PHE B N   1 
ATOM   1339 C CA  . PHE B 1 77 ? -0.527  -9.963  -3.786  1.00 13.11 ? 77   PHE B CA  1 
ATOM   1340 C C   . PHE B 1 77 ? 0.110   -8.765  -4.480  1.00 13.96 ? 77   PHE B C   1 
ATOM   1341 O O   . PHE B 1 77 ? -0.411  -8.227  -5.453  1.00 12.32 ? 77   PHE B O   1 
ATOM   1342 C CB  . PHE B 1 77 ? -1.020  -9.555  -2.389  1.00 13.48 ? 77   PHE B CB  1 
ATOM   1343 C CG  . PHE B 1 77 ? -1.957  -8.407  -2.398  1.00 13.74 ? 77   PHE B CG  1 
ATOM   1344 C CD1 . PHE B 1 77 ? -1.562  -7.082  -2.395  1.00 14.98 ? 77   PHE B CD1 1 
ATOM   1345 C CD2 . PHE B 1 77 ? -3.317  -8.668  -2.371  1.00 16.30 ? 77   PHE B CD2 1 
ATOM   1346 C CE1 . PHE B 1 77 ? -2.458  -6.072  -2.388  1.00 15.10 ? 77   PHE B CE1 1 
ATOM   1347 C CE2 . PHE B 1 77 ? -4.229  -7.601  -2.383  1.00 15.09 ? 77   PHE B CE2 1 
ATOM   1348 C CZ  . PHE B 1 77 ? -3.816  -6.336  -2.377  1.00 14.03 ? 77   PHE B CZ  1 
ATOM   1349 N N   . VAL B 1 78 ? 1.296   -8.366  -4.034  1.00 13.20 ? 78   VAL B N   1 
ATOM   1350 C CA  . VAL B 1 78 ? 1.915   -7.225  -4.703  1.00 15.40 ? 78   VAL B CA  1 
ATOM   1351 C C   . VAL B 1 78 ? 2.320   -7.554  -6.141  1.00 12.92 ? 78   VAL B C   1 
ATOM   1352 O O   . VAL B 1 78 ? 2.251   -6.663  -6.985  1.00 12.90 ? 78   VAL B O   1 
ATOM   1353 C CB  . VAL B 1 78 ? 2.892   -6.327  -3.867  1.00 17.54 ? 78   VAL B CB  1 
ATOM   1354 C CG1 . VAL B 1 78 ? 2.974   -6.556  -2.396  1.00 20.53 ? 78   VAL B CG1 1 
ATOM   1355 C CG2 . VAL B 1 78 ? 4.205   -5.955  -4.585  1.00 17.82 ? 78   VAL B CG2 1 
ATOM   1356 N N   . GLU B 1 79 ? 2.670   -8.836  -6.422  1.00 13.36 ? 79   GLU B N   1 
ATOM   1357 C CA  . GLU B 1 79 ? 2.952   -9.186  -7.805  1.00 11.92 ? 79   GLU B CA  1 
ATOM   1358 C C   . GLU B 1 79 ? 1.703   -8.965  -8.644  1.00 12.83 ? 79   GLU B C   1 
ATOM   1359 O O   . GLU B 1 79 ? 1.787   -8.460  -9.749  1.00 12.79 ? 79   GLU B O   1 
ATOM   1360 C CB  . GLU B 1 79 ? 3.441   -10.623 -7.936  1.00 13.62 ? 79   GLU B CB  1 
ATOM   1361 C CG  . GLU B 1 79 ? 3.271   -11.179 -9.340  1.00 15.41 ? 79   GLU B CG  1 
ATOM   1362 C CD  . GLU B 1 79 ? 3.743   -12.608 -9.470  1.00 21.04 ? 79   GLU B CD  1 
ATOM   1363 O OE1 . GLU B 1 79 ? 3.197   -13.492 -8.767  1.00 23.65 ? 79   GLU B OE1 1 
ATOM   1364 O OE2 . GLU B 1 79 ? 4.677   -12.841 -10.276 1.00 20.25 ? 79   GLU B OE2 1 
ATOM   1365 N N   . ALA B 1 80 ? 0.546   -9.326  -8.115  1.00 11.70 ? 80   ALA B N   1 
ATOM   1366 C CA  . ALA B 1 80 ? -0.651  -9.134  -8.883  1.00 11.79 ? 80   ALA B CA  1 
ATOM   1367 C C   . ALA B 1 80 ? -1.083  -7.700  -9.081  1.00 11.02 ? 80   ALA B C   1 
ATOM   1368 O O   . ALA B 1 80 ? -1.665  -7.376  -10.130 1.00 13.06 ? 80   ALA B O   1 
ATOM   1369 C CB  . ALA B 1 80 ? -1.793  -9.923  -8.186  1.00 11.81 ? 80   ALA B CB  1 
ATOM   1370 N N   . VAL B 1 81 ? -0.875  -6.846  -8.071  1.00 11.52 ? 81   VAL B N   1 
ATOM   1371 C CA  . VAL B 1 81 ? -1.081  -5.423  -8.190  1.00 10.37 ? 81   VAL B CA  1 
ATOM   1372 C C   . VAL B 1 81 ? -0.220  -4.899  -9.336  1.00 11.12 ? 81   VAL B C   1 
ATOM   1373 O O   . VAL B 1 81 ? -0.650  -4.211  -10.228 1.00 13.87 ? 81   VAL B O   1 
ATOM   1374 C CB  . VAL B 1 81 ? -0.803  -4.677  -6.910  1.00 12.14 ? 81   VAL B CB  1 
ATOM   1375 C CG1 . VAL B 1 81 ? -0.754  -3.215  -7.126  1.00 13.26 ? 81   VAL B CG1 1 
ATOM   1376 C CG2 . VAL B 1 81 ? -1.718  -5.146  -5.773  1.00 15.45 ? 81   VAL B CG2 1 
ATOM   1377 N N   . GLU B 1 82 ? 1.053   -5.199  -9.308  1.00 10.49 ? 82   GLU B N   1 
ATOM   1378 C CA  . GLU B 1 82 ? 1.936   -4.624  -10.335 1.00 11.41 ? 82   GLU B CA  1 
ATOM   1379 C C   . GLU B 1 82 ? 1.728   -5.109  -11.749 1.00 11.73 ? 82   GLU B C   1 
ATOM   1380 O O   . GLU B 1 82 ? 1.929   -4.351  -12.697 1.00 12.63 ? 82   GLU B O   1 
ATOM   1381 C CB  . GLU B 1 82 ? 3.388   -4.871  -9.929  1.00 10.16 ? 82   GLU B CB  1 
ATOM   1382 C CG  . GLU B 1 82 ? 3.813   -4.071  -8.718  1.00 14.25 ? 82   GLU B CG  1 
ATOM   1383 C CD  . GLU B 1 82 ? 3.900   -2.577  -9.015  1.00 16.52 ? 82   GLU B CD  1 
ATOM   1384 O OE1 . GLU B 1 82 ? 4.915   -2.157  -9.635  1.00 13.14 ? 82   GLU B OE1 1 
ATOM   1385 O OE2 . GLU B 1 82 ? 2.967   -1.848  -8.646  1.00 15.71 ? 82   GLU B OE2 1 
ATOM   1386 N N   . GLN B 1 83 ? 1.315   -6.353  -11.900 1.00 11.38 ? 83   GLN B N   1 
ATOM   1387 C CA  . GLN B 1 83 ? 1.085   -7.002  -13.165 1.00 12.12 ? 83   GLN B CA  1 
ATOM   1388 C C   . GLN B 1 83 ? -0.389  -7.042  -13.607 1.00 11.16 ? 83   GLN B C   1 
ATOM   1389 O O   . GLN B 1 83 ? -0.681  -7.715  -14.575 1.00 14.09 ? 83   GLN B O   1 
ATOM   1390 C CB  . GLN B 1 83 ? 1.641   -8.405  -13.140 1.00 11.69 ? 83   GLN B CB  1 
ATOM   1391 C CG  . GLN B 1 83 ? 3.251   -8.371  -13.103 1.00 10.41 ? 83   GLN B CG  1 
ATOM   1392 C CD  . GLN B 1 83 ? 3.951   -9.689  -13.081 1.00 15.98 ? 83   GLN B CD  1 
ATOM   1393 O OE1 . GLN B 1 83 ? 3.434   -10.713 -12.648 1.00 16.08 ? 83   GLN B OE1 1 
ATOM   1394 N NE2 . GLN B 1 83 ? 5.266   -9.655  -13.463 1.00 14.78 ? 83   GLN B NE2 1 
ATOM   1395 N N   . ASP B 1 84 ? -1.197  -6.387  -12.807 1.00 13.78 ? 84   ASP B N   1 
ATOM   1396 C CA  . ASP B 1 84 ? -2.612  -6.183  -13.074 1.00 14.60 ? 84   ASP B CA  1 
ATOM   1397 C C   . ASP B 1 84 ? -3.339  -7.516  -13.256 1.00 15.12 ? 84   ASP B C   1 
ATOM   1398 O O   . ASP B 1 84 ? -4.196  -7.668  -14.158 1.00 15.38 ? 84   ASP B O   1 
ATOM   1399 C CB  . ASP B 1 84 ? -2.763  -5.250  -14.312 1.00 16.74 ? 84   ASP B CB  1 
ATOM   1400 C CG  . ASP B 1 84 ? -4.056  -4.443  -14.342 1.00 17.73 ? 84   ASP B CG  1 
ATOM   1401 O OD1 . ASP B 1 84 ? -5.008  -4.655  -13.508 1.00 20.21 ? 84   ASP B OD1 1 
ATOM   1402 O OD2 . ASP B 1 84 ? -4.205  -3.506  -15.184 1.00 21.39 ? 84   ASP B OD2 1 
ATOM   1403 N N   . THR B 1 85 ? -3.142  -8.424  -12.318 1.00 14.04 ? 85   THR B N   1 
ATOM   1404 C CA  . THR B 1 85 ? -3.873  -9.676  -12.264 1.00 13.63 ? 85   THR B CA  1 
ATOM   1405 C C   . THR B 1 85 ? -4.583  -9.841  -10.934 1.00 12.15 ? 85   THR B C   1 
ATOM   1406 O O   . THR B 1 85 ? -4.701  -10.975 -10.497 1.00 13.29 ? 85   THR B O   1 
ATOM   1407 C CB  . THR B 1 85 ? -2.975  -10.910 -12.440 1.00 13.65 ? 85   THR B CB  1 
ATOM   1408 O OG1 . THR B 1 85 ? -2.002  -11.025 -11.366 1.00 14.90 ? 85   THR B OG1 1 
ATOM   1409 C CG2 . THR B 1 85 ? -2.197  -10.836 -13.729 1.00 16.79 ? 85   THR B CG2 1 
ATOM   1410 N N   . LEU B 1 86 ? -4.881  -8.749  -10.271 1.00 11.76 ? 86   LEU B N   1 
ATOM   1411 C CA  . LEU B 1 86 ? -5.444  -8.779  -8.931  1.00 13.39 ? 86   LEU B CA  1 
ATOM   1412 C C   . LEU B 1 86 ? -6.837  -9.397  -8.996  1.00 13.80 ? 86   LEU B C   1 
ATOM   1413 O O   . LEU B 1 86 ? -7.221  -10.102 -8.084  1.00 14.97 ? 86   LEU B O   1 
ATOM   1414 C CB  . LEU B 1 86 ? -5.503  -7.391  -8.316  1.00 13.96 ? 86   LEU B CB  1 
ATOM   1415 C CG  . LEU B 1 86 ? -5.663  -7.351  -6.814  1.00 18.30 ? 86   LEU B CG  1 
ATOM   1416 C CD1 . LEU B 1 86 ? -4.595  -8.106  -6.004  1.00 17.32 ? 86   LEU B CD1 1 
ATOM   1417 C CD2 . LEU B 1 86 ? -5.798  -5.884  -6.294  1.00 22.25 ? 86   LEU B CD2 1 
ATOM   1418 N N   . GLN B 1 87 ? -7.564  -9.243  -10.083 1.00 15.52 ? 87   GLN B N   1 
ATOM   1419 C CA  . GLN B 1 87 ? -8.898  -9.880  -10.126 1.00 16.12 ? 87   GLN B CA  1 
ATOM   1420 C C   . GLN B 1 87 ? -8.779  -11.406 -10.075 1.00 16.01 ? 87   GLN B C   1 
ATOM   1421 O O   . GLN B 1 87 ? -9.530  -12.087 -9.458  1.00 16.27 ? 87   GLN B O   1 
ATOM   1422 C CB  . GLN B 1 87 ? -9.677  -9.461  -11.374 1.00 17.83 ? 87   GLN B CB  1 
ATOM   1423 C CG  . GLN B 1 87 ? -9.869  -7.974  -11.474 1.00 19.45 ? 87   GLN B CG  1 
ATOM   1424 C CD  . GLN B 1 87 ? -10.781 -7.457  -10.404 1.00 25.92 ? 87   GLN B CD  1 
ATOM   1425 O OE1 . GLN B 1 87 ? -10.460 -6.477  -9.679  1.00 27.79 ? 87   GLN B OE1 1 
ATOM   1426 N NE2 . GLN B 1 87 ? -11.905 -8.132  -10.257 1.00 23.45 ? 87   GLN B NE2 1 
ATOM   1427 N N   . GLU B 1 88 ? -7.767  -11.956 -10.732 1.00 14.92 ? 88   GLU B N   1 
ATOM   1428 C CA  . GLU B 1 88 ? -7.507  -13.378 -10.757 1.00 14.31 ? 88   GLU B CA  1 
ATOM   1429 C C   . GLU B 1 88 ? -6.906  -13.806 -9.403  1.00 14.05 ? 88   GLU B C   1 
ATOM   1430 O O   . GLU B 1 88 ? -7.265  -14.854 -8.849  1.00 14.41 ? 88   GLU B O   1 
ATOM   1431 C CB  . GLU B 1 88 ? -6.467  -13.697 -11.866 1.00 14.13 ? 88   GLU B CB  1 
ATOM   1432 C CG  . GLU B 1 88 ? -7.065  -13.660 -13.260 1.00 16.08 ? 88   GLU B CG  1 
ATOM   1433 C CD  . GLU B 1 88 ? -7.252  -12.296 -13.865 1.00 17.41 ? 88   GLU B CD  1 
ATOM   1434 O OE1 . GLU B 1 88 ? -6.690  -11.281 -13.395 1.00 15.08 ? 88   GLU B OE1 1 
ATOM   1435 O OE2 . GLU B 1 88 ? -7.989  -12.214 -14.894 1.00 22.59 ? 88   GLU B OE2 1 
ATOM   1436 N N   . PHE B 1 89 ? -5.993  -13.006 -8.864  1.00 12.68 ? 89   PHE B N   1 
ATOM   1437 C CA  . PHE B 1 89 ? -5.360  -13.370 -7.619  1.00 12.70 ? 89   PHE B CA  1 
ATOM   1438 C C   . PHE B 1 89 ? -6.417  -13.573 -6.510  1.00 12.62 ? 89   PHE B C   1 
ATOM   1439 O O   . PHE B 1 89 ? -6.338  -14.574 -5.756  1.00 11.43 ? 89   PHE B O   1 
ATOM   1440 C CB  . PHE B 1 89 ? -4.304  -12.361 -7.217  1.00 13.25 ? 89   PHE B CB  1 
ATOM   1441 C CG  . PHE B 1 89 ? -3.727  -12.579 -5.867  1.00 13.25 ? 89   PHE B CG  1 
ATOM   1442 C CD1 . PHE B 1 89 ? -2.616  -13.427 -5.640  1.00 14.77 ? 89   PHE B CD1 1 
ATOM   1443 C CD2 . PHE B 1 89 ? -4.300  -11.973 -4.776  1.00 13.17 ? 89   PHE B CD2 1 
ATOM   1444 C CE1 . PHE B 1 89 ? -2.136  -13.642 -4.405  1.00 18.52 ? 89   PHE B CE1 1 
ATOM   1445 C CE2 . PHE B 1 89 ? -3.758  -12.170 -3.492  1.00 13.86 ? 89   PHE B CE2 1 
ATOM   1446 C CZ  . PHE B 1 89 ? -2.691  -13.016 -3.325  1.00 17.80 ? 89   PHE B CZ  1 
ATOM   1447 N N   . LEU B 1 90 ? -7.386  -12.668 -6.536  1.00 12.91 ? 90   LEU B N   1 
ATOM   1448 C CA  . LEU B 1 90 ? -8.377  -12.592 -5.466  1.00 13.06 ? 90   LEU B CA  1 
ATOM   1449 C C   . LEU B 1 90 ? -9.586  -13.459 -5.783  1.00 15.18 ? 90   LEU B C   1 
ATOM   1450 O O   . LEU B 1 90 ? -10.489 -13.524 -4.937  1.00 15.12 ? 90   LEU B O   1 
ATOM   1451 C CB  . LEU B 1 90 ? -8.835  -11.140 -5.257  1.00 13.74 ? 90   LEU B CB  1 
ATOM   1452 C CG  . LEU B 1 90 ? -7.838  -10.053 -4.826  1.00 13.62 ? 90   LEU B CG  1 
ATOM   1453 C CD1 . LEU B 1 90 ? -8.394  -8.681  -4.887  1.00 14.13 ? 90   LEU B CD1 1 
ATOM   1454 C CD2 . LEU B 1 90 ? -7.233  -10.316 -3.444  1.00 14.19 ? 90   LEU B CD2 1 
ATOM   1455 N N   . LYS B 1 91 ? -9.592  -14.153 -6.926  1.00 15.90 ? 91   LYS B N   1 
ATOM   1456 C CA  . LYS B 1 91 ? -10.639 -15.088 -7.339  1.00 17.41 ? 91   LYS B CA  1 
ATOM   1457 C C   . LYS B 1 91 ? -11.895 -14.330 -7.512  1.00 18.79 ? 91   LYS B C   1 
ATOM   1458 O O   . LYS B 1 91 ? -12.977 -14.862 -7.198  1.00 21.77 ? 91   LYS B O   1 
ATOM   1459 C CB  . LYS B 1 91 ? -10.884 -16.232 -6.342  1.00 17.81 ? 91   LYS B CB  1 
ATOM   1460 C CG  . LYS B 1 91 ? -9.709  -16.923 -5.791  1.00 23.20 ? 91   LYS B CG  1 
ATOM   1461 C CD  . LYS B 1 91 ? -8.918  -17.704 -6.811  1.00 25.57 ? 91   LYS B CD  1 
ATOM   1462 C CE  . LYS B 1 91 ? -7.926  -18.686 -6.092  1.00 27.93 ? 91   LYS B CE  1 
ATOM   1463 N NZ  . LYS B 1 91 ? -6.951  -19.228 -7.056  1.00 24.59 ? 91   LYS B NZ  1 
ATOM   1464 N N   . LEU B 1 92 ? -11.777 -13.075 -7.920  1.00 19.96 ? 92   LEU B N   1 
ATOM   1465 C CA  . LEU B 1 92 ? -12.946 -12.258 -8.284  1.00 19.28 ? 92   LEU B CA  1 
ATOM   1466 C C   . LEU B 1 92 ? -13.243 -12.381 -9.789  1.00 23.07 ? 92   LEU B C   1 
ATOM   1467 O O   . LEU B 1 92 ? -14.397 -12.220 -10.197 1.00 23.88 ? 92   LEU B O   1 
ATOM   1468 C CB  . LEU B 1 92 ? -12.747 -10.818 -7.881  1.00 19.26 ? 92   LEU B CB  1 
ATOM   1469 C CG  . LEU B 1 92 ? -12.520 -10.603 -6.368  1.00 20.27 ? 92   LEU B CG  1 
ATOM   1470 C CD1 . LEU B 1 92 ? -12.094 -9.198  -6.008  1.00 23.21 ? 92   LEU B CD1 1 
ATOM   1471 C CD2 . LEU B 1 92 ? -13.782 -11.019 -5.575  1.00 20.44 ? 92   LEU B CD2 1 
ATOM   1472 N N   . ALA B 1 93 ? -12.254 -12.704 -10.619 1.00 22.58 ? 93   ALA B N   1 
ATOM   1473 C CA  . ALA B 1 93 ? -12.403 -12.562 -12.083 1.00 23.81 ? 93   ALA B CA  1 
ATOM   1474 C C   . ALA B 1 93 ? -13.630 -13.314 -12.637 1.00 25.13 ? 93   ALA B C   1 
ATOM   1475 O O   . ALA B 1 93 ? -13.861 -14.463 -12.216 1.00 29.72 ? 93   ALA B O   1 
ATOM   1476 C CB  . ALA B 1 93 ? -11.151 -13.026 -12.808 1.00 22.14 ? 93   ALA B CB  1 
HETATM 1477 C C1  . GOL C 2 .  ? -11.530 8.217   -5.030  1.00 34.59 ? 3001 GOL A C1  1 
HETATM 1478 O O1  . GOL C 2 .  ? -10.758 7.811   -3.913  1.00 34.71 ? 3001 GOL A O1  1 
HETATM 1479 C C2  . GOL C 2 .  ? -11.308 7.259   -6.201  1.00 39.08 ? 3001 GOL A C2  1 
HETATM 1480 O O2  . GOL C 2 .  ? -9.916  7.232   -6.277  1.00 40.98 ? 3001 GOL A O2  1 
HETATM 1481 C C3  . GOL C 2 .  ? -11.788 7.679   -7.614  1.00 40.88 ? 3001 GOL A C3  1 
HETATM 1482 O O3  . GOL C 2 .  ? -13.072 7.243   -8.031  1.00 42.24 ? 3001 GOL A O3  1 
HETATM 1483 S S   . SO4 D 3 .  ? 4.555   -11.360 17.722  1.00 54.39 ? 1001 SO4 B S   1 
HETATM 1484 O O1  . SO4 D 3 .  ? 3.502   -11.125 18.707  1.00 52.18 ? 1001 SO4 B O1  1 
HETATM 1485 O O2  . SO4 D 3 .  ? 5.644   -10.367 17.897  1.00 51.02 ? 1001 SO4 B O2  1 
HETATM 1486 O O3  . SO4 D 3 .  ? 5.114   -12.709 17.943  1.00 52.75 ? 1001 SO4 B O3  1 
HETATM 1487 O O4  . SO4 D 3 .  ? 4.013   -11.276 16.352  1.00 50.38 ? 1001 SO4 B O4  1 
HETATM 1488 S S   . SO4 E 3 .  ? -16.677 1.135   -7.354  1.00 26.98 ? 1002 SO4 B S   1 
HETATM 1489 O O1  . SO4 E 3 .  ? -17.168 1.798   -6.174  1.00 29.45 ? 1002 SO4 B O1  1 
HETATM 1490 O O2  . SO4 E 3 .  ? -15.365 1.766   -7.606  1.00 33.20 ? 1002 SO4 B O2  1 
HETATM 1491 O O3  . SO4 E 3 .  ? -16.540 -0.269  -7.181  1.00 30.34 ? 1002 SO4 B O3  1 
HETATM 1492 O O4  . SO4 E 3 .  ? -17.422 1.367   -8.593  1.00 31.35 ? 1002 SO4 B O4  1 
HETATM 1493 C C   . ACY F 4 .  ? -17.677 -7.743  5.605   1.00 43.99 ? 2001 ACY B C   1 
HETATM 1494 O O   . ACY F 4 .  ? -17.191 -7.565  4.469   1.00 44.15 ? 2001 ACY B O   1 
HETATM 1495 O OXT . ACY F 4 .  ? -18.902 -7.844  5.861   1.00 43.19 ? 2001 ACY B OXT 1 
HETATM 1496 C CH3 . ACY F 4 .  ? -16.709 -7.803  6.742   1.00 44.32 ? 2001 ACY B CH3 1 
HETATM 1497 O O   . HOH G 5 .  ? 5.877   15.185  5.064   1.00 25.01 ? 3002 HOH A O   1 
HETATM 1498 O O   . HOH G 5 .  ? 4.872   1.126   -11.280 1.00 20.35 ? 3003 HOH A O   1 
HETATM 1499 O O   . HOH G 5 .  ? 8.677   8.859   4.782   1.00 23.69 ? 3004 HOH A O   1 
HETATM 1500 O O   . HOH G 5 .  ? -10.169 4.608   -1.172  1.00 21.49 ? 3005 HOH A O   1 
HETATM 1501 O O   . HOH G 5 .  ? 3.230   3.011   -13.073 1.00 23.78 ? 3006 HOH A O   1 
HETATM 1502 O O   . HOH G 5 .  ? 3.724   11.537  6.307   1.00 23.03 ? 3007 HOH A O   1 
HETATM 1503 O O   . HOH G 5 .  ? 5.782   11.287  3.312   1.00 16.87 ? 3008 HOH A O   1 
HETATM 1504 O O   . HOH G 5 .  ? 17.661  19.340  -10.820 1.00 45.89 ? 3009 HOH A O   1 
HETATM 1505 O O   . HOH G 5 .  ? 5.110   0.659   -7.326  1.00 18.12 ? 3010 HOH A O   1 
HETATM 1506 O O   . HOH G 5 .  ? 0.792   14.804  7.125   1.00 27.78 ? 3011 HOH A O   1 
HETATM 1507 O O   . HOH G 5 .  ? -8.679  5.644   -3.114  1.00 37.04 ? 3012 HOH A O   1 
HETATM 1508 O O   . HOH G 5 .  ? 10.667  1.851   -1.528  1.00 24.03 ? 3013 HOH A O   1 
HETATM 1509 O O   . HOH G 5 .  ? 0.508   3.479   -12.175 1.00 25.63 ? 3014 HOH A O   1 
HETATM 1510 O O   . HOH G 5 .  ? 16.951  19.965  -0.380  1.00 22.96 ? 3015 HOH A O   1 
HETATM 1511 O O   . HOH G 5 .  ? 18.906  14.569  -2.913  1.00 30.94 ? 3016 HOH A O   1 
HETATM 1512 O O   . HOH G 5 .  ? 20.293  20.644  -1.312  1.00 34.15 ? 3017 HOH A O   1 
HETATM 1513 O O   . HOH G 5 .  ? 7.286   -4.327  -2.876  1.00 40.42 ? 3018 HOH A O   1 
HETATM 1514 O O   . HOH G 5 .  ? 4.606   22.190  5.391   1.00 23.09 ? 3019 HOH A O   1 
HETATM 1515 O O   . HOH G 5 .  ? 19.496  1.033   7.048   1.00 34.20 ? 3020 HOH A O   1 
HETATM 1516 O O   . HOH G 5 .  ? 22.890  15.686  0.817   1.00 41.21 ? 3021 HOH A O   1 
HETATM 1517 O O   . HOH G 5 .  ? -3.953  15.115  8.772   1.00 21.89 ? 3022 HOH A O   1 
HETATM 1518 O O   . HOH G 5 .  ? -5.812  13.945  3.052   1.00 20.62 ? 3023 HOH A O   1 
HETATM 1519 O O   . HOH G 5 .  ? -5.955  9.149   -13.889 1.00 40.68 ? 3024 HOH A O   1 
HETATM 1520 O O   . HOH G 5 .  ? 20.649  22.984  -3.824  1.00 28.11 ? 3025 HOH A O   1 
HETATM 1521 O O   . HOH G 5 .  ? -1.326  22.598  -2.302  1.00 26.57 ? 3026 HOH A O   1 
HETATM 1522 O O   . HOH G 5 .  ? 7.960   11.692  5.139   1.00 28.64 ? 3027 HOH A O   1 
HETATM 1523 O O   . HOH G 5 .  ? 7.267   2.608   -10.443 1.00 23.14 ? 3028 HOH A O   1 
HETATM 1524 O O   A HOH G 5 .  ? 19.491  1.494   -2.838  0.50 18.32 ? 3029 HOH A O   1 
HETATM 1525 O O   B HOH G 5 .  ? 18.958  2.054   -0.592  0.50 19.10 ? 3029 HOH A O   1 
HETATM 1526 O O   . HOH G 5 .  ? 6.042   10.339  6.656   1.00 36.26 ? 3030 HOH A O   1 
HETATM 1527 O O   . HOH G 5 .  ? 10.312  17.287  -10.790 1.00 35.47 ? 3031 HOH A O   1 
HETATM 1528 O O   A HOH G 5 .  ? 3.127   5.705   -14.147 0.50 20.27 ? 3032 HOH A O   1 
HETATM 1529 O O   B HOH G 5 .  ? 4.718   5.515   -13.452 0.50 21.33 ? 3032 HOH A O   1 
HETATM 1530 O O   . HOH G 5 .  ? 22.279  13.698  -6.284  1.00 40.94 ? 3033 HOH A O   1 
HETATM 1531 O O   . HOH G 5 .  ? 13.485  13.243  -12.678 1.00 38.51 ? 3034 HOH A O   1 
HETATM 1532 O O   . HOH G 5 .  ? 8.446   16.950  -15.017 1.00 36.93 ? 3035 HOH A O   1 
HETATM 1533 O O   . HOH G 5 .  ? 4.149   17.183  -13.502 1.00 26.49 ? 3036 HOH A O   1 
HETATM 1534 O O   . HOH G 5 .  ? 11.365  10.858  -13.773 1.00 35.91 ? 3037 HOH A O   1 
HETATM 1535 O O   . HOH G 5 .  ? 18.213  13.525  1.455   1.00 36.55 ? 3038 HOH A O   1 
HETATM 1536 O O   . HOH G 5 .  ? 0.543   24.555  -2.513  1.00 40.01 ? 3039 HOH A O   1 
HETATM 1537 O O   . HOH G 5 .  ? 20.650  8.050   -7.352  1.00 34.51 ? 3040 HOH A O   1 
HETATM 1538 O O   . HOH G 5 .  ? 14.375  11.149  -11.363 1.00 30.70 ? 3041 HOH A O   1 
HETATM 1539 O O   . HOH G 5 .  ? -1.574  8.324   -22.702 1.00 33.98 ? 3042 HOH A O   1 
HETATM 1540 O O   . HOH G 5 .  ? -2.809  8.742   7.848   1.00 36.11 ? 3043 HOH A O   1 
HETATM 1541 O O   . HOH G 5 .  ? 14.706  14.016  1.512   1.00 33.35 ? 3044 HOH A O   1 
HETATM 1542 O O   . HOH G 5 .  ? 7.434   2.478   -7.779  1.00 28.29 ? 3045 HOH A O   1 
HETATM 1543 O O   . HOH G 5 .  ? 13.112  5.976   -6.999  1.00 24.89 ? 3046 HOH A O   1 
HETATM 1544 O O   . HOH G 5 .  ? -11.380 -6.170  -14.556 1.00 33.11 ? 3047 HOH A O   1 
HETATM 1545 O O   . HOH G 5 .  ? 17.453  10.228  -0.375  1.00 24.89 ? 3048 HOH A O   1 
HETATM 1546 O O   . HOH G 5 .  ? 11.116  -0.706  4.533   1.00 30.67 ? 3049 HOH A O   1 
HETATM 1547 O O   . HOH G 5 .  ? 8.384   14.502  5.388   1.00 28.13 ? 3050 HOH A O   1 
HETATM 1548 O O   A HOH G 5 .  ? -9.567  -4.347  -12.383 0.50 22.58 ? 3051 HOH A O   1 
HETATM 1549 O O   B HOH G 5 .  ? -10.169 -2.765  -11.133 0.50 28.34 ? 3051 HOH A O   1 
HETATM 1550 O O   . HOH G 5 .  ? 12.977  8.476   7.684   1.00 34.45 ? 3052 HOH A O   1 
HETATM 1551 O O   . HOH G 5 .  ? 18.852  16.607  4.763   1.00 46.45 ? 3053 HOH A O   1 
HETATM 1552 O O   . HOH G 5 .  ? -9.666  -0.480  7.091   1.00 52.78 ? 3054 HOH A O   1 
HETATM 1553 O O   . HOH G 5 .  ? -6.646  14.859  5.416   1.00 31.02 ? 3055 HOH A O   1 
HETATM 1554 O O   . HOH G 5 .  ? -12.497 12.447  -3.757  1.00 38.80 ? 3056 HOH A O   1 
HETATM 1555 O O   . HOH G 5 .  ? 16.970  9.039   3.331   1.00 37.12 ? 3057 HOH A O   1 
HETATM 1556 O O   . HOH G 5 .  ? -5.229  0.745   -4.976  1.00 30.64 ? 3058 HOH A O   1 
HETATM 1557 O O   . HOH G 5 .  ? 7.522   26.558  0.846   1.00 16.57 ? 3059 HOH A O   1 
HETATM 1558 O O   . HOH G 5 .  ? 2.498   12.805  -14.824 1.00 23.63 ? 3060 HOH A O   1 
HETATM 1559 O O   . HOH G 5 .  ? 1.181   10.414  -15.646 1.00 25.42 ? 3061 HOH A O   1 
HETATM 1560 O O   . HOH G 5 .  ? 23.241  16.725  -5.951  1.00 33.36 ? 3062 HOH A O   1 
HETATM 1561 O O   A HOH H 5 .  ? -6.931  -8.160  -12.976 0.50 5.97  ? 2002 HOH B O   1 
HETATM 1562 O O   B HOH H 5 .  ? -7.179  -9.001  -14.358 0.50 8.17  ? 2002 HOH B O   1 
HETATM 1563 O O   . HOH H 5 .  ? 4.918   -12.825 1.371   1.00 21.35 ? 2003 HOH B O   1 
HETATM 1564 O O   . HOH H 5 .  ? 0.426   -13.241 -8.120  1.00 18.85 ? 2004 HOH B O   1 
HETATM 1565 O O   . HOH H 5 .  ? 4.055   -16.244 5.824   1.00 20.86 ? 2005 HOH B O   1 
HETATM 1566 O O   . HOH H 5 .  ? -5.438  0.961   7.187   1.00 31.13 ? 2006 HOH B O   1 
HETATM 1567 O O   . HOH H 5 .  ? -4.119  -4.654  12.278  1.00 26.22 ? 2007 HOH B O   1 
HETATM 1568 O O   . HOH H 5 .  ? -15.834 -11.431 -2.001  1.00 17.96 ? 2008 HOH B O   1 
HETATM 1569 O O   . HOH H 5 .  ? 4.356   -10.638 6.928   1.00 19.03 ? 2009 HOH B O   1 
HETATM 1570 O O   . HOH H 5 .  ? -15.864 -13.331 -4.001  1.00 30.51 ? 2010 HOH B O   1 
HETATM 1571 O O   . HOH H 5 .  ? -14.062 -6.507  8.035   1.00 20.49 ? 2011 HOH B O   1 
HETATM 1572 O O   . HOH H 5 .  ? -9.350  -14.091 -15.970 1.00 20.51 ? 2012 HOH B O   1 
HETATM 1573 O O   . HOH H 5 .  ? -13.096 -16.445 3.486   1.00 19.95 ? 2013 HOH B O   1 
HETATM 1574 O O   . HOH H 5 .  ? -3.059  -2.356  13.473  1.00 24.71 ? 2014 HOH B O   1 
HETATM 1575 O O   . HOH H 5 .  ? -1.008  -11.027 19.163  1.00 28.87 ? 2015 HOH B O   1 
HETATM 1576 O O   . HOH H 5 .  ? -6.810  -0.517  5.643   1.00 25.41 ? 2016 HOH B O   1 
HETATM 1577 O O   . HOH H 5 .  ? -2.736  -23.725 0.449   1.00 22.51 ? 2017 HOH B O   1 
HETATM 1578 O O   . HOH H 5 .  ? -14.422 4.280   -7.366  1.00 67.86 ? 2018 HOH B O   1 
HETATM 1579 O O   . HOH H 5 .  ? -15.176 -8.761  -2.550  1.00 25.96 ? 2019 HOH B O   1 
HETATM 1580 O O   . HOH H 5 .  ? -14.119 -4.027  3.015   1.00 26.90 ? 2020 HOH B O   1 
HETATM 1581 O O   . HOH H 5 .  ? -6.930  -23.451 -1.870  1.00 22.29 ? 2021 HOH B O   1 
HETATM 1582 O O   . HOH H 5 .  ? 5.732   -1.631  10.659  1.00 36.72 ? 2022 HOH B O   1 
HETATM 1583 O O   . HOH H 5 .  ? -1.808  -2.113  -15.445 1.00 21.16 ? 2023 HOH B O   1 
HETATM 1584 O O   . HOH H 5 .  ? -15.942 -5.266  -3.890  1.00 24.20 ? 2024 HOH B O   1 
HETATM 1585 O O   . HOH H 5 .  ? -6.377  -6.214  12.364  1.00 24.29 ? 2025 HOH B O   1 
HETATM 1586 O O   A HOH H 5 .  ? -3.630  -27.751 9.495   0.50 19.55 ? 2026 HOH B O   1 
HETATM 1587 O O   B HOH H 5 .  ? -4.288  -29.085 7.194   0.50 15.30 ? 2026 HOH B O   1 
HETATM 1588 O O   . HOH H 5 .  ? 0.580   4.136   8.913   1.00 36.22 ? 2027 HOH B O   1 
HETATM 1589 O O   . HOH H 5 .  ? -7.912  -5.212  -10.664 1.00 28.89 ? 2028 HOH B O   1 
HETATM 1590 O O   . HOH H 5 .  ? -6.801  -6.673  -15.868 1.00 27.04 ? 2029 HOH B O   1 
HETATM 1591 O O   . HOH H 5 .  ? -3.131  -15.778 17.144  1.00 28.83 ? 2030 HOH B O   1 
HETATM 1592 O O   . HOH H 5 .  ? 4.565   -15.549 -10.658 1.00 21.90 ? 2031 HOH B O   1 
HETATM 1593 O O   . HOH H 5 .  ? 6.339   -11.840 8.235   1.00 30.96 ? 2032 HOH B O   1 
HETATM 1594 O O   . HOH H 5 .  ? -3.702  -16.834 -6.313  1.00 32.60 ? 2033 HOH B O   1 
HETATM 1595 O O   . HOH H 5 .  ? -12.267 -1.795  1.172   1.00 27.18 ? 2034 HOH B O   1 
HETATM 1596 O O   . HOH H 5 .  ? -13.532 -23.568 -2.255  1.00 40.46 ? 2035 HOH B O   1 
HETATM 1597 O O   . HOH H 5 .  ? -3.009  -25.050 11.498  1.00 26.43 ? 2036 HOH B O   1 
HETATM 1598 O O   . HOH H 5 .  ? -17.868 -17.941 -1.157  1.00 33.82 ? 2037 HOH B O   1 
HETATM 1599 O O   . HOH H 5 .  ? 4.141   -13.464 5.645   1.00 28.76 ? 2038 HOH B O   1 
HETATM 1600 O O   . HOH H 5 .  ? -24.946 -11.955 5.901   1.00 33.05 ? 2039 HOH B O   1 
HETATM 1601 O O   . HOH H 5 .  ? -2.859  -2.934  -11.049 1.00 31.38 ? 2040 HOH B O   1 
HETATM 1602 O O   . HOH H 5 .  ? 5.655   -6.637  20.845  1.00 33.78 ? 2041 HOH B O   1 
HETATM 1603 O O   . HOH H 5 .  ? -15.930 -17.332 -2.515  1.00 34.60 ? 2042 HOH B O   1 
HETATM 1604 O O   . HOH H 5 .  ? 6.934   -3.245  16.298  1.00 30.74 ? 2043 HOH B O   1 
HETATM 1605 O O   . HOH H 5 .  ? -5.800  -17.000 -7.868  1.00 25.89 ? 2044 HOH B O   1 
HETATM 1606 O O   . HOH H 5 .  ? -9.656  -10.457 -16.109 1.00 29.91 ? 2045 HOH B O   1 
HETATM 1607 O O   . HOH H 5 .  ? -14.221 -2.138  -6.858  1.00 27.59 ? 2046 HOH B O   1 
HETATM 1608 O O   . HOH H 5 .  ? 8.048   -9.112  -0.281  1.00 36.36 ? 2047 HOH B O   1 
HETATM 1609 O O   . HOH H 5 .  ? 5.513   -16.216 -1.573  1.00 37.29 ? 2048 HOH B O   1 
HETATM 1610 O O   . HOH H 5 .  ? -18.267 -11.732 -1.410  1.00 35.79 ? 2049 HOH B O   1 
HETATM 1611 O O   . HOH H 5 .  ? 1.669   -20.186 1.843   1.00 34.44 ? 2050 HOH B O   1 
HETATM 1612 O O   . HOH H 5 .  ? -4.988  -3.862  -9.709  1.00 34.08 ? 2051 HOH B O   1 
HETATM 1613 O O   . HOH H 5 .  ? 8.794   -16.326 -4.643  1.00 36.57 ? 2052 HOH B O   1 
HETATM 1614 O O   . HOH H 5 .  ? 5.489   -3.179  -1.673  1.00 35.27 ? 2053 HOH B O   1 
HETATM 1615 O O   A HOH H 5 .  ? -13.012 -4.365  5.651   0.50 21.38 ? 2054 HOH B O   1 
HETATM 1616 O O   B HOH H 5 .  ? -11.111 -3.544  6.761   0.50 18.02 ? 2054 HOH B O   1 
HETATM 1617 O O   . HOH H 5 .  ? -0.539  -10.297 22.509  1.00 38.31 ? 2055 HOH B O   1 
HETATM 1618 O O   . HOH H 5 .  ? 8.033   -10.971 2.159   1.00 41.35 ? 2056 HOH B O   1 
HETATM 1619 O O   . HOH H 5 .  ? 4.537   -18.817 16.122  1.00 44.31 ? 2057 HOH B O   1 
HETATM 1620 O O   . HOH H 5 .  ? -22.853 -16.189 2.977   1.00 35.13 ? 2058 HOH B O   1 
HETATM 1621 O O   . HOH H 5 .  ? -3.084  -27.193 4.143   1.00 30.18 ? 2059 HOH B O   1 
HETATM 1622 O O   . HOH H 5 .  ? 1.361   -17.271 -1.513  1.00 29.27 ? 2060 HOH B O   1 
HETATM 1623 O O   . HOH H 5 .  ? -11.409 -24.875 -2.694  1.00 41.25 ? 2061 HOH B O   1 
HETATM 1624 O O   . HOH H 5 .  ? 5.760   -11.817 3.856   1.00 29.35 ? 2062 HOH B O   1 
HETATM 1625 O O   . HOH H 5 .  ? -11.656 -14.040 -16.014 1.00 35.64 ? 2063 HOH B O   1 
HETATM 1626 O O   . HOH H 5 .  ? -1.441  -13.704 19.358  1.00 32.75 ? 2064 HOH B O   1 
HETATM 1627 O O   . HOH H 5 .  ? -14.354 -21.508 -1.252  1.00 31.44 ? 2065 HOH B O   1 
HETATM 1628 O O   . HOH H 5 .  ? -21.400 -12.371 0.919   1.00 31.26 ? 2066 HOH B O   1 
HETATM 1629 O O   . HOH H 5 .  ? -13.143 -18.246 -4.536  1.00 39.29 ? 2067 HOH B O   1 
HETATM 1630 O O   . HOH H 5 .  ? -3.748  -0.421  11.730  1.00 37.00 ? 2068 HOH B O   1 
HETATM 1631 O O   . HOH H 5 .  ? 7.573   -11.443 10.623  1.00 32.59 ? 2069 HOH B O   1 
HETATM 1632 O O   . HOH H 5 .  ? -0.251  -22.793 14.584  1.00 36.08 ? 2070 HOH B O   1 
HETATM 1633 O O   A HOH H 5 .  ? -27.167 -10.829 6.821   0.50 29.20 ? 2071 HOH B O   1 
HETATM 1634 O O   B HOH H 5 .  ? -27.450 -13.148 6.146   0.50 30.61 ? 2071 HOH B O   1 
HETATM 1635 O O   . HOH H 5 .  ? 2.178   -12.397 3.722   1.00 15.40 ? 2072 HOH B O   1 
HETATM 1636 O O   . HOH H 5 .  ? -14.205 -9.709  10.773  1.00 16.80 ? 2073 HOH B O   1 
HETATM 1637 O O   . HOH H 5 .  ? 3.465   -16.763 3.211   1.00 22.58 ? 2074 HOH B O   1 
HETATM 1638 O O   . HOH H 5 .  ? -0.599  -3.090  10.581  1.00 18.24 ? 2075 HOH B O   1 
HETATM 1639 O O   . HOH H 5 .  ? -5.568  -6.004  -11.270 1.00 17.16 ? 2076 HOH B O   1 
HETATM 1640 O O   . HOH H 5 .  ? -17.074 -15.556 6.083   1.00 17.50 ? 2077 HOH B O   1 
HETATM 1641 O O   . HOH H 5 .  ? -15.722 -16.488 3.658   1.00 21.93 ? 2078 HOH B O   1 
HETATM 1642 O O   . HOH H 5 .  ? -17.053 -0.788  -4.262  1.00 37.42 ? 2079 HOH B O   1 
HETATM 1643 O O   . HOH H 5 .  ? -4.734  -3.365  8.319   1.00 43.78 ? 2080 HOH B O   1 
# 
loop_
_pdbx_poly_seq_scheme.asym_id 
_pdbx_poly_seq_scheme.entity_id 
_pdbx_poly_seq_scheme.seq_id 
_pdbx_poly_seq_scheme.mon_id 
_pdbx_poly_seq_scheme.ndb_seq_num 
_pdbx_poly_seq_scheme.pdb_seq_num 
_pdbx_poly_seq_scheme.auth_seq_num 
_pdbx_poly_seq_scheme.pdb_mon_id 
_pdbx_poly_seq_scheme.auth_mon_id 
_pdbx_poly_seq_scheme.pdb_strand_id 
_pdbx_poly_seq_scheme.pdb_ins_code 
_pdbx_poly_seq_scheme.hetero 
A 1 1  MET 1  1  1  MET MET A . n 
A 1 2  SER 2  2  2  SER SER A . n 
A 1 3  GLY 3  3  3  GLY GLY A . n 
A 1 4  LEU 4  4  4  LEU LEU A . n 
A 1 5  ARG 5  5  5  ARG ARG A . n 
A 1 6  VAL 6  6  6  VAL VAL A . n 
A 1 7  TYR 7  7  7  TYR TYR A . n 
A 1 8  SER 8  8  8  SER SER A . n 
A 1 9  THR 9  9  9  THR THR A . n 
A 1 10 SER 10 10 10 SER SER A . n 
A 1 11 VAL 11 11 11 VAL VAL A . n 
A 1 12 THR 12 12 12 THR THR A . n 
A 1 13 GLY 13 13 13 GLY GLY A . n 
A 1 14 SER 14 14 14 SER SER A . n 
A 1 15 ARG 15 15 15 ARG ARG A . n 
A 1 16 GLU 16 16 16 GLU GLU A . n 
A 1 17 ILE 17 17 17 ILE ILE A . n 
A 1 18 LYS 18 18 18 LYS LYS A . n 
A 1 19 SER 19 19 19 SER SER A . n 
A 1 20 GLN 20 20 20 GLN GLN A . n 
A 1 21 GLN 21 21 21 GLN GLN A . n 
A 1 22 SER 22 22 22 SER SER A . n 
A 1 23 GLU 23 23 23 GLU GLU A . n 
A 1 24 VAL 24 24 24 VAL VAL A . n 
A 1 25 THR 25 25 25 THR THR A . n 
A 1 26 ARG 26 26 26 ARG ARG A . n 
A 1 27 ILE 27 27 27 ILE ILE A . n 
A 1 28 LEU 28 28 28 LEU LEU A . n 
A 1 29 ASP 29 29 29 ASP ASP A . n 
A 1 30 GLY 30 30 30 GLY GLY A . n 
A 1 31 LYS 31 31 31 LYS LYS A . n 
A 1 32 ARG 32 32 32 ARG ARG A . n 
A 1 33 ILE 33 33 33 ILE ILE A . n 
A 1 34 GLN 34 34 34 GLN GLN A . n 
A 1 35 TYR 35 35 35 TYR TYR A . n 
A 1 36 GLN 36 36 36 GLN GLN A . n 
A 1 37 LEU 37 37 37 LEU LEU A . n 
A 1 38 VAL 38 38 38 VAL VAL A . n 
A 1 39 ASP 39 39 39 ASP ASP A . n 
A 1 40 ILE 40 40 40 ILE ILE A . n 
A 1 41 SER 41 41 41 SER SER A . n 
A 1 42 GLN 42 42 42 GLN GLN A . n 
A 1 43 ASP 43 43 43 ASP ASP A . n 
A 1 44 ASN 44 44 44 ASN ASN A . n 
A 1 45 ALA 45 45 45 ALA ALA A . n 
A 1 46 LEU 46 46 46 LEU LEU A . n 
A 1 47 ARG 47 47 47 ARG ARG A . n 
A 1 48 ASP 48 48 48 ASP ASP A . n 
A 1 49 GLU 49 49 49 GLU GLU A . n 
A 1 50 MET 50 50 50 MET MET A . n 
A 1 51 ARG 51 51 51 ARG ARG A . n 
A 1 52 THR 52 52 52 THR THR A . n 
A 1 53 LEU 53 53 53 LEU LEU A . n 
A 1 54 ALA 54 54 54 ALA ALA A . n 
A 1 55 GLY 55 55 55 GLY GLY A . n 
A 1 56 ASN 56 56 56 ASN ASN A . n 
A 1 57 PRO 57 57 57 PRO PRO A . n 
A 1 58 LYS 58 58 58 LYS LYS A . n 
A 1 59 ALA 59 59 59 ALA ALA A . n 
A 1 60 THR 60 60 60 THR THR A . n 
A 1 61 PRO 61 61 61 PRO PRO A . n 
A 1 62 PRO 62 62 62 PRO PRO A . n 
A 1 63 GLN 63 63 63 GLN GLN A . n 
A 1 64 ILE 64 64 64 ILE ILE A . n 
A 1 65 VAL 65 65 65 VAL VAL A . n 
A 1 66 ASN 66 66 66 ASN ASN A . n 
A 1 67 GLY 67 67 67 GLY GLY A . n 
A 1 68 ASN 68 68 68 ASN ASN A . n 
A 1 69 HIS 69 69 69 HIS HIS A . n 
A 1 70 TYR 70 70 70 TYR TYR A . n 
A 1 71 CYS 71 71 71 CYS CYS A . n 
A 1 72 GLY 72 72 72 GLY GLY A . n 
A 1 73 ASP 73 73 73 ASP ASP A . n 
A 1 74 TYR 74 74 74 TYR TYR A . n 
A 1 75 GLU 75 75 75 GLU GLU A . n 
A 1 76 LEU 76 76 76 LEU LEU A . n 
A 1 77 PHE 77 77 77 PHE PHE A . n 
A 1 78 VAL 78 78 78 VAL VAL A . n 
A 1 79 GLU 79 79 79 GLU GLU A . n 
A 1 80 ALA 80 80 80 ALA ALA A . n 
A 1 81 VAL 81 81 81 VAL VAL A . n 
A 1 82 GLU 82 82 82 GLU GLU A . n 
A 1 83 GLN 83 83 83 GLN GLN A . n 
A 1 84 ASP 84 84 84 ASP ASP A . n 
A 1 85 THR 85 85 85 THR THR A . n 
A 1 86 LEU 86 86 86 LEU LEU A . n 
A 1 87 GLN 87 87 87 GLN GLN A . n 
A 1 88 GLU 88 88 88 GLU GLU A . n 
A 1 89 PHE 89 89 89 PHE PHE A . n 
A 1 90 LEU 90 90 90 LEU LEU A . n 
A 1 91 LYS 91 91 91 LYS LYS A . n 
A 1 92 LEU 92 92 92 LEU LEU A . n 
A 1 93 ALA 93 93 93 ALA ALA A . n 
B 1 1  MET 1  1  1  MET MET B . n 
B 1 2  SER 2  2  2  SER SER B . n 
B 1 3  GLY 3  3  3  GLY GLY B . n 
B 1 4  LEU 4  4  4  LEU LEU B . n 
B 1 5  ARG 5  5  5  ARG ARG B . n 
B 1 6  VAL 6  6  6  VAL VAL B . n 
B 1 7  TYR 7  7  7  TYR TYR B . n 
B 1 8  SER 8  8  8  SER SER B . n 
B 1 9  THR 9  9  9  THR THR B . n 
B 1 10 SER 10 10 10 SER SER B . n 
B 1 11 VAL 11 11 11 VAL VAL B . n 
B 1 12 THR 12 12 12 THR THR B . n 
B 1 13 GLY 13 13 13 GLY GLY B . n 
B 1 14 SER 14 14 14 SER SER B . n 
B 1 15 ARG 15 15 15 ARG ARG B . n 
B 1 16 GLU 16 16 16 GLU GLU B . n 
B 1 17 ILE 17 17 17 ILE ILE B . n 
B 1 18 LYS 18 18 18 LYS LYS B . n 
B 1 19 SER 19 19 19 SER SER B . n 
B 1 20 GLN 20 20 20 GLN GLN B . n 
B 1 21 GLN 21 21 21 GLN GLN B . n 
B 1 22 SER 22 22 22 SER SER B . n 
B 1 23 GLU 23 23 23 GLU GLU B . n 
B 1 24 VAL 24 24 24 VAL VAL B . n 
B 1 25 THR 25 25 25 THR THR B . n 
B 1 26 ARG 26 26 26 ARG ARG B . n 
B 1 27 ILE 27 27 27 ILE ILE B . n 
B 1 28 LEU 28 28 28 LEU LEU B . n 
B 1 29 ASP 29 29 29 ASP ASP B . n 
B 1 30 GLY 30 30 30 GLY GLY B . n 
B 1 31 LYS 31 31 31 LYS LYS B . n 
B 1 32 ARG 32 32 32 ARG ARG B . n 
B 1 33 ILE 33 33 33 ILE ILE B . n 
B 1 34 GLN 34 34 34 GLN GLN B . n 
B 1 35 TYR 35 35 35 TYR TYR B . n 
B 1 36 GLN 36 36 36 GLN GLN B . n 
B 1 37 LEU 37 37 37 LEU LEU B . n 
B 1 38 VAL 38 38 38 VAL VAL B . n 
B 1 39 ASP 39 39 39 ASP ASP B . n 
B 1 40 ILE 40 40 40 ILE ILE B . n 
B 1 41 SER 41 41 41 SER SER B . n 
B 1 42 GLN 42 42 42 GLN GLN B . n 
B 1 43 ASP 43 43 43 ASP ASP B . n 
B 1 44 ASN 44 44 44 ASN ASN B . n 
B 1 45 ALA 45 45 45 ALA ALA B . n 
B 1 46 LEU 46 46 46 LEU LEU B . n 
B 1 47 ARG 47 47 47 ARG ARG B . n 
B 1 48 ASP 48 48 48 ASP ASP B . n 
B 1 49 GLU 49 49 49 GLU GLU B . n 
B 1 50 MET 50 50 50 MET MET B . n 
B 1 51 ARG 51 51 51 ARG ARG B . n 
B 1 52 THR 52 52 52 THR THR B . n 
B 1 53 LEU 53 53 53 LEU LEU B . n 
B 1 54 ALA 54 54 54 ALA ALA B . n 
B 1 55 GLY 55 55 55 GLY GLY B . n 
B 1 56 ASN 56 56 56 ASN ASN B . n 
B 1 57 PRO 57 57 57 PRO PRO B . n 
B 1 58 LYS 58 58 58 LYS LYS B . n 
B 1 59 ALA 59 59 59 ALA ALA B . n 
B 1 60 THR 60 60 60 THR THR B . n 
B 1 61 PRO 61 61 61 PRO PRO B . n 
B 1 62 PRO 62 62 62 PRO PRO B . n 
B 1 63 GLN 63 63 63 GLN GLN B . n 
B 1 64 ILE 64 64 64 ILE ILE B . n 
B 1 65 VAL 65 65 65 VAL VAL B . n 
B 1 66 ASN 66 66 66 ASN ASN B . n 
B 1 67 GLY 67 67 67 GLY GLY B . n 
B 1 68 ASN 68 68 68 ASN ASN B . n 
B 1 69 HIS 69 69 69 HIS HIS B . n 
B 1 70 TYR 70 70 70 TYR TYR B . n 
B 1 71 CYS 71 71 71 CYS CYS B . n 
B 1 72 GLY 72 72 72 GLY GLY B . n 
B 1 73 ASP 73 73 73 ASP ASP B . n 
B 1 74 TYR 74 74 74 TYR TYR B . n 
B 1 75 GLU 75 75 75 GLU GLU B . n 
B 1 76 LEU 76 76 76 LEU LEU B . n 
B 1 77 PHE 77 77 77 PHE PHE B . n 
B 1 78 VAL 78 78 78 VAL VAL B . n 
B 1 79 GLU 79 79 79 GLU GLU B . n 
B 1 80 ALA 80 80 80 ALA ALA B . n 
B 1 81 VAL 81 81 81 VAL VAL B . n 
B 1 82 GLU 82 82 82 GLU GLU B . n 
B 1 83 GLN 83 83 83 GLN GLN B . n 
B 1 84 ASP 84 84 84 ASP ASP B . n 
B 1 85 THR 85 85 85 THR THR B . n 
B 1 86 LEU 86 86 86 LEU LEU B . n 
B 1 87 GLN 87 87 87 GLN GLN B . n 
B 1 88 GLU 88 88 88 GLU GLU B . n 
B 1 89 PHE 89 89 89 PHE PHE B . n 
B 1 90 LEU 90 90 90 LEU LEU B . n 
B 1 91 LYS 91 91 91 LYS LYS B . n 
B 1 92 LEU 92 92 92 LEU LEU B . n 
B 1 93 ALA 93 93 93 ALA ALA B . n 
# 
loop_
_pdbx_nonpoly_scheme.asym_id 
_pdbx_nonpoly_scheme.entity_id 
_pdbx_nonpoly_scheme.mon_id 
_pdbx_nonpoly_scheme.ndb_seq_num 
_pdbx_nonpoly_scheme.pdb_seq_num 
_pdbx_nonpoly_scheme.auth_seq_num 
_pdbx_nonpoly_scheme.pdb_mon_id 
_pdbx_nonpoly_scheme.auth_mon_id 
_pdbx_nonpoly_scheme.pdb_strand_id 
_pdbx_nonpoly_scheme.pdb_ins_code 
C 2 GOL 1  3001 3001 GOL GOL A . 
D 3 SO4 1  1001 1001 SO4 SO4 B . 
E 3 SO4 1  1002 1002 SO4 SO4 B . 
F 4 ACY 1  2001 2001 ACY ACY B . 
G 5 HOH 1  3002 4    HOH HOH A . 
G 5 HOH 2  3003 7    HOH HOH A . 
G 5 HOH 3  3004 11   HOH HOH A . 
G 5 HOH 4  3005 12   HOH HOH A . 
G 5 HOH 5  3006 13   HOH HOH A . 
G 5 HOH 6  3007 14   HOH HOH A . 
G 5 HOH 7  3008 15   HOH HOH A . 
G 5 HOH 8  3009 16   HOH HOH A . 
G 5 HOH 9  3010 19   HOH HOH A . 
G 5 HOH 10 3011 26   HOH HOH A . 
G 5 HOH 11 3012 30   HOH HOH A . 
G 5 HOH 12 3013 31   HOH HOH A . 
G 5 HOH 13 3014 34   HOH HOH A . 
G 5 HOH 14 3015 35   HOH HOH A . 
G 5 HOH 15 3016 36   HOH HOH A . 
G 5 HOH 16 3017 38   HOH HOH A . 
G 5 HOH 17 3018 40   HOH HOH A . 
G 5 HOH 18 3019 43   HOH HOH A . 
G 5 HOH 19 3020 44   HOH HOH A . 
G 5 HOH 20 3021 46   HOH HOH A . 
G 5 HOH 21 3022 47   HOH HOH A . 
G 5 HOH 22 3023 48   HOH HOH A . 
G 5 HOH 23 3024 50   HOH HOH A . 
G 5 HOH 24 3025 52   HOH HOH A . 
G 5 HOH 25 3026 55   HOH HOH A . 
G 5 HOH 26 3027 56   HOH HOH A . 
G 5 HOH 27 3028 58   HOH HOH A . 
G 5 HOH 28 3029 59   HOH HOH A . 
G 5 HOH 29 3030 60   HOH HOH A . 
G 5 HOH 30 3031 62   HOH HOH A . 
G 5 HOH 31 3032 63   HOH HOH A . 
G 5 HOH 32 3033 68   HOH HOH A . 
G 5 HOH 33 3034 71   HOH HOH A . 
G 5 HOH 34 3035 75   HOH HOH A . 
G 5 HOH 35 3036 77   HOH HOH A . 
G 5 HOH 36 3037 81   HOH HOH A . 
G 5 HOH 37 3038 82   HOH HOH A . 
G 5 HOH 38 3039 84   HOH HOH A . 
G 5 HOH 39 3040 85   HOH HOH A . 
G 5 HOH 40 3041 87   HOH HOH A . 
G 5 HOH 41 3042 89   HOH HOH A . 
G 5 HOH 42 3043 92   HOH HOH A . 
G 5 HOH 43 3044 94   HOH HOH A . 
G 5 HOH 44 3045 95   HOH HOH A . 
G 5 HOH 45 3046 99   HOH HOH A . 
G 5 HOH 46 3047 100  HOH HOH A . 
G 5 HOH 47 3048 102  HOH HOH A . 
G 5 HOH 48 3049 103  HOH HOH A . 
G 5 HOH 49 3050 105  HOH HOH A . 
G 5 HOH 50 3051 107  HOH HOH A . 
G 5 HOH 51 3052 110  HOH HOH A . 
G 5 HOH 52 3053 111  HOH HOH A . 
G 5 HOH 53 3054 115  HOH HOH A . 
G 5 HOH 54 3055 116  HOH HOH A . 
G 5 HOH 55 3056 119  HOH HOH A . 
G 5 HOH 56 3057 124  HOH HOH A . 
G 5 HOH 57 3058 126  HOH HOH A . 
G 5 HOH 58 3059 130  HOH HOH A . 
G 5 HOH 59 3060 135  HOH HOH A . 
G 5 HOH 60 3061 137  HOH HOH A . 
G 5 HOH 61 3062 138  HOH HOH A . 
H 5 HOH 1  2002 1    HOH HOH B . 
H 5 HOH 2  2003 2    HOH HOH B . 
H 5 HOH 3  2004 3    HOH HOH B . 
H 5 HOH 4  2005 5    HOH HOH B . 
H 5 HOH 5  2006 6    HOH HOH B . 
H 5 HOH 6  2007 8    HOH HOH B . 
H 5 HOH 7  2008 9    HOH HOH B . 
H 5 HOH 8  2009 10   HOH HOH B . 
H 5 HOH 9  2010 17   HOH HOH B . 
H 5 HOH 10 2011 18   HOH HOH B . 
H 5 HOH 11 2012 20   HOH HOH B . 
H 5 HOH 12 2013 21   HOH HOH B . 
H 5 HOH 13 2014 22   HOH HOH B . 
H 5 HOH 14 2015 23   HOH HOH B . 
H 5 HOH 15 2016 24   HOH HOH B . 
H 5 HOH 16 2017 25   HOH HOH B . 
H 5 HOH 17 2018 27   HOH HOH B . 
H 5 HOH 18 2019 28   HOH HOH B . 
H 5 HOH 19 2020 29   HOH HOH B . 
H 5 HOH 20 2021 32   HOH HOH B . 
H 5 HOH 21 2022 33   HOH HOH B . 
H 5 HOH 22 2023 37   HOH HOH B . 
H 5 HOH 23 2024 39   HOH HOH B . 
H 5 HOH 24 2025 41   HOH HOH B . 
H 5 HOH 25 2026 42   HOH HOH B . 
H 5 HOH 26 2027 45   HOH HOH B . 
H 5 HOH 27 2028 49   HOH HOH B . 
H 5 HOH 28 2029 51   HOH HOH B . 
H 5 HOH 29 2030 53   HOH HOH B . 
H 5 HOH 30 2031 54   HOH HOH B . 
H 5 HOH 31 2032 57   HOH HOH B . 
H 5 HOH 32 2033 61   HOH HOH B . 
H 5 HOH 33 2034 64   HOH HOH B . 
H 5 HOH 34 2035 65   HOH HOH B . 
H 5 HOH 35 2036 66   HOH HOH B . 
H 5 HOH 36 2037 67   HOH HOH B . 
H 5 HOH 37 2038 69   HOH HOH B . 
H 5 HOH 38 2039 70   HOH HOH B . 
H 5 HOH 39 2040 72   HOH HOH B . 
H 5 HOH 40 2041 73   HOH HOH B . 
H 5 HOH 41 2042 74   HOH HOH B . 
H 5 HOH 42 2043 76   HOH HOH B . 
H 5 HOH 43 2044 78   HOH HOH B . 
H 5 HOH 44 2045 79   HOH HOH B . 
H 5 HOH 45 2046 80   HOH HOH B . 
H 5 HOH 46 2047 83   HOH HOH B . 
H 5 HOH 47 2048 86   HOH HOH B . 
H 5 HOH 48 2049 88   HOH HOH B . 
H 5 HOH 49 2050 90   HOH HOH B . 
H 5 HOH 50 2051 91   HOH HOH B . 
H 5 HOH 51 2052 93   HOH HOH B . 
H 5 HOH 52 2053 96   HOH HOH B . 
H 5 HOH 53 2054 97   HOH HOH B . 
H 5 HOH 54 2055 98   HOH HOH B . 
H 5 HOH 55 2056 101  HOH HOH B . 
H 5 HOH 56 2057 104  HOH HOH B . 
H 5 HOH 57 2058 106  HOH HOH B . 
H 5 HOH 58 2059 108  HOH HOH B . 
H 5 HOH 59 2060 109  HOH HOH B . 
H 5 HOH 60 2061 112  HOH HOH B . 
H 5 HOH 61 2062 113  HOH HOH B . 
H 5 HOH 62 2063 114  HOH HOH B . 
H 5 HOH 63 2064 117  HOH HOH B . 
H 5 HOH 64 2065 118  HOH HOH B . 
H 5 HOH 65 2066 120  HOH HOH B . 
H 5 HOH 66 2067 121  HOH HOH B . 
H 5 HOH 67 2068 122  HOH HOH B . 
H 5 HOH 68 2069 123  HOH HOH B . 
H 5 HOH 69 2070 125  HOH HOH B . 
H 5 HOH 70 2071 127  HOH HOH B . 
H 5 HOH 71 2072 128  HOH HOH B . 
H 5 HOH 72 2073 129  HOH HOH B . 
H 5 HOH 73 2074 131  HOH HOH B . 
H 5 HOH 74 2075 132  HOH HOH B . 
H 5 HOH 75 2076 133  HOH HOH B . 
H 5 HOH 76 2077 134  HOH HOH B . 
H 5 HOH 77 2078 136  HOH HOH B . 
H 5 HOH 78 2079 139  HOH HOH B . 
H 5 HOH 79 2080 140  HOH HOH B . 
# 
_pdbx_struct_assembly.id                   1 
_pdbx_struct_assembly.details              author_defined_assembly 
_pdbx_struct_assembly.method_details       ? 
_pdbx_struct_assembly.oligomeric_details   dimeric 
_pdbx_struct_assembly.oligomeric_count     2 
# 
_pdbx_struct_assembly_gen.assembly_id       1 
_pdbx_struct_assembly_gen.oper_expression   1 
_pdbx_struct_assembly_gen.asym_id_list      A,B,C,D,E,F,G,H 
# 
_pdbx_struct_oper_list.id                   1 
_pdbx_struct_oper_list.type                 'identity operation' 
_pdbx_struct_oper_list.name                 1_555 
_pdbx_struct_oper_list.symmetry_operation   x,y,z 
_pdbx_struct_oper_list.matrix[1][1]         1.0000000000 
_pdbx_struct_oper_list.matrix[1][2]         0.0000000000 
_pdbx_struct_oper_list.matrix[1][3]         0.0000000000 
_pdbx_struct_oper_list.vector[1]            0.0000000000 
_pdbx_struct_oper_list.matrix[2][1]         0.0000000000 
_pdbx_struct_oper_list.matrix[2][2]         1.0000000000 
_pdbx_struct_oper_list.matrix[2][3]         0.0000000000 
_pdbx_struct_oper_list.vector[2]            0.0000000000 
_pdbx_struct_oper_list.matrix[3][1]         0.0000000000 
_pdbx_struct_oper_list.matrix[3][2]         0.0000000000 
_pdbx_struct_oper_list.matrix[3][3]         1.0000000000 
_pdbx_struct_oper_list.vector[3]            0.0000000000 
# 
loop_
_pdbx_audit_revision_history.ordinal 
_pdbx_audit_revision_history.data_content_type 
_pdbx_audit_revision_history.major_revision 
_pdbx_audit_revision_history.minor_revision 
_pdbx_audit_revision_history.revision_date 
1 'Structure model' 1 0 2004-06-29 
2 'Structure model' 1 1 2008-04-30 
3 'Structure model' 1 2 2011-07-13 
4 'Structure model' 1 3 2023-08-23 
# 
_pdbx_audit_revision_details.ordinal             1 
_pdbx_audit_revision_details.revision_ordinal    1 
_pdbx_audit_revision_details.data_content_type   'Structure model' 
_pdbx_audit_revision_details.provider            repository 
_pdbx_audit_revision_details.type                'Initial release' 
_pdbx_audit_revision_details.description         ? 
_pdbx_audit_revision_details.details             ? 
# 
loop_
_pdbx_audit_revision_group.ordinal 
_pdbx_audit_revision_group.revision_ordinal 
_pdbx_audit_revision_group.data_content_type 
_pdbx_audit_revision_group.group 
1 2 'Structure model' 'Version format compliance' 
2 3 'Structure model' 'Non-polymer description'   
3 3 'Structure model' 'Version format compliance' 
4 4 'Structure model' 'Data collection'           
5 4 'Structure model' 'Database references'       
6 4 'Structure model' 'Derived calculations'      
7 4 'Structure model' 'Refinement description'    
# 
loop_
_pdbx_audit_revision_category.ordinal 
_pdbx_audit_revision_category.revision_ordinal 
_pdbx_audit_revision_category.data_content_type 
_pdbx_audit_revision_category.category 
1 4 'Structure model' chem_comp_atom                
2 4 'Structure model' chem_comp_bond                
3 4 'Structure model' database_2                    
4 4 'Structure model' pdbx_initial_refinement_model 
5 4 'Structure model' struct_site                   
# 
loop_
_pdbx_audit_revision_item.ordinal 
_pdbx_audit_revision_item.revision_ordinal 
_pdbx_audit_revision_item.data_content_type 
_pdbx_audit_revision_item.item 
1 4 'Structure model' '_database_2.pdbx_DOI'                
2 4 'Structure model' '_database_2.pdbx_database_accession' 
3 4 'Structure model' '_struct_site.pdbx_auth_asym_id'      
4 4 'Structure model' '_struct_site.pdbx_auth_comp_id'      
5 4 'Structure model' '_struct_site.pdbx_auth_seq_id'       
# 
loop_
_software.name 
_software.classification 
_software.version 
_software.citation_id 
_software.pdbx_ordinal 
DENZO     'data reduction' .      ? 1 
SCALEPACK 'data scaling'   .      ? 2 
MOLREP    phasing          .      ? 3 
REFMAC    refinement       5.1.24 ? 4 
# 
loop_
_pdbx_validate_torsion.id 
_pdbx_validate_torsion.PDB_model_num 
_pdbx_validate_torsion.auth_comp_id 
_pdbx_validate_torsion.auth_asym_id 
_pdbx_validate_torsion.auth_seq_id 
_pdbx_validate_torsion.PDB_ins_code 
_pdbx_validate_torsion.label_alt_id 
_pdbx_validate_torsion.phi 
_pdbx_validate_torsion.psi 
1 1 ASP A 73 ? ? -109.59 -168.32 
2 1 ASP B 73 ? ? -108.66 -167.63 
# 
loop_
_chem_comp_atom.comp_id 
_chem_comp_atom.atom_id 
_chem_comp_atom.type_symbol 
_chem_comp_atom.pdbx_aromatic_flag 
_chem_comp_atom.pdbx_stereo_config 
_chem_comp_atom.pdbx_ordinal 
ACY C    C N N 1   
ACY O    O N N 2   
ACY OXT  O N N 3   
ACY CH3  C N N 4   
ACY HXT  H N N 5   
ACY H1   H N N 6   
ACY H2   H N N 7   
ACY H3   H N N 8   
ALA N    N N N 9   
ALA CA   C N S 10  
ALA C    C N N 11  
ALA O    O N N 12  
ALA CB   C N N 13  
ALA OXT  O N N 14  
ALA H    H N N 15  
ALA H2   H N N 16  
ALA HA   H N N 17  
ALA HB1  H N N 18  
ALA HB2  H N N 19  
ALA HB3  H N N 20  
ALA HXT  H N N 21  
ARG N    N N N 22  
ARG CA   C N S 23  
ARG C    C N N 24  
ARG O    O N N 25  
ARG CB   C N N 26  
ARG CG   C N N 27  
ARG CD   C N N 28  
ARG NE   N N N 29  
ARG CZ   C N N 30  
ARG NH1  N N N 31  
ARG NH2  N N N 32  
ARG OXT  O N N 33  
ARG H    H N N 34  
ARG H2   H N N 35  
ARG HA   H N N 36  
ARG HB2  H N N 37  
ARG HB3  H N N 38  
ARG HG2  H N N 39  
ARG HG3  H N N 40  
ARG HD2  H N N 41  
ARG HD3  H N N 42  
ARG HE   H N N 43  
ARG HH11 H N N 44  
ARG HH12 H N N 45  
ARG HH21 H N N 46  
ARG HH22 H N N 47  
ARG HXT  H N N 48  
ASN N    N N N 49  
ASN CA   C N S 50  
ASN C    C N N 51  
ASN O    O N N 52  
ASN CB   C N N 53  
ASN CG   C N N 54  
ASN OD1  O N N 55  
ASN ND2  N N N 56  
ASN OXT  O N N 57  
ASN H    H N N 58  
ASN H2   H N N 59  
ASN HA   H N N 60  
ASN HB2  H N N 61  
ASN HB3  H N N 62  
ASN HD21 H N N 63  
ASN HD22 H N N 64  
ASN HXT  H N N 65  
ASP N    N N N 66  
ASP CA   C N S 67  
ASP C    C N N 68  
ASP O    O N N 69  
ASP CB   C N N 70  
ASP CG   C N N 71  
ASP OD1  O N N 72  
ASP OD2  O N N 73  
ASP OXT  O N N 74  
ASP H    H N N 75  
ASP H2   H N N 76  
ASP HA   H N N 77  
ASP HB2  H N N 78  
ASP HB3  H N N 79  
ASP HD2  H N N 80  
ASP HXT  H N N 81  
CYS N    N N N 82  
CYS CA   C N R 83  
CYS C    C N N 84  
CYS O    O N N 85  
CYS CB   C N N 86  
CYS SG   S N N 87  
CYS OXT  O N N 88  
CYS H    H N N 89  
CYS H2   H N N 90  
CYS HA   H N N 91  
CYS HB2  H N N 92  
CYS HB3  H N N 93  
CYS HG   H N N 94  
CYS HXT  H N N 95  
GLN N    N N N 96  
GLN CA   C N S 97  
GLN C    C N N 98  
GLN O    O N N 99  
GLN CB   C N N 100 
GLN CG   C N N 101 
GLN CD   C N N 102 
GLN OE1  O N N 103 
GLN NE2  N N N 104 
GLN OXT  O N N 105 
GLN H    H N N 106 
GLN H2   H N N 107 
GLN HA   H N N 108 
GLN HB2  H N N 109 
GLN HB3  H N N 110 
GLN HG2  H N N 111 
GLN HG3  H N N 112 
GLN HE21 H N N 113 
GLN HE22 H N N 114 
GLN HXT  H N N 115 
GLU N    N N N 116 
GLU CA   C N S 117 
GLU C    C N N 118 
GLU O    O N N 119 
GLU CB   C N N 120 
GLU CG   C N N 121 
GLU CD   C N N 122 
GLU OE1  O N N 123 
GLU OE2  O N N 124 
GLU OXT  O N N 125 
GLU H    H N N 126 
GLU H2   H N N 127 
GLU HA   H N N 128 
GLU HB2  H N N 129 
GLU HB3  H N N 130 
GLU HG2  H N N 131 
GLU HG3  H N N 132 
GLU HE2  H N N 133 
GLU HXT  H N N 134 
GLY N    N N N 135 
GLY CA   C N N 136 
GLY C    C N N 137 
GLY O    O N N 138 
GLY OXT  O N N 139 
GLY H    H N N 140 
GLY H2   H N N 141 
GLY HA2  H N N 142 
GLY HA3  H N N 143 
GLY HXT  H N N 144 
GOL C1   C N N 145 
GOL O1   O N N 146 
GOL C2   C N N 147 
GOL O2   O N N 148 
GOL C3   C N N 149 
GOL O3   O N N 150 
GOL H11  H N N 151 
GOL H12  H N N 152 
GOL HO1  H N N 153 
GOL H2   H N N 154 
GOL HO2  H N N 155 
GOL H31  H N N 156 
GOL H32  H N N 157 
GOL HO3  H N N 158 
HIS N    N N N 159 
HIS CA   C N S 160 
HIS C    C N N 161 
HIS O    O N N 162 
HIS CB   C N N 163 
HIS CG   C Y N 164 
HIS ND1  N Y N 165 
HIS CD2  C Y N 166 
HIS CE1  C Y N 167 
HIS NE2  N Y N 168 
HIS OXT  O N N 169 
HIS H    H N N 170 
HIS H2   H N N 171 
HIS HA   H N N 172 
HIS HB2  H N N 173 
HIS HB3  H N N 174 
HIS HD1  H N N 175 
HIS HD2  H N N 176 
HIS HE1  H N N 177 
HIS HE2  H N N 178 
HIS HXT  H N N 179 
HOH O    O N N 180 
HOH H1   H N N 181 
HOH H2   H N N 182 
ILE N    N N N 183 
ILE CA   C N S 184 
ILE C    C N N 185 
ILE O    O N N 186 
ILE CB   C N S 187 
ILE CG1  C N N 188 
ILE CG2  C N N 189 
ILE CD1  C N N 190 
ILE OXT  O N N 191 
ILE H    H N N 192 
ILE H2   H N N 193 
ILE HA   H N N 194 
ILE HB   H N N 195 
ILE HG12 H N N 196 
ILE HG13 H N N 197 
ILE HG21 H N N 198 
ILE HG22 H N N 199 
ILE HG23 H N N 200 
ILE HD11 H N N 201 
ILE HD12 H N N 202 
ILE HD13 H N N 203 
ILE HXT  H N N 204 
LEU N    N N N 205 
LEU CA   C N S 206 
LEU C    C N N 207 
LEU O    O N N 208 
LEU CB   C N N 209 
LEU CG   C N N 210 
LEU CD1  C N N 211 
LEU CD2  C N N 212 
LEU OXT  O N N 213 
LEU H    H N N 214 
LEU H2   H N N 215 
LEU HA   H N N 216 
LEU HB2  H N N 217 
LEU HB3  H N N 218 
LEU HG   H N N 219 
LEU HD11 H N N 220 
LEU HD12 H N N 221 
LEU HD13 H N N 222 
LEU HD21 H N N 223 
LEU HD22 H N N 224 
LEU HD23 H N N 225 
LEU HXT  H N N 226 
LYS N    N N N 227 
LYS CA   C N S 228 
LYS C    C N N 229 
LYS O    O N N 230 
LYS CB   C N N 231 
LYS CG   C N N 232 
LYS CD   C N N 233 
LYS CE   C N N 234 
LYS NZ   N N N 235 
LYS OXT  O N N 236 
LYS H    H N N 237 
LYS H2   H N N 238 
LYS HA   H N N 239 
LYS HB2  H N N 240 
LYS HB3  H N N 241 
LYS HG2  H N N 242 
LYS HG3  H N N 243 
LYS HD2  H N N 244 
LYS HD3  H N N 245 
LYS HE2  H N N 246 
LYS HE3  H N N 247 
LYS HZ1  H N N 248 
LYS HZ2  H N N 249 
LYS HZ3  H N N 250 
LYS HXT  H N N 251 
MET N    N N N 252 
MET CA   C N S 253 
MET C    C N N 254 
MET O    O N N 255 
MET CB   C N N 256 
MET CG   C N N 257 
MET SD   S N N 258 
MET CE   C N N 259 
MET OXT  O N N 260 
MET H    H N N 261 
MET H2   H N N 262 
MET HA   H N N 263 
MET HB2  H N N 264 
MET HB3  H N N 265 
MET HG2  H N N 266 
MET HG3  H N N 267 
MET HE1  H N N 268 
MET HE2  H N N 269 
MET HE3  H N N 270 
MET HXT  H N N 271 
PHE N    N N N 272 
PHE CA   C N S 273 
PHE C    C N N 274 
PHE O    O N N 275 
PHE CB   C N N 276 
PHE CG   C Y N 277 
PHE CD1  C Y N 278 
PHE CD2  C Y N 279 
PHE CE1  C Y N 280 
PHE CE2  C Y N 281 
PHE CZ   C Y N 282 
PHE OXT  O N N 283 
PHE H    H N N 284 
PHE H2   H N N 285 
PHE HA   H N N 286 
PHE HB2  H N N 287 
PHE HB3  H N N 288 
PHE HD1  H N N 289 
PHE HD2  H N N 290 
PHE HE1  H N N 291 
PHE HE2  H N N 292 
PHE HZ   H N N 293 
PHE HXT  H N N 294 
PRO N    N N N 295 
PRO CA   C N S 296 
PRO C    C N N 297 
PRO O    O N N 298 
PRO CB   C N N 299 
PRO CG   C N N 300 
PRO CD   C N N 301 
PRO OXT  O N N 302 
PRO H    H N N 303 
PRO HA   H N N 304 
PRO HB2  H N N 305 
PRO HB3  H N N 306 
PRO HG2  H N N 307 
PRO HG3  H N N 308 
PRO HD2  H N N 309 
PRO HD3  H N N 310 
PRO HXT  H N N 311 
SER N    N N N 312 
SER CA   C N S 313 
SER C    C N N 314 
SER O    O N N 315 
SER CB   C N N 316 
SER OG   O N N 317 
SER OXT  O N N 318 
SER H    H N N 319 
SER H2   H N N 320 
SER HA   H N N 321 
SER HB2  H N N 322 
SER HB3  H N N 323 
SER HG   H N N 324 
SER HXT  H N N 325 
SO4 S    S N N 326 
SO4 O1   O N N 327 
SO4 O2   O N N 328 
SO4 O3   O N N 329 
SO4 O4   O N N 330 
THR N    N N N 331 
THR CA   C N S 332 
THR C    C N N 333 
THR O    O N N 334 
THR CB   C N R 335 
THR OG1  O N N 336 
THR CG2  C N N 337 
THR OXT  O N N 338 
THR H    H N N 339 
THR H2   H N N 340 
THR HA   H N N 341 
THR HB   H N N 342 
THR HG1  H N N 343 
THR HG21 H N N 344 
THR HG22 H N N 345 
THR HG23 H N N 346 
THR HXT  H N N 347 
TYR N    N N N 348 
TYR CA   C N S 349 
TYR C    C N N 350 
TYR O    O N N 351 
TYR CB   C N N 352 
TYR CG   C Y N 353 
TYR CD1  C Y N 354 
TYR CD2  C Y N 355 
TYR CE1  C Y N 356 
TYR CE2  C Y N 357 
TYR CZ   C Y N 358 
TYR OH   O N N 359 
TYR OXT  O N N 360 
TYR H    H N N 361 
TYR H2   H N N 362 
TYR HA   H N N 363 
TYR HB2  H N N 364 
TYR HB3  H N N 365 
TYR HD1  H N N 366 
TYR HD2  H N N 367 
TYR HE1  H N N 368 
TYR HE2  H N N 369 
TYR HH   H N N 370 
TYR HXT  H N N 371 
VAL N    N N N 372 
VAL CA   C N S 373 
VAL C    C N N 374 
VAL O    O N N 375 
VAL CB   C N N 376 
VAL CG1  C N N 377 
VAL CG2  C N N 378 
VAL OXT  O N N 379 
VAL H    H N N 380 
VAL H2   H N N 381 
VAL HA   H N N 382 
VAL HB   H N N 383 
VAL HG11 H N N 384 
VAL HG12 H N N 385 
VAL HG13 H N N 386 
VAL HG21 H N N 387 
VAL HG22 H N N 388 
VAL HG23 H N N 389 
VAL HXT  H N N 390 
# 
loop_
_chem_comp_bond.comp_id 
_chem_comp_bond.atom_id_1 
_chem_comp_bond.atom_id_2 
_chem_comp_bond.value_order 
_chem_comp_bond.pdbx_aromatic_flag 
_chem_comp_bond.pdbx_stereo_config 
_chem_comp_bond.pdbx_ordinal 
ACY C   O    doub N N 1   
ACY C   OXT  sing N N 2   
ACY C   CH3  sing N N 3   
ACY OXT HXT  sing N N 4   
ACY CH3 H1   sing N N 5   
ACY CH3 H2   sing N N 6   
ACY CH3 H3   sing N N 7   
ALA N   CA   sing N N 8   
ALA N   H    sing N N 9   
ALA N   H2   sing N N 10  
ALA CA  C    sing N N 11  
ALA CA  CB   sing N N 12  
ALA CA  HA   sing N N 13  
ALA C   O    doub N N 14  
ALA C   OXT  sing N N 15  
ALA CB  HB1  sing N N 16  
ALA CB  HB2  sing N N 17  
ALA CB  HB3  sing N N 18  
ALA OXT HXT  sing N N 19  
ARG N   CA   sing N N 20  
ARG N   H    sing N N 21  
ARG N   H2   sing N N 22  
ARG CA  C    sing N N 23  
ARG CA  CB   sing N N 24  
ARG CA  HA   sing N N 25  
ARG C   O    doub N N 26  
ARG C   OXT  sing N N 27  
ARG CB  CG   sing N N 28  
ARG CB  HB2  sing N N 29  
ARG CB  HB3  sing N N 30  
ARG CG  CD   sing N N 31  
ARG CG  HG2  sing N N 32  
ARG CG  HG3  sing N N 33  
ARG CD  NE   sing N N 34  
ARG CD  HD2  sing N N 35  
ARG CD  HD3  sing N N 36  
ARG NE  CZ   sing N N 37  
ARG NE  HE   sing N N 38  
ARG CZ  NH1  sing N N 39  
ARG CZ  NH2  doub N N 40  
ARG NH1 HH11 sing N N 41  
ARG NH1 HH12 sing N N 42  
ARG NH2 HH21 sing N N 43  
ARG NH2 HH22 sing N N 44  
ARG OXT HXT  sing N N 45  
ASN N   CA   sing N N 46  
ASN N   H    sing N N 47  
ASN N   H2   sing N N 48  
ASN CA  C    sing N N 49  
ASN CA  CB   sing N N 50  
ASN CA  HA   sing N N 51  
ASN C   O    doub N N 52  
ASN C   OXT  sing N N 53  
ASN CB  CG   sing N N 54  
ASN CB  HB2  sing N N 55  
ASN CB  HB3  sing N N 56  
ASN CG  OD1  doub N N 57  
ASN CG  ND2  sing N N 58  
ASN ND2 HD21 sing N N 59  
ASN ND2 HD22 sing N N 60  
ASN OXT HXT  sing N N 61  
ASP N   CA   sing N N 62  
ASP N   H    sing N N 63  
ASP N   H2   sing N N 64  
ASP CA  C    sing N N 65  
ASP CA  CB   sing N N 66  
ASP CA  HA   sing N N 67  
ASP C   O    doub N N 68  
ASP C   OXT  sing N N 69  
ASP CB  CG   sing N N 70  
ASP CB  HB2  sing N N 71  
ASP CB  HB3  sing N N 72  
ASP CG  OD1  doub N N 73  
ASP CG  OD2  sing N N 74  
ASP OD2 HD2  sing N N 75  
ASP OXT HXT  sing N N 76  
CYS N   CA   sing N N 77  
CYS N   H    sing N N 78  
CYS N   H2   sing N N 79  
CYS CA  C    sing N N 80  
CYS CA  CB   sing N N 81  
CYS CA  HA   sing N N 82  
CYS C   O    doub N N 83  
CYS C   OXT  sing N N 84  
CYS CB  SG   sing N N 85  
CYS CB  HB2  sing N N 86  
CYS CB  HB3  sing N N 87  
CYS SG  HG   sing N N 88  
CYS OXT HXT  sing N N 89  
GLN N   CA   sing N N 90  
GLN N   H    sing N N 91  
GLN N   H2   sing N N 92  
GLN CA  C    sing N N 93  
GLN CA  CB   sing N N 94  
GLN CA  HA   sing N N 95  
GLN C   O    doub N N 96  
GLN C   OXT  sing N N 97  
GLN CB  CG   sing N N 98  
GLN CB  HB2  sing N N 99  
GLN CB  HB3  sing N N 100 
GLN CG  CD   sing N N 101 
GLN CG  HG2  sing N N 102 
GLN CG  HG3  sing N N 103 
GLN CD  OE1  doub N N 104 
GLN CD  NE2  sing N N 105 
GLN NE2 HE21 sing N N 106 
GLN NE2 HE22 sing N N 107 
GLN OXT HXT  sing N N 108 
GLU N   CA   sing N N 109 
GLU N   H    sing N N 110 
GLU N   H2   sing N N 111 
GLU CA  C    sing N N 112 
GLU CA  CB   sing N N 113 
GLU CA  HA   sing N N 114 
GLU C   O    doub N N 115 
GLU C   OXT  sing N N 116 
GLU CB  CG   sing N N 117 
GLU CB  HB2  sing N N 118 
GLU CB  HB3  sing N N 119 
GLU CG  CD   sing N N 120 
GLU CG  HG2  sing N N 121 
GLU CG  HG3  sing N N 122 
GLU CD  OE1  doub N N 123 
GLU CD  OE2  sing N N 124 
GLU OE2 HE2  sing N N 125 
GLU OXT HXT  sing N N 126 
GLY N   CA   sing N N 127 
GLY N   H    sing N N 128 
GLY N   H2   sing N N 129 
GLY CA  C    sing N N 130 
GLY CA  HA2  sing N N 131 
GLY CA  HA3  sing N N 132 
GLY C   O    doub N N 133 
GLY C   OXT  sing N N 134 
GLY OXT HXT  sing N N 135 
GOL C1  O1   sing N N 136 
GOL C1  C2   sing N N 137 
GOL C1  H11  sing N N 138 
GOL C1  H12  sing N N 139 
GOL O1  HO1  sing N N 140 
GOL C2  O2   sing N N 141 
GOL C2  C3   sing N N 142 
GOL C2  H2   sing N N 143 
GOL O2  HO2  sing N N 144 
GOL C3  O3   sing N N 145 
GOL C3  H31  sing N N 146 
GOL C3  H32  sing N N 147 
GOL O3  HO3  sing N N 148 
HIS N   CA   sing N N 149 
HIS N   H    sing N N 150 
HIS N   H2   sing N N 151 
HIS CA  C    sing N N 152 
HIS CA  CB   sing N N 153 
HIS CA  HA   sing N N 154 
HIS C   O    doub N N 155 
HIS C   OXT  sing N N 156 
HIS CB  CG   sing N N 157 
HIS CB  HB2  sing N N 158 
HIS CB  HB3  sing N N 159 
HIS CG  ND1  sing Y N 160 
HIS CG  CD2  doub Y N 161 
HIS ND1 CE1  doub Y N 162 
HIS ND1 HD1  sing N N 163 
HIS CD2 NE2  sing Y N 164 
HIS CD2 HD2  sing N N 165 
HIS CE1 NE2  sing Y N 166 
HIS CE1 HE1  sing N N 167 
HIS NE2 HE2  sing N N 168 
HIS OXT HXT  sing N N 169 
HOH O   H1   sing N N 170 
HOH O   H2   sing N N 171 
ILE N   CA   sing N N 172 
ILE N   H    sing N N 173 
ILE N   H2   sing N N 174 
ILE CA  C    sing N N 175 
ILE CA  CB   sing N N 176 
ILE CA  HA   sing N N 177 
ILE C   O    doub N N 178 
ILE C   OXT  sing N N 179 
ILE CB  CG1  sing N N 180 
ILE CB  CG2  sing N N 181 
ILE CB  HB   sing N N 182 
ILE CG1 CD1  sing N N 183 
ILE CG1 HG12 sing N N 184 
ILE CG1 HG13 sing N N 185 
ILE CG2 HG21 sing N N 186 
ILE CG2 HG22 sing N N 187 
ILE CG2 HG23 sing N N 188 
ILE CD1 HD11 sing N N 189 
ILE CD1 HD12 sing N N 190 
ILE CD1 HD13 sing N N 191 
ILE OXT HXT  sing N N 192 
LEU N   CA   sing N N 193 
LEU N   H    sing N N 194 
LEU N   H2   sing N N 195 
LEU CA  C    sing N N 196 
LEU CA  CB   sing N N 197 
LEU CA  HA   sing N N 198 
LEU C   O    doub N N 199 
LEU C   OXT  sing N N 200 
LEU CB  CG   sing N N 201 
LEU CB  HB2  sing N N 202 
LEU CB  HB3  sing N N 203 
LEU CG  CD1  sing N N 204 
LEU CG  CD2  sing N N 205 
LEU CG  HG   sing N N 206 
LEU CD1 HD11 sing N N 207 
LEU CD1 HD12 sing N N 208 
LEU CD1 HD13 sing N N 209 
LEU CD2 HD21 sing N N 210 
LEU CD2 HD22 sing N N 211 
LEU CD2 HD23 sing N N 212 
LEU OXT HXT  sing N N 213 
LYS N   CA   sing N N 214 
LYS N   H    sing N N 215 
LYS N   H2   sing N N 216 
LYS CA  C    sing N N 217 
LYS CA  CB   sing N N 218 
LYS CA  HA   sing N N 219 
LYS C   O    doub N N 220 
LYS C   OXT  sing N N 221 
LYS CB  CG   sing N N 222 
LYS CB  HB2  sing N N 223 
LYS CB  HB3  sing N N 224 
LYS CG  CD   sing N N 225 
LYS CG  HG2  sing N N 226 
LYS CG  HG3  sing N N 227 
LYS CD  CE   sing N N 228 
LYS CD  HD2  sing N N 229 
LYS CD  HD3  sing N N 230 
LYS CE  NZ   sing N N 231 
LYS CE  HE2  sing N N 232 
LYS CE  HE3  sing N N 233 
LYS NZ  HZ1  sing N N 234 
LYS NZ  HZ2  sing N N 235 
LYS NZ  HZ3  sing N N 236 
LYS OXT HXT  sing N N 237 
MET N   CA   sing N N 238 
MET N   H    sing N N 239 
MET N   H2   sing N N 240 
MET CA  C    sing N N 241 
MET CA  CB   sing N N 242 
MET CA  HA   sing N N 243 
MET C   O    doub N N 244 
MET C   OXT  sing N N 245 
MET CB  CG   sing N N 246 
MET CB  HB2  sing N N 247 
MET CB  HB3  sing N N 248 
MET CG  SD   sing N N 249 
MET CG  HG2  sing N N 250 
MET CG  HG3  sing N N 251 
MET SD  CE   sing N N 252 
MET CE  HE1  sing N N 253 
MET CE  HE2  sing N N 254 
MET CE  HE3  sing N N 255 
MET OXT HXT  sing N N 256 
PHE N   CA   sing N N 257 
PHE N   H    sing N N 258 
PHE N   H2   sing N N 259 
PHE CA  C    sing N N 260 
PHE CA  CB   sing N N 261 
PHE CA  HA   sing N N 262 
PHE C   O    doub N N 263 
PHE C   OXT  sing N N 264 
PHE CB  CG   sing N N 265 
PHE CB  HB2  sing N N 266 
PHE CB  HB3  sing N N 267 
PHE CG  CD1  doub Y N 268 
PHE CG  CD2  sing Y N 269 
PHE CD1 CE1  sing Y N 270 
PHE CD1 HD1  sing N N 271 
PHE CD2 CE2  doub Y N 272 
PHE CD2 HD2  sing N N 273 
PHE CE1 CZ   doub Y N 274 
PHE CE1 HE1  sing N N 275 
PHE CE2 CZ   sing Y N 276 
PHE CE2 HE2  sing N N 277 
PHE CZ  HZ   sing N N 278 
PHE OXT HXT  sing N N 279 
PRO N   CA   sing N N 280 
PRO N   CD   sing N N 281 
PRO N   H    sing N N 282 
PRO CA  C    sing N N 283 
PRO CA  CB   sing N N 284 
PRO CA  HA   sing N N 285 
PRO C   O    doub N N 286 
PRO C   OXT  sing N N 287 
PRO CB  CG   sing N N 288 
PRO CB  HB2  sing N N 289 
PRO CB  HB3  sing N N 290 
PRO CG  CD   sing N N 291 
PRO CG  HG2  sing N N 292 
PRO CG  HG3  sing N N 293 
PRO CD  HD2  sing N N 294 
PRO CD  HD3  sing N N 295 
PRO OXT HXT  sing N N 296 
SER N   CA   sing N N 297 
SER N   H    sing N N 298 
SER N   H2   sing N N 299 
SER CA  C    sing N N 300 
SER CA  CB   sing N N 301 
SER CA  HA   sing N N 302 
SER C   O    doub N N 303 
SER C   OXT  sing N N 304 
SER CB  OG   sing N N 305 
SER CB  HB2  sing N N 306 
SER CB  HB3  sing N N 307 
SER OG  HG   sing N N 308 
SER OXT HXT  sing N N 309 
SO4 S   O1   doub N N 310 
SO4 S   O2   doub N N 311 
SO4 S   O3   sing N N 312 
SO4 S   O4   sing N N 313 
THR N   CA   sing N N 314 
THR N   H    sing N N 315 
THR N   H2   sing N N 316 
THR CA  C    sing N N 317 
THR CA  CB   sing N N 318 
THR CA  HA   sing N N 319 
THR C   O    doub N N 320 
THR C   OXT  sing N N 321 
THR CB  OG1  sing N N 322 
THR CB  CG2  sing N N 323 
THR CB  HB   sing N N 324 
THR OG1 HG1  sing N N 325 
THR CG2 HG21 sing N N 326 
THR CG2 HG22 sing N N 327 
THR CG2 HG23 sing N N 328 
THR OXT HXT  sing N N 329 
TYR N   CA   sing N N 330 
TYR N   H    sing N N 331 
TYR N   H2   sing N N 332 
TYR CA  C    sing N N 333 
TYR CA  CB   sing N N 334 
TYR CA  HA   sing N N 335 
TYR C   O    doub N N 336 
TYR C   OXT  sing N N 337 
TYR CB  CG   sing N N 338 
TYR CB  HB2  sing N N 339 
TYR CB  HB3  sing N N 340 
TYR CG  CD1  doub Y N 341 
TYR CG  CD2  sing Y N 342 
TYR CD1 CE1  sing Y N 343 
TYR CD1 HD1  sing N N 344 
TYR CD2 CE2  doub Y N 345 
TYR CD2 HD2  sing N N 346 
TYR CE1 CZ   doub Y N 347 
TYR CE1 HE1  sing N N 348 
TYR CE2 CZ   sing Y N 349 
TYR CE2 HE2  sing N N 350 
TYR CZ  OH   sing N N 351 
TYR OH  HH   sing N N 352 
TYR OXT HXT  sing N N 353 
VAL N   CA   sing N N 354 
VAL N   H    sing N N 355 
VAL N   H2   sing N N 356 
VAL CA  C    sing N N 357 
VAL CA  CB   sing N N 358 
VAL CA  HA   sing N N 359 
VAL C   O    doub N N 360 
VAL C   OXT  sing N N 361 
VAL CB  CG1  sing N N 362 
VAL CB  CG2  sing N N 363 
VAL CB  HB   sing N N 364 
VAL CG1 HG11 sing N N 365 
VAL CG1 HG12 sing N N 366 
VAL CG1 HG13 sing N N 367 
VAL CG2 HG21 sing N N 368 
VAL CG2 HG22 sing N N 369 
VAL CG2 HG23 sing N N 370 
VAL OXT HXT  sing N N 371 
# 
loop_
_pdbx_entity_nonpoly.entity_id 
_pdbx_entity_nonpoly.name 
_pdbx_entity_nonpoly.comp_id 
2 GLYCEROL      GOL 
3 'SULFATE ION' SO4 
4 'ACETIC ACID' ACY 
5 water         HOH 
# 
_pdbx_initial_refinement_model.id               1 
_pdbx_initial_refinement_model.entity_id_list   ? 
_pdbx_initial_refinement_model.type             'experimental model' 
_pdbx_initial_refinement_model.source_name      PDB 
_pdbx_initial_refinement_model.accession_code   1J0F 
_pdbx_initial_refinement_model.details          'PDB ENTRY 1J0F' 
# 
